data_1X2P
#
_entry.id   1X2P
#
_entity_poly.entity_id   1
_entity_poly.type   'polypeptide(L)'
_entity_poly.pdbx_seq_one_letter_code
;GSSGSSGEEFVAIADYAATDETQLSFLRGEKILILRQTTADWWWGERAGCCGYIPANHVGKHSGPSSG
;
_entity_poly.pdbx_strand_id   A
#
# COMPACT_ATOMS: atom_id res chain seq x y z
N GLY A 1 8.31 10.05 18.01
CA GLY A 1 8.29 8.79 17.30
C GLY A 1 7.93 8.99 15.83
N SER A 2 6.98 8.19 15.37
CA SER A 2 6.53 8.28 13.99
C SER A 2 5.01 8.12 13.92
N SER A 3 4.33 9.25 13.91
CA SER A 3 2.88 9.26 13.84
C SER A 3 2.41 9.55 12.42
N GLY A 4 1.35 8.88 12.02
CA GLY A 4 0.79 9.06 10.69
C GLY A 4 -0.06 10.32 10.61
N SER A 5 -0.10 10.91 9.43
CA SER A 5 -0.87 12.11 9.21
C SER A 5 -1.77 11.95 7.99
N SER A 6 -2.94 11.38 8.23
CA SER A 6 -3.91 11.16 7.17
C SER A 6 -3.33 10.17 6.14
N GLY A 7 -3.90 8.97 6.14
CA GLY A 7 -3.46 7.93 5.23
C GLY A 7 -4.50 6.82 5.10
N GLU A 8 -4.27 5.94 4.14
CA GLU A 8 -5.19 4.83 3.92
C GLU A 8 -4.47 3.50 4.15
N GLU A 9 -4.97 2.77 5.14
CA GLU A 9 -4.39 1.48 5.48
C GLU A 9 -4.97 0.39 4.57
N PHE A 10 -4.06 -0.32 3.91
CA PHE A 10 -4.46 -1.38 3.01
C PHE A 10 -3.61 -2.64 3.23
N VAL A 11 -4.06 -3.73 2.64
CA VAL A 11 -3.36 -4.99 2.77
C VAL A 11 -3.02 -5.52 1.37
N ALA A 12 -1.81 -6.04 1.25
CA ALA A 12 -1.35 -6.58 -0.02
C ALA A 12 -2.06 -7.90 -0.29
N ILE A 13 -2.80 -7.93 -1.38
CA ILE A 13 -3.53 -9.13 -1.77
C ILE A 13 -2.54 -10.20 -2.24
N ALA A 14 -1.29 -9.79 -2.35
CA ALA A 14 -0.25 -10.70 -2.78
C ALA A 14 1.11 -10.01 -2.66
N ASP A 15 2.10 -10.78 -2.24
CA ASP A 15 3.45 -10.26 -2.08
C ASP A 15 3.92 -9.68 -3.41
N TYR A 16 4.53 -8.50 -3.33
CA TYR A 16 5.03 -7.83 -4.52
C TYR A 16 6.51 -7.47 -4.36
N ALA A 17 7.16 -7.23 -5.49
CA ALA A 17 8.56 -6.87 -5.49
C ALA A 17 8.78 -5.69 -6.42
N ALA A 18 9.13 -4.56 -5.82
CA ALA A 18 9.38 -3.35 -6.59
C ALA A 18 10.40 -3.65 -7.69
N THR A 19 10.02 -3.29 -8.91
CA THR A 19 10.89 -3.52 -10.05
C THR A 19 11.85 -2.34 -10.23
N ASP A 20 11.44 -1.20 -9.68
CA ASP A 20 12.25 0.01 -9.77
C ASP A 20 12.63 0.47 -8.36
N GLU A 21 13.44 1.51 -8.32
CA GLU A 21 13.89 2.06 -7.04
C GLU A 21 12.93 3.16 -6.58
N THR A 22 11.74 3.15 -7.16
CA THR A 22 10.72 4.13 -6.83
C THR A 22 9.43 3.44 -6.40
N GLN A 23 9.55 2.15 -6.14
CA GLN A 23 8.39 1.36 -5.72
C GLN A 23 8.63 0.77 -4.33
N LEU A 24 7.54 0.38 -3.70
CA LEU A 24 7.61 -0.20 -2.37
C LEU A 24 7.32 -1.70 -2.45
N SER A 25 8.08 -2.45 -1.68
CA SER A 25 7.94 -3.90 -1.67
C SER A 25 7.35 -4.34 -0.33
N PHE A 26 6.30 -5.16 -0.41
CA PHE A 26 5.64 -5.65 0.79
C PHE A 26 5.21 -7.11 0.60
N LEU A 27 4.69 -7.68 1.67
CA LEU A 27 4.24 -9.06 1.64
C LEU A 27 2.73 -9.11 1.92
N ARG A 28 2.06 -10.03 1.22
CA ARG A 28 0.63 -10.19 1.38
C ARG A 28 0.23 -10.06 2.85
N GLY A 29 -0.65 -9.11 3.11
CA GLY A 29 -1.12 -8.87 4.48
C GLY A 29 -0.49 -7.61 5.05
N GLU A 30 0.73 -7.33 4.62
CA GLU A 30 1.44 -6.15 5.09
C GLU A 30 0.53 -4.92 5.03
N LYS A 31 0.54 -4.17 6.11
CA LYS A 31 -0.28 -2.96 6.20
C LYS A 31 0.39 -1.84 5.40
N ILE A 32 -0.10 -1.65 4.19
CA ILE A 32 0.43 -0.62 3.31
C ILE A 32 -0.37 0.66 3.50
N LEU A 33 0.36 1.76 3.63
CA LEU A 33 -0.26 3.06 3.81
C LEU A 33 -0.38 3.76 2.46
N ILE A 34 -1.62 4.02 2.06
CA ILE A 34 -1.89 4.68 0.80
C ILE A 34 -1.98 6.20 1.03
N LEU A 35 -0.81 6.80 1.17
CA LEU A 35 -0.74 8.24 1.40
C LEU A 35 -1.68 8.95 0.41
N ARG A 36 -1.30 8.89 -0.86
CA ARG A 36 -2.10 9.51 -1.91
C ARG A 36 -2.37 8.51 -3.03
N GLN A 37 -3.44 8.78 -3.77
CA GLN A 37 -3.83 7.92 -4.86
C GLN A 37 -3.27 8.46 -6.18
N THR A 38 -3.55 9.73 -6.44
CA THR A 38 -3.08 10.37 -7.66
C THR A 38 -3.77 9.78 -8.88
N THR A 39 -3.44 8.52 -9.14
CA THR A 39 -4.02 7.81 -10.27
C THR A 39 -4.78 6.57 -9.81
N ALA A 40 -5.63 6.07 -10.69
CA ALA A 40 -6.44 4.90 -10.37
C ALA A 40 -5.64 3.64 -10.76
N ASP A 41 -4.40 3.86 -11.15
CA ASP A 41 -3.53 2.76 -11.54
C ASP A 41 -2.30 2.74 -10.65
N TRP A 42 -1.76 3.93 -10.40
CA TRP A 42 -0.58 4.06 -9.57
C TRP A 42 -0.97 4.85 -8.31
N TRP A 43 -0.65 4.28 -7.17
CA TRP A 43 -0.95 4.93 -5.90
C TRP A 43 0.37 5.31 -5.23
N TRP A 44 0.29 6.28 -4.33
CA TRP A 44 1.46 6.75 -3.62
C TRP A 44 1.40 6.20 -2.19
N GLY A 45 2.28 5.24 -1.92
CA GLY A 45 2.34 4.62 -0.61
C GLY A 45 3.54 5.13 0.19
N GLU A 46 3.60 4.70 1.44
CA GLU A 46 4.69 5.10 2.31
C GLU A 46 5.12 3.94 3.21
N ARG A 47 6.38 3.55 3.09
CA ARG A 47 6.91 2.46 3.89
C ARG A 47 7.52 2.99 5.18
N ALA A 48 8.16 2.09 5.91
CA ALA A 48 8.79 2.46 7.16
C ALA A 48 9.92 3.46 6.89
N GLY A 49 9.63 4.71 7.19
CA GLY A 49 10.60 5.78 6.97
C GLY A 49 10.96 5.91 5.50
N CYS A 50 10.20 5.19 4.67
CA CYS A 50 10.43 5.22 3.23
C CYS A 50 9.21 5.87 2.57
N CYS A 51 9.41 6.29 1.33
CA CYS A 51 8.34 6.92 0.57
C CYS A 51 8.54 6.58 -0.91
N GLY A 52 7.60 5.80 -1.42
CA GLY A 52 7.64 5.41 -2.82
C GLY A 52 6.23 5.23 -3.40
N TYR A 53 6.19 4.84 -4.65
CA TYR A 53 4.93 4.64 -5.33
C TYR A 53 4.53 3.16 -5.33
N ILE A 54 3.23 2.92 -5.32
CA ILE A 54 2.71 1.56 -5.32
C ILE A 54 1.62 1.44 -6.39
N PRO A 55 1.51 0.20 -6.93
CA PRO A 55 0.51 -0.07 -7.96
C PRO A 55 -0.89 -0.17 -7.35
N ALA A 56 -1.88 -0.19 -8.23
CA ALA A 56 -3.27 -0.28 -7.79
C ALA A 56 -3.84 -1.63 -8.24
N ASN A 57 -3.62 -2.64 -7.41
CA ASN A 57 -4.12 -3.97 -7.72
C ASN A 57 -3.56 -4.96 -6.69
N HIS A 58 -2.29 -4.74 -6.34
CA HIS A 58 -1.63 -5.60 -5.38
C HIS A 58 -2.22 -5.38 -3.99
N VAL A 59 -2.75 -4.18 -3.80
CA VAL A 59 -3.35 -3.81 -2.53
C VAL A 59 -4.87 -3.64 -2.71
N GLY A 60 -5.59 -3.93 -1.65
CA GLY A 60 -7.05 -3.81 -1.67
C GLY A 60 -7.66 -4.34 -0.38
N LYS A 61 -8.92 -4.75 -0.49
CA LYS A 61 -9.63 -5.28 0.66
C LYS A 61 -9.67 -4.22 1.77
N HIS A 62 -10.29 -4.60 2.88
CA HIS A 62 -10.39 -3.69 4.02
C HIS A 62 -10.24 -4.49 5.32
N SER A 63 -10.02 -3.75 6.40
CA SER A 63 -9.85 -4.37 7.70
C SER A 63 -11.18 -4.35 8.47
N GLY A 64 -11.37 -5.38 9.28
CA GLY A 64 -12.59 -5.49 10.07
C GLY A 64 -12.59 -6.78 10.89
N PRO A 65 -13.81 -7.36 11.06
CA PRO A 65 -13.96 -8.58 11.82
C PRO A 65 -13.46 -9.79 11.01
N SER A 66 -13.05 -10.82 11.74
CA SER A 66 -12.55 -12.03 11.11
C SER A 66 -11.48 -11.68 10.07
N SER A 67 -10.25 -11.58 10.55
CA SER A 67 -9.13 -11.26 9.69
C SER A 67 -8.20 -12.46 9.56
N GLY A 68 -8.57 -13.53 10.25
CA GLY A 68 -7.76 -14.74 10.23
C GLY A 68 -7.20 -15.05 11.62
N GLY A 1 -8.32 20.57 14.02
CA GLY A 1 -8.84 19.26 14.38
C GLY A 1 -9.45 18.55 13.18
N SER A 2 -9.41 17.23 13.22
CA SER A 2 -9.95 16.43 12.13
C SER A 2 -9.23 16.75 10.83
N SER A 3 -9.21 15.78 9.93
CA SER A 3 -8.57 15.95 8.65
C SER A 3 -7.09 16.29 8.85
N GLY A 4 -6.33 16.19 7.76
CA GLY A 4 -4.91 16.49 7.80
C GLY A 4 -4.08 15.29 7.33
N SER A 5 -3.59 14.53 8.31
CA SER A 5 -2.79 13.36 8.02
C SER A 5 -3.43 12.11 8.65
N SER A 6 -3.75 11.17 7.79
CA SER A 6 -4.37 9.93 8.24
C SER A 6 -3.88 8.75 7.39
N GLY A 7 -3.97 8.94 6.08
CA GLY A 7 -3.54 7.90 5.15
C GLY A 7 -4.57 6.79 5.05
N GLU A 8 -4.39 5.94 4.05
CA GLU A 8 -5.30 4.83 3.83
C GLU A 8 -4.57 3.50 4.05
N GLU A 9 -4.97 2.81 5.11
CA GLU A 9 -4.37 1.53 5.43
C GLU A 9 -4.91 0.44 4.51
N PHE A 10 -3.99 -0.29 3.90
CA PHE A 10 -4.36 -1.37 3.00
C PHE A 10 -3.48 -2.60 3.22
N VAL A 11 -3.95 -3.72 2.69
CA VAL A 11 -3.22 -4.98 2.82
C VAL A 11 -2.93 -5.54 1.44
N ALA A 12 -1.72 -6.07 1.29
CA ALA A 12 -1.31 -6.66 0.02
C ALA A 12 -2.06 -7.96 -0.21
N ILE A 13 -2.84 -7.99 -1.29
CA ILE A 13 -3.62 -9.16 -1.62
C ILE A 13 -2.67 -10.30 -2.02
N ALA A 14 -1.45 -9.91 -2.37
CA ALA A 14 -0.45 -10.89 -2.77
C ALA A 14 0.94 -10.24 -2.69
N ASP A 15 1.92 -11.05 -2.33
CA ASP A 15 3.29 -10.58 -2.21
C ASP A 15 3.71 -9.95 -3.54
N TYR A 16 4.45 -8.84 -3.42
CA TYR A 16 4.93 -8.14 -4.60
C TYR A 16 6.42 -7.81 -4.47
N ALA A 17 7.03 -7.57 -5.61
CA ALA A 17 8.45 -7.24 -5.66
C ALA A 17 8.68 -6.08 -6.61
N ALA A 18 9.13 -4.97 -6.05
CA ALA A 18 9.40 -3.77 -6.85
C ALA A 18 10.32 -4.14 -8.01
N THR A 19 9.93 -3.72 -9.19
CA THR A 19 10.70 -3.99 -10.39
C THR A 19 11.66 -2.83 -10.67
N ASP A 20 11.36 -1.69 -10.07
CA ASP A 20 12.17 -0.50 -10.26
C ASP A 20 12.57 0.06 -8.89
N GLU A 21 13.40 1.08 -8.92
CA GLU A 21 13.86 1.71 -7.70
C GLU A 21 12.86 2.79 -7.24
N THR A 22 11.69 2.75 -7.86
CA THR A 22 10.65 3.71 -7.55
C THR A 22 9.36 2.98 -7.15
N GLN A 23 9.52 1.97 -6.30
CA GLN A 23 8.38 1.19 -5.85
C GLN A 23 8.68 0.55 -4.50
N LEU A 24 7.62 0.22 -3.77
CA LEU A 24 7.75 -0.40 -2.47
C LEU A 24 7.46 -1.90 -2.59
N SER A 25 8.16 -2.67 -1.77
CA SER A 25 7.98 -4.12 -1.77
C SER A 25 7.41 -4.56 -0.43
N PHE A 26 6.35 -5.37 -0.51
CA PHE A 26 5.71 -5.89 0.69
C PHE A 26 5.28 -7.34 0.51
N LEU A 27 4.67 -7.88 1.54
CA LEU A 27 4.20 -9.26 1.51
C LEU A 27 2.72 -9.31 1.88
N ARG A 28 2.02 -10.23 1.23
CA ARG A 28 0.60 -10.39 1.48
C ARG A 28 0.29 -10.22 2.97
N GLY A 29 -0.59 -9.27 3.26
CA GLY A 29 -0.98 -9.00 4.63
C GLY A 29 -0.33 -7.71 5.13
N GLU A 30 0.87 -7.45 4.64
CA GLU A 30 1.60 -6.27 5.03
C GLU A 30 0.69 -5.04 4.99
N LYS A 31 0.74 -4.27 6.07
CA LYS A 31 -0.08 -3.08 6.17
C LYS A 31 0.54 -1.96 5.33
N ILE A 32 -0.05 -1.74 4.16
CA ILE A 32 0.43 -0.71 3.26
C ILE A 32 -0.39 0.56 3.44
N LEU A 33 0.30 1.69 3.45
CA LEU A 33 -0.36 2.97 3.62
C LEU A 33 -0.51 3.64 2.25
N ILE A 34 -1.71 4.15 2.01
CA ILE A 34 -2.00 4.81 0.75
C ILE A 34 -2.07 6.32 0.98
N LEU A 35 -0.90 6.94 1.06
CA LEU A 35 -0.82 8.37 1.28
C LEU A 35 -1.77 9.08 0.32
N ARG A 36 -1.44 9.00 -0.96
CA ARG A 36 -2.26 9.63 -1.99
C ARG A 36 -2.45 8.68 -3.18
N GLN A 37 -3.31 9.09 -4.09
CA GLN A 37 -3.60 8.29 -5.27
C GLN A 37 -2.80 8.81 -6.47
N THR A 38 -2.70 10.13 -6.54
CA THR A 38 -1.98 10.76 -7.63
C THR A 38 -2.73 10.58 -8.95
N THR A 39 -2.88 9.33 -9.35
CA THR A 39 -3.58 9.01 -10.57
C THR A 39 -4.76 8.08 -10.29
N ALA A 40 -4.49 6.79 -10.41
CA ALA A 40 -5.52 5.78 -10.18
C ALA A 40 -4.88 4.40 -10.14
N ASP A 41 -4.16 4.08 -11.21
CA ASP A 41 -3.50 2.79 -11.32
C ASP A 41 -2.28 2.78 -10.40
N TRP A 42 -1.65 3.95 -10.29
CA TRP A 42 -0.46 4.08 -9.46
C TRP A 42 -0.85 4.92 -8.24
N TRP A 43 -0.55 4.36 -7.06
CA TRP A 43 -0.87 5.04 -5.82
C TRP A 43 0.46 5.37 -5.13
N TRP A 44 0.42 6.42 -4.33
CA TRP A 44 1.60 6.86 -3.60
C TRP A 44 1.49 6.35 -2.16
N GLY A 45 2.28 5.31 -1.87
CA GLY A 45 2.27 4.72 -0.55
C GLY A 45 3.48 5.20 0.26
N GLU A 46 3.64 4.60 1.43
CA GLU A 46 4.74 4.95 2.31
C GLU A 46 5.11 3.77 3.21
N ARG A 47 6.35 3.33 3.09
CA ARG A 47 6.84 2.21 3.88
C ARG A 47 7.48 2.72 5.17
N ALA A 48 8.04 1.78 5.93
CA ALA A 48 8.67 2.11 7.18
C ALA A 48 9.82 3.09 6.92
N GLY A 49 9.56 4.35 7.24
CA GLY A 49 10.55 5.39 7.04
C GLY A 49 10.90 5.55 5.56
N CYS A 50 10.13 4.86 4.73
CA CYS A 50 10.34 4.91 3.30
C CYS A 50 9.12 5.57 2.66
N CYS A 51 9.32 6.04 1.43
CA CYS A 51 8.25 6.68 0.70
C CYS A 51 8.44 6.40 -0.80
N GLY A 52 7.52 5.64 -1.35
CA GLY A 52 7.58 5.29 -2.76
C GLY A 52 6.18 5.12 -3.34
N TYR A 53 6.14 4.74 -4.61
CA TYR A 53 4.87 4.54 -5.29
C TYR A 53 4.46 3.06 -5.25
N ILE A 54 3.15 2.85 -5.29
CA ILE A 54 2.62 1.51 -5.25
C ILE A 54 1.53 1.36 -6.33
N PRO A 55 1.38 0.11 -6.81
CA PRO A 55 0.38 -0.18 -7.83
C PRO A 55 -1.03 -0.19 -7.25
N ALA A 56 -2.00 -0.24 -8.14
CA ALA A 56 -3.39 -0.26 -7.72
C ALA A 56 -4.03 -1.61 -8.10
N ASN A 57 -3.87 -2.58 -7.21
CA ASN A 57 -4.42 -3.90 -7.44
C ASN A 57 -3.77 -4.88 -6.46
N HIS A 58 -2.47 -4.71 -6.26
CA HIS A 58 -1.74 -5.58 -5.35
C HIS A 58 -2.24 -5.37 -3.93
N VAL A 59 -2.75 -4.17 -3.68
CA VAL A 59 -3.26 -3.83 -2.37
C VAL A 59 -4.79 -3.88 -2.39
N GLY A 60 -5.36 -4.18 -1.23
CA GLY A 60 -6.80 -4.26 -1.11
C GLY A 60 -7.21 -4.97 0.19
N LYS A 61 -8.21 -4.40 0.85
CA LYS A 61 -8.69 -4.96 2.09
C LYS A 61 -8.77 -6.48 1.96
N HIS A 62 -8.48 -7.15 3.07
CA HIS A 62 -8.52 -8.60 3.09
C HIS A 62 -8.57 -9.09 4.55
N SER A 63 -9.38 -10.12 4.76
CA SER A 63 -9.53 -10.68 6.09
C SER A 63 -8.31 -11.54 6.44
N GLY A 64 -7.85 -11.40 7.67
CA GLY A 64 -6.70 -12.14 8.13
C GLY A 64 -6.63 -12.15 9.65
N PRO A 65 -5.84 -13.13 10.19
CA PRO A 65 -5.69 -13.27 11.63
C PRO A 65 -4.76 -12.18 12.18
N SER A 66 -3.55 -12.16 11.65
CA SER A 66 -2.56 -11.17 12.08
C SER A 66 -2.20 -11.41 13.56
N SER A 67 -1.02 -10.96 13.91
CA SER A 67 -0.54 -11.11 15.28
C SER A 67 -0.36 -12.59 15.62
N GLY A 68 0.73 -12.88 16.29
CA GLY A 68 1.03 -14.25 16.68
C GLY A 68 1.48 -15.08 15.48
N GLY A 1 3.91 9.94 19.56
CA GLY A 1 2.51 10.20 19.30
C GLY A 1 2.32 11.59 18.69
N SER A 2 2.20 11.62 17.37
CA SER A 2 2.02 12.88 16.65
C SER A 2 0.52 13.17 16.50
N SER A 3 0.21 14.45 16.43
CA SER A 3 -1.19 14.88 16.27
C SER A 3 -1.47 15.17 14.80
N GLY A 4 -2.46 14.46 14.27
CA GLY A 4 -2.84 14.64 12.88
C GLY A 4 -2.44 13.42 12.03
N SER A 5 -3.45 12.69 11.60
CA SER A 5 -3.24 11.51 10.79
C SER A 5 -3.76 11.74 9.37
N SER A 6 -3.06 11.14 8.41
CA SER A 6 -3.45 11.28 7.02
C SER A 6 -2.85 10.13 6.20
N GLY A 7 -3.70 9.16 5.88
CA GLY A 7 -3.28 8.01 5.11
C GLY A 7 -4.35 6.92 5.11
N GLU A 8 -4.18 5.98 4.19
CA GLU A 8 -5.12 4.88 4.07
C GLU A 8 -4.42 3.55 4.29
N GLU A 9 -4.91 2.80 5.27
CA GLU A 9 -4.33 1.51 5.60
C GLU A 9 -4.90 0.44 4.68
N PHE A 10 -4.01 -0.25 3.98
CA PHE A 10 -4.41 -1.30 3.06
C PHE A 10 -3.56 -2.56 3.28
N VAL A 11 -4.03 -3.65 2.67
CA VAL A 11 -3.32 -4.91 2.79
C VAL A 11 -3.00 -5.45 1.39
N ALA A 12 -1.80 -5.97 1.25
CA ALA A 12 -1.36 -6.52 -0.02
C ALA A 12 -2.08 -7.83 -0.29
N ILE A 13 -2.84 -7.85 -1.38
CA ILE A 13 -3.59 -9.03 -1.75
C ILE A 13 -2.61 -10.12 -2.22
N ALA A 14 -1.39 -9.70 -2.49
CA ALA A 14 -0.36 -10.61 -2.94
C ALA A 14 1.02 -9.94 -2.81
N ASP A 15 1.98 -10.73 -2.36
CA ASP A 15 3.34 -10.23 -2.20
C ASP A 15 3.82 -9.63 -3.52
N TYR A 16 4.54 -8.52 -3.40
CA TYR A 16 5.06 -7.85 -4.57
C TYR A 16 6.54 -7.49 -4.38
N ALA A 17 7.23 -7.31 -5.51
CA ALA A 17 8.64 -6.97 -5.48
C ALA A 17 8.89 -5.80 -6.41
N ALA A 18 9.28 -4.67 -5.83
CA ALA A 18 9.55 -3.48 -6.60
C ALA A 18 10.56 -3.81 -7.70
N THR A 19 10.13 -3.59 -8.93
CA THR A 19 10.98 -3.86 -10.08
C THR A 19 11.95 -2.71 -10.31
N ASP A 20 11.64 -1.58 -9.67
CA ASP A 20 12.48 -0.41 -9.79
C ASP A 20 12.84 0.11 -8.39
N GLU A 21 13.62 1.18 -8.37
CA GLU A 21 14.02 1.79 -7.12
C GLU A 21 13.08 2.93 -6.74
N THR A 22 11.93 2.93 -7.39
CA THR A 22 10.93 3.95 -7.13
C THR A 22 9.59 3.32 -6.74
N GLN A 23 9.69 2.13 -6.17
CA GLN A 23 8.49 1.41 -5.75
C GLN A 23 8.69 0.84 -4.34
N LEU A 24 7.61 0.36 -3.77
CA LEU A 24 7.64 -0.22 -2.43
C LEU A 24 7.36 -1.71 -2.52
N SER A 25 8.11 -2.46 -1.73
CA SER A 25 7.95 -3.91 -1.70
C SER A 25 7.33 -4.35 -0.38
N PHE A 26 6.29 -5.16 -0.48
CA PHE A 26 5.61 -5.66 0.70
C PHE A 26 5.20 -7.12 0.53
N LEU A 27 4.68 -7.69 1.60
CA LEU A 27 4.25 -9.08 1.58
C LEU A 27 2.75 -9.14 1.86
N ARG A 28 2.09 -10.06 1.16
CA ARG A 28 0.65 -10.24 1.31
C ARG A 28 0.26 -10.07 2.79
N GLY A 29 -0.65 -9.14 3.02
CA GLY A 29 -1.12 -8.89 4.38
C GLY A 29 -0.49 -7.62 4.94
N GLU A 30 0.75 -7.37 4.53
CA GLU A 30 1.46 -6.19 5.00
C GLU A 30 0.56 -4.96 4.95
N LYS A 31 0.57 -4.22 6.05
CA LYS A 31 -0.24 -3.03 6.15
C LYS A 31 0.41 -1.90 5.35
N ILE A 32 -0.10 -1.68 4.16
CA ILE A 32 0.42 -0.64 3.29
C ILE A 32 -0.39 0.64 3.48
N LEU A 33 0.32 1.75 3.59
CA LEU A 33 -0.31 3.04 3.78
C LEU A 33 -0.43 3.75 2.43
N ILE A 34 -1.67 4.00 2.03
CA ILE A 34 -1.92 4.67 0.76
C ILE A 34 -2.02 6.18 1.00
N LEU A 35 -0.86 6.80 1.15
CA LEU A 35 -0.80 8.23 1.38
C LEU A 35 -1.75 8.94 0.41
N ARG A 36 -1.38 8.90 -0.86
CA ARG A 36 -2.19 9.53 -1.90
C ARG A 36 -2.46 8.54 -3.04
N GLN A 37 -3.50 8.83 -3.79
CA GLN A 37 -3.87 7.99 -4.92
C GLN A 37 -3.21 8.51 -6.20
N THR A 38 -3.38 9.80 -6.44
CA THR A 38 -2.82 10.42 -7.62
C THR A 38 -3.51 9.91 -8.89
N THR A 39 -3.30 8.63 -9.16
CA THR A 39 -3.89 8.00 -10.33
C THR A 39 -4.65 6.73 -9.92
N ALA A 40 -5.52 6.28 -10.82
CA ALA A 40 -6.30 5.09 -10.57
C ALA A 40 -5.52 3.86 -11.04
N ASP A 41 -4.25 4.09 -11.35
CA ASP A 41 -3.39 3.02 -11.81
C ASP A 41 -2.19 2.90 -10.87
N TRP A 42 -1.65 4.05 -10.50
CA TRP A 42 -0.50 4.08 -9.61
C TRP A 42 -0.89 4.88 -8.37
N TRP A 43 -0.58 4.31 -7.21
CA TRP A 43 -0.89 4.97 -5.95
C TRP A 43 0.44 5.34 -5.28
N TRP A 44 0.34 6.27 -4.33
CA TRP A 44 1.52 6.72 -3.61
C TRP A 44 1.43 6.16 -2.19
N GLY A 45 2.31 5.21 -1.90
CA GLY A 45 2.35 4.60 -0.59
C GLY A 45 3.58 5.05 0.19
N GLU A 46 3.59 4.71 1.46
CA GLU A 46 4.69 5.07 2.34
C GLU A 46 5.10 3.88 3.21
N ARG A 47 6.36 3.49 3.07
CA ARG A 47 6.87 2.36 3.84
C ARG A 47 7.50 2.86 5.15
N ALA A 48 8.13 1.94 5.86
CA ALA A 48 8.77 2.27 7.11
C ALA A 48 9.90 3.28 6.87
N GLY A 49 9.61 4.53 7.19
CA GLY A 49 10.59 5.58 7.02
C GLY A 49 10.95 5.76 5.54
N CYS A 50 10.19 5.08 4.69
CA CYS A 50 10.40 5.14 3.27
C CYS A 50 9.18 5.81 2.62
N CYS A 51 9.37 6.25 1.39
CA CYS A 51 8.30 6.91 0.66
C CYS A 51 8.48 6.61 -0.83
N GLY A 52 7.56 5.82 -1.36
CA GLY A 52 7.61 5.45 -2.77
C GLY A 52 6.20 5.24 -3.33
N TYR A 53 6.15 4.84 -4.59
CA TYR A 53 4.88 4.62 -5.26
C TYR A 53 4.49 3.13 -5.19
N ILE A 54 3.21 2.88 -5.44
CA ILE A 54 2.70 1.53 -5.41
C ILE A 54 1.59 1.38 -6.46
N PRO A 55 1.46 0.14 -6.99
CA PRO A 55 0.44 -0.15 -7.99
C PRO A 55 -0.95 -0.23 -7.35
N ALA A 56 -1.95 0.03 -8.18
CA ALA A 56 -3.33 -0.02 -7.71
C ALA A 56 -3.97 -1.35 -8.13
N ASN A 57 -3.66 -2.37 -7.35
CA ASN A 57 -4.19 -3.70 -7.63
C ASN A 57 -3.63 -4.70 -6.62
N HIS A 58 -2.33 -4.55 -6.34
CA HIS A 58 -1.67 -5.41 -5.39
C HIS A 58 -2.24 -5.20 -4.00
N VAL A 59 -2.75 -4.00 -3.78
CA VAL A 59 -3.34 -3.65 -2.49
C VAL A 59 -4.85 -3.52 -2.65
N GLY A 60 -5.55 -3.68 -1.53
CA GLY A 60 -6.99 -3.58 -1.53
C GLY A 60 -7.61 -4.58 -0.54
N LYS A 61 -8.93 -4.50 -0.41
CA LYS A 61 -9.65 -5.38 0.48
C LYS A 61 -10.38 -6.45 -0.34
N HIS A 62 -11.15 -5.98 -1.30
CA HIS A 62 -11.91 -6.88 -2.16
C HIS A 62 -10.94 -7.66 -3.06
N SER A 63 -11.44 -8.77 -3.58
CA SER A 63 -10.62 -9.61 -4.46
C SER A 63 -11.51 -10.66 -5.12
N GLY A 64 -12.19 -11.44 -4.29
CA GLY A 64 -13.07 -12.48 -4.80
C GLY A 64 -12.72 -13.84 -4.16
N PRO A 65 -13.57 -14.85 -4.50
CA PRO A 65 -13.36 -16.19 -3.98
C PRO A 65 -12.19 -16.88 -4.68
N SER A 66 -11.74 -17.97 -4.08
CA SER A 66 -10.63 -18.73 -4.63
C SER A 66 -11.16 -19.84 -5.54
N SER A 67 -10.67 -19.85 -6.76
CA SER A 67 -11.07 -20.85 -7.73
C SER A 67 -9.85 -21.46 -8.41
N GLY A 68 -9.07 -20.59 -9.04
CA GLY A 68 -7.87 -21.03 -9.74
C GLY A 68 -6.77 -21.41 -8.74
N GLY A 1 -5.25 16.41 21.67
CA GLY A 1 -3.85 16.03 21.68
C GLY A 1 -3.10 16.61 20.49
N SER A 2 -3.32 15.99 19.34
CA SER A 2 -2.68 16.45 18.11
C SER A 2 -3.23 15.66 16.91
N SER A 3 -4.23 16.26 16.27
CA SER A 3 -4.84 15.63 15.11
C SER A 3 -4.19 16.15 13.82
N GLY A 4 -4.17 15.29 12.82
CA GLY A 4 -3.59 15.65 11.55
C GLY A 4 -3.25 14.40 10.73
N SER A 5 -2.86 14.63 9.48
CA SER A 5 -2.52 13.54 8.58
C SER A 5 -3.76 12.69 8.30
N SER A 6 -3.69 11.96 7.19
CA SER A 6 -4.79 11.11 6.78
C SER A 6 -4.32 10.13 5.71
N GLY A 7 -3.97 8.93 6.16
CA GLY A 7 -3.50 7.89 5.26
C GLY A 7 -4.53 6.77 5.14
N GLU A 8 -4.38 5.99 4.08
CA GLU A 8 -5.29 4.87 3.84
C GLU A 8 -4.56 3.54 4.02
N GLU A 9 -4.87 2.87 5.12
CA GLU A 9 -4.26 1.60 5.43
C GLU A 9 -4.85 0.50 4.53
N PHE A 10 -3.95 -0.26 3.92
CA PHE A 10 -4.37 -1.34 3.05
C PHE A 10 -3.50 -2.59 3.26
N VAL A 11 -3.97 -3.70 2.71
CA VAL A 11 -3.25 -4.95 2.84
C VAL A 11 -2.98 -5.52 1.44
N ALA A 12 -1.79 -6.09 1.29
CA ALA A 12 -1.39 -6.67 0.01
C ALA A 12 -2.17 -7.96 -0.22
N ILE A 13 -2.96 -7.96 -1.28
CA ILE A 13 -3.77 -9.13 -1.61
C ILE A 13 -2.84 -10.26 -2.06
N ALA A 14 -1.60 -9.90 -2.32
CA ALA A 14 -0.61 -10.88 -2.75
C ALA A 14 0.79 -10.28 -2.60
N ASP A 15 1.77 -11.17 -2.47
CA ASP A 15 3.15 -10.74 -2.32
C ASP A 15 3.55 -9.90 -3.53
N TYR A 16 4.45 -8.95 -3.27
CA TYR A 16 4.93 -8.08 -4.33
C TYR A 16 6.45 -7.95 -4.29
N ALA A 17 7.01 -7.56 -5.43
CA ALA A 17 8.45 -7.39 -5.53
C ALA A 17 8.75 -6.20 -6.45
N ALA A 18 9.14 -5.10 -5.83
CA ALA A 18 9.46 -3.90 -6.56
C ALA A 18 10.51 -4.22 -7.64
N THR A 19 10.25 -3.77 -8.85
CA THR A 19 11.15 -3.99 -9.96
C THR A 19 12.09 -2.81 -10.14
N ASP A 20 11.80 -1.75 -9.40
CA ASP A 20 12.60 -0.54 -9.48
C ASP A 20 12.90 -0.04 -8.06
N GLU A 21 13.76 0.97 -7.99
CA GLU A 21 14.14 1.54 -6.71
C GLU A 21 13.23 2.73 -6.37
N THR A 22 12.09 2.78 -7.05
CA THR A 22 11.14 3.84 -6.82
C THR A 22 9.78 3.27 -6.39
N GLN A 23 9.81 1.99 -6.04
CA GLN A 23 8.60 1.32 -5.61
C GLN A 23 8.78 0.76 -4.20
N LEU A 24 7.68 0.25 -3.66
CA LEU A 24 7.69 -0.32 -2.32
C LEU A 24 7.44 -1.82 -2.40
N SER A 25 8.16 -2.56 -1.57
CA SER A 25 8.03 -4.00 -1.54
C SER A 25 7.35 -4.43 -0.24
N PHE A 26 6.34 -5.28 -0.38
CA PHE A 26 5.60 -5.77 0.77
C PHE A 26 5.19 -7.23 0.57
N LEU A 27 4.54 -7.77 1.60
CA LEU A 27 4.09 -9.15 1.54
C LEU A 27 2.59 -9.21 1.83
N ARG A 28 1.93 -10.15 1.18
CA ARG A 28 0.50 -10.32 1.35
C ARG A 28 0.14 -10.24 2.84
N GLY A 29 -0.58 -9.17 3.17
CA GLY A 29 -1.00 -8.95 4.55
C GLY A 29 -0.40 -7.66 5.10
N GLU A 30 0.81 -7.36 4.64
CA GLU A 30 1.50 -6.16 5.09
C GLU A 30 0.57 -4.95 4.99
N LYS A 31 0.60 -4.13 6.03
CA LYS A 31 -0.22 -2.94 6.08
C LYS A 31 0.44 -1.83 5.25
N ILE A 32 -0.10 -1.63 4.05
CA ILE A 32 0.42 -0.62 3.16
C ILE A 32 -0.40 0.66 3.31
N LEU A 33 0.31 1.75 3.60
CA LEU A 33 -0.34 3.04 3.78
C LEU A 33 -0.45 3.73 2.42
N ILE A 34 -1.68 3.98 2.01
CA ILE A 34 -1.93 4.64 0.74
C ILE A 34 -2.06 6.15 0.97
N LEU A 35 -0.91 6.78 1.11
CA LEU A 35 -0.86 8.22 1.33
C LEU A 35 -1.81 8.90 0.35
N ARG A 36 -1.43 8.84 -0.92
CA ARG A 36 -2.24 9.46 -1.97
C ARG A 36 -2.36 8.51 -3.16
N GLN A 37 -3.20 8.91 -4.11
CA GLN A 37 -3.42 8.12 -5.30
C GLN A 37 -3.36 8.99 -6.56
N THR A 38 -2.15 9.40 -6.89
CA THR A 38 -1.93 10.25 -8.06
C THR A 38 -2.85 9.81 -9.20
N THR A 39 -3.12 8.52 -9.25
CA THR A 39 -3.97 7.96 -10.28
C THR A 39 -4.76 6.77 -9.74
N ALA A 40 -5.60 6.21 -10.59
CA ALA A 40 -6.41 5.06 -10.23
C ALA A 40 -5.65 3.78 -10.57
N ASP A 41 -4.41 3.96 -10.99
CA ASP A 41 -3.58 2.83 -11.35
C ASP A 41 -2.32 2.82 -10.49
N TRP A 42 -1.77 4.00 -10.29
CA TRP A 42 -0.57 4.15 -9.48
C TRP A 42 -0.94 4.93 -8.22
N TRP A 43 -0.61 4.34 -7.09
CA TRP A 43 -0.91 4.98 -5.80
C TRP A 43 0.43 5.33 -5.13
N TRP A 44 0.37 6.35 -4.29
CA TRP A 44 1.56 6.79 -3.58
C TRP A 44 1.49 6.25 -2.15
N GLY A 45 2.29 5.24 -1.91
CA GLY A 45 2.34 4.62 -0.58
C GLY A 45 3.55 5.12 0.22
N GLU A 46 3.61 4.68 1.46
CA GLU A 46 4.70 5.07 2.34
C GLU A 46 5.08 3.91 3.27
N ARG A 47 6.33 3.49 3.16
CA ARG A 47 6.83 2.40 3.99
C ARG A 47 7.43 2.94 5.28
N ALA A 48 8.04 2.04 6.04
CA ALA A 48 8.65 2.41 7.29
C ALA A 48 9.80 3.39 7.03
N GLY A 49 9.52 4.66 7.32
CA GLY A 49 10.51 5.70 7.11
C GLY A 49 10.89 5.82 5.63
N CYS A 50 10.13 5.12 4.81
CA CYS A 50 10.37 5.14 3.37
C CYS A 50 9.18 5.81 2.69
N CYS A 51 9.39 6.21 1.45
CA CYS A 51 8.35 6.86 0.68
C CYS A 51 8.54 6.50 -0.80
N GLY A 52 7.59 5.74 -1.31
CA GLY A 52 7.64 5.33 -2.71
C GLY A 52 6.24 5.17 -3.29
N TYR A 53 6.20 4.73 -4.54
CA TYR A 53 4.92 4.54 -5.22
C TYR A 53 4.51 3.06 -5.19
N ILE A 54 3.22 2.84 -5.38
CA ILE A 54 2.68 1.49 -5.38
C ILE A 54 1.57 1.40 -6.42
N PRO A 55 1.40 0.16 -6.97
CA PRO A 55 0.37 -0.08 -7.96
C PRO A 55 -1.02 -0.14 -7.33
N ALA A 56 -2.02 -0.21 -8.19
CA ALA A 56 -3.40 -0.28 -7.73
C ALA A 56 -4.03 -1.59 -8.18
N ASN A 57 -3.85 -2.61 -7.36
CA ASN A 57 -4.39 -3.92 -7.67
C ASN A 57 -3.82 -4.95 -6.68
N HIS A 58 -2.56 -4.75 -6.33
CA HIS A 58 -1.89 -5.64 -5.40
C HIS A 58 -2.43 -5.41 -3.99
N VAL A 59 -2.93 -4.20 -3.78
CA VAL A 59 -3.47 -3.84 -2.47
C VAL A 59 -4.98 -3.64 -2.60
N GLY A 60 -5.68 -3.90 -1.50
CA GLY A 60 -7.12 -3.75 -1.47
C GLY A 60 -7.74 -4.60 -0.37
N LYS A 61 -8.67 -4.00 0.36
CA LYS A 61 -9.34 -4.68 1.45
C LYS A 61 -10.07 -5.91 0.89
N HIS A 62 -9.66 -7.08 1.37
CA HIS A 62 -10.26 -8.32 0.93
C HIS A 62 -11.37 -8.72 1.90
N SER A 63 -12.37 -7.85 2.00
CA SER A 63 -13.50 -8.10 2.87
C SER A 63 -13.00 -8.59 4.24
N GLY A 64 -12.56 -7.64 5.05
CA GLY A 64 -12.05 -7.97 6.37
C GLY A 64 -10.75 -8.76 6.29
N PRO A 65 -9.69 -8.20 6.92
CA PRO A 65 -8.40 -8.85 6.92
C PRO A 65 -8.38 -10.05 7.87
N SER A 66 -7.28 -10.80 7.82
CA SER A 66 -7.12 -11.97 8.66
C SER A 66 -7.03 -11.55 10.13
N SER A 67 -6.02 -10.73 10.40
CA SER A 67 -5.80 -10.25 11.76
C SER A 67 -5.97 -8.74 11.81
N GLY A 68 -6.96 -8.31 12.59
CA GLY A 68 -7.24 -6.89 12.72
C GLY A 68 -5.96 -6.11 13.03
N GLY A 1 2.29 23.61 4.11
CA GLY A 1 1.06 23.73 4.88
C GLY A 1 0.08 22.60 4.51
N SER A 2 0.40 21.41 4.97
CA SER A 2 -0.44 20.25 4.71
C SER A 2 -1.62 20.23 5.69
N SER A 3 -2.57 19.36 5.39
CA SER A 3 -3.75 19.22 6.23
C SER A 3 -4.40 17.86 6.02
N GLY A 4 -4.48 17.10 7.10
CA GLY A 4 -5.07 15.77 7.04
C GLY A 4 -3.99 14.68 7.08
N SER A 5 -3.77 14.16 8.27
CA SER A 5 -2.77 13.12 8.46
C SER A 5 -3.43 11.85 9.00
N SER A 6 -3.77 10.96 8.09
CA SER A 6 -4.41 9.71 8.46
C SER A 6 -3.91 8.58 7.56
N GLY A 7 -4.39 8.60 6.32
CA GLY A 7 -4.00 7.59 5.36
C GLY A 7 -4.94 6.38 5.43
N GLU A 8 -4.73 5.45 4.50
CA GLU A 8 -5.55 4.25 4.45
C GLU A 8 -4.66 3.01 4.58
N GLU A 9 -4.99 2.20 5.57
CA GLU A 9 -4.24 0.97 5.80
C GLU A 9 -4.77 -0.16 4.91
N PHE A 10 -4.06 -0.36 3.80
CA PHE A 10 -4.44 -1.39 2.85
C PHE A 10 -3.60 -2.65 3.05
N VAL A 11 -4.14 -3.77 2.58
CA VAL A 11 -3.44 -5.05 2.70
C VAL A 11 -3.09 -5.56 1.30
N ALA A 12 -1.86 -6.05 1.18
CA ALA A 12 -1.39 -6.57 -0.09
C ALA A 12 -2.09 -7.90 -0.38
N ILE A 13 -2.83 -7.92 -1.47
CA ILE A 13 -3.55 -9.12 -1.87
C ILE A 13 -2.55 -10.16 -2.36
N ALA A 14 -1.33 -9.71 -2.61
CA ALA A 14 -0.29 -10.59 -3.09
C ALA A 14 1.08 -9.95 -2.82
N ASP A 15 2.09 -10.80 -2.74
CA ASP A 15 3.44 -10.32 -2.49
C ASP A 15 3.97 -9.62 -3.73
N TYR A 16 4.71 -8.55 -3.51
CA TYR A 16 5.28 -7.78 -4.60
C TYR A 16 6.78 -7.56 -4.41
N ALA A 17 7.41 -7.01 -5.43
CA ALA A 17 8.83 -6.75 -5.37
C ALA A 17 9.13 -5.40 -6.05
N ALA A 18 10.10 -4.69 -5.49
CA ALA A 18 10.48 -3.40 -6.03
C ALA A 18 11.57 -3.59 -7.08
N THR A 19 11.20 -3.29 -8.32
CA THR A 19 12.14 -3.43 -9.42
C THR A 19 12.48 -2.05 -10.00
N ASP A 20 11.98 -1.03 -9.33
CA ASP A 20 12.22 0.34 -9.77
C ASP A 20 12.83 1.14 -8.62
N GLU A 21 13.12 2.40 -8.90
CA GLU A 21 13.71 3.27 -7.89
C GLU A 21 12.61 3.97 -7.10
N THR A 22 11.41 3.94 -7.65
CA THR A 22 10.27 4.57 -6.99
C THR A 22 9.15 3.54 -6.78
N GLN A 23 9.48 2.49 -6.06
CA GLN A 23 8.53 1.43 -5.79
C GLN A 23 8.75 0.86 -4.38
N LEU A 24 7.69 0.29 -3.83
CA LEU A 24 7.76 -0.29 -2.51
C LEU A 24 7.48 -1.80 -2.59
N SER A 25 8.18 -2.55 -1.76
CA SER A 25 8.03 -4.00 -1.74
C SER A 25 7.39 -4.42 -0.42
N PHE A 26 6.38 -5.27 -0.54
CA PHE A 26 5.68 -5.76 0.64
C PHE A 26 5.24 -7.23 0.44
N LEU A 27 4.65 -7.78 1.48
CA LEU A 27 4.19 -9.15 1.45
C LEU A 27 2.68 -9.18 1.68
N ARG A 28 2.03 -10.12 1.00
CA ARG A 28 0.59 -10.26 1.13
C ARG A 28 0.17 -10.15 2.59
N GLY A 29 -0.52 -9.06 2.90
CA GLY A 29 -0.98 -8.82 4.26
C GLY A 29 -0.39 -7.54 4.83
N GLU A 30 0.86 -7.29 4.46
CA GLU A 30 1.55 -6.10 4.92
C GLU A 30 0.62 -4.88 4.87
N LYS A 31 0.61 -4.14 5.96
CA LYS A 31 -0.23 -2.95 6.05
C LYS A 31 0.42 -1.82 5.26
N ILE A 32 -0.09 -1.60 4.06
CA ILE A 32 0.43 -0.55 3.20
C ILE A 32 -0.41 0.72 3.39
N LEU A 33 0.30 1.83 3.53
CA LEU A 33 -0.36 3.11 3.72
C LEU A 33 -0.46 3.83 2.38
N ILE A 34 -1.70 4.20 2.04
CA ILE A 34 -1.95 4.89 0.79
C ILE A 34 -2.12 6.38 1.06
N LEU A 35 -1.01 7.11 0.97
CA LEU A 35 -1.04 8.55 1.20
C LEU A 35 -1.88 9.23 0.12
N ARG A 36 -1.40 9.14 -1.11
CA ARG A 36 -2.09 9.73 -2.22
C ARG A 36 -2.25 8.71 -3.36
N GLN A 37 -2.98 9.13 -4.39
CA GLN A 37 -3.21 8.26 -5.53
C GLN A 37 -3.20 9.08 -6.83
N THR A 38 -2.00 9.45 -7.24
CA THR A 38 -1.84 10.24 -8.45
C THR A 38 -2.81 9.76 -9.53
N THR A 39 -2.91 8.44 -9.65
CA THR A 39 -3.79 7.85 -10.63
C THR A 39 -4.59 6.70 -10.00
N ALA A 40 -5.52 6.17 -10.79
CA ALA A 40 -6.36 5.08 -10.32
C ALA A 40 -5.64 3.75 -10.58
N ASP A 41 -4.39 3.86 -10.99
CA ASP A 41 -3.60 2.68 -11.28
C ASP A 41 -2.34 2.70 -10.42
N TRP A 42 -1.74 3.88 -10.31
CA TRP A 42 -0.53 4.05 -9.52
C TRP A 42 -0.89 4.87 -8.29
N TRP A 43 -0.58 4.30 -7.12
CA TRP A 43 -0.86 4.98 -5.86
C TRP A 43 0.48 5.31 -5.19
N TRP A 44 0.43 6.28 -4.30
CA TRP A 44 1.63 6.69 -3.58
C TRP A 44 1.50 6.21 -2.13
N GLY A 45 2.45 5.38 -1.73
CA GLY A 45 2.46 4.84 -0.39
C GLY A 45 3.71 5.29 0.38
N GLU A 46 3.86 4.73 1.57
CA GLU A 46 5.00 5.06 2.41
C GLU A 46 5.42 3.85 3.24
N ARG A 47 6.66 3.42 3.03
CA ARG A 47 7.19 2.28 3.76
C ARG A 47 7.88 2.74 5.04
N ALA A 48 8.52 1.78 5.71
CA ALA A 48 9.21 2.07 6.94
C ALA A 48 10.34 3.06 6.67
N GLY A 49 10.09 4.32 7.04
CA GLY A 49 11.07 5.37 6.84
C GLY A 49 11.36 5.57 5.35
N CYS A 50 10.56 4.90 4.54
CA CYS A 50 10.73 5.00 3.09
C CYS A 50 9.46 5.66 2.51
N CYS A 51 9.59 6.12 1.28
CA CYS A 51 8.49 6.78 0.61
C CYS A 51 8.61 6.50 -0.89
N GLY A 52 7.66 5.71 -1.40
CA GLY A 52 7.66 5.36 -2.81
C GLY A 52 6.23 5.16 -3.31
N TYR A 53 6.12 4.78 -4.57
CA TYR A 53 4.82 4.55 -5.18
C TYR A 53 4.40 3.09 -5.03
N ILE A 54 3.17 2.82 -5.45
CA ILE A 54 2.63 1.47 -5.37
C ILE A 54 1.50 1.31 -6.38
N PRO A 55 1.30 0.05 -6.83
CA PRO A 55 0.27 -0.25 -7.81
C PRO A 55 -1.12 -0.24 -7.15
N ALA A 56 -2.13 -0.05 -7.98
CA ALA A 56 -3.50 -0.01 -7.50
C ALA A 56 -4.21 -1.30 -7.90
N ASN A 57 -4.01 -2.33 -7.07
CA ASN A 57 -4.63 -3.62 -7.33
C ASN A 57 -4.01 -4.66 -6.39
N HIS A 58 -2.69 -4.61 -6.29
CA HIS A 58 -1.97 -5.54 -5.45
C HIS A 58 -2.38 -5.33 -3.98
N VAL A 59 -2.99 -4.19 -3.74
CA VAL A 59 -3.44 -3.86 -2.39
C VAL A 59 -4.96 -3.69 -2.40
N GLY A 60 -5.57 -4.01 -1.26
CA GLY A 60 -7.01 -3.90 -1.13
C GLY A 60 -7.45 -4.30 0.28
N LYS A 61 -8.75 -4.53 0.41
CA LYS A 61 -9.32 -4.92 1.69
C LYS A 61 -8.42 -5.99 2.33
N HIS A 62 -8.60 -6.16 3.63
CA HIS A 62 -7.82 -7.12 4.38
C HIS A 62 -8.04 -8.52 3.79
N SER A 63 -7.25 -9.46 4.29
CA SER A 63 -7.36 -10.84 3.83
C SER A 63 -7.76 -11.76 4.99
N GLY A 64 -8.58 -12.75 4.66
CA GLY A 64 -9.05 -13.69 5.66
C GLY A 64 -7.87 -14.38 6.36
N PRO A 65 -8.19 -15.05 7.49
CA PRO A 65 -7.17 -15.75 8.25
C PRO A 65 -6.77 -17.05 7.56
N SER A 66 -7.77 -17.84 7.22
CA SER A 66 -7.54 -19.11 6.55
C SER A 66 -8.52 -19.29 5.39
N SER A 67 -8.07 -18.89 4.21
CA SER A 67 -8.90 -19.01 3.02
C SER A 67 -8.67 -20.36 2.35
N GLY A 68 -7.43 -20.60 1.98
CA GLY A 68 -7.06 -21.84 1.32
C GLY A 68 -8.15 -22.29 0.34
N GLY A 1 -15.80 5.76 14.90
CA GLY A 1 -15.58 4.82 13.80
C GLY A 1 -14.09 4.56 13.58
N SER A 2 -13.59 5.12 12.49
CA SER A 2 -12.18 4.96 12.14
C SER A 2 -11.39 6.16 12.65
N SER A 3 -10.43 5.88 13.52
CA SER A 3 -9.59 6.92 14.09
C SER A 3 -8.15 6.76 13.59
N GLY A 4 -7.71 7.76 12.83
CA GLY A 4 -6.37 7.75 12.29
C GLY A 4 -5.86 9.16 12.04
N SER A 5 -4.54 9.30 12.03
CA SER A 5 -3.91 10.60 11.81
C SER A 5 -4.11 11.03 10.36
N SER A 6 -3.49 10.26 9.46
CA SER A 6 -3.59 10.55 8.04
C SER A 6 -3.00 9.40 7.22
N GLY A 7 -3.72 9.03 6.18
CA GLY A 7 -3.28 7.94 5.32
C GLY A 7 -4.30 6.81 5.29
N GLU A 8 -4.26 6.03 4.22
CA GLU A 8 -5.17 4.92 4.05
C GLU A 8 -4.44 3.59 4.29
N GLU A 9 -4.97 2.84 5.25
CA GLU A 9 -4.38 1.55 5.58
C GLU A 9 -4.95 0.46 4.68
N PHE A 10 -4.06 -0.23 4.00
CA PHE A 10 -4.46 -1.30 3.11
C PHE A 10 -3.55 -2.53 3.27
N VAL A 11 -4.00 -3.64 2.69
CA VAL A 11 -3.24 -4.87 2.77
C VAL A 11 -2.99 -5.40 1.35
N ALA A 12 -1.79 -5.95 1.17
CA ALA A 12 -1.42 -6.49 -0.12
C ALA A 12 -2.16 -7.80 -0.36
N ILE A 13 -2.97 -7.80 -1.40
CA ILE A 13 -3.75 -8.98 -1.75
C ILE A 13 -2.80 -10.10 -2.20
N ALA A 14 -1.56 -9.70 -2.45
CA ALA A 14 -0.55 -10.66 -2.89
C ALA A 14 0.83 -10.02 -2.77
N ASP A 15 1.83 -10.87 -2.58
CA ASP A 15 3.19 -10.41 -2.45
C ASP A 15 3.64 -9.77 -3.77
N TYR A 16 4.45 -8.73 -3.64
CA TYR A 16 4.95 -8.02 -4.82
C TYR A 16 6.46 -7.80 -4.71
N ALA A 17 7.05 -7.42 -5.84
CA ALA A 17 8.48 -7.17 -5.89
C ALA A 17 8.74 -5.93 -6.75
N ALA A 18 9.20 -4.88 -6.09
CA ALA A 18 9.51 -3.64 -6.77
C ALA A 18 10.48 -3.91 -7.91
N THR A 19 10.07 -3.52 -9.11
CA THR A 19 10.89 -3.72 -10.29
C THR A 19 11.84 -2.53 -10.48
N ASP A 20 11.61 -1.50 -9.68
CA ASP A 20 12.44 -0.30 -9.74
C ASP A 20 12.82 0.12 -8.33
N GLU A 21 13.72 1.10 -8.26
CA GLU A 21 14.18 1.61 -6.99
C GLU A 21 13.30 2.77 -6.53
N THR A 22 12.12 2.85 -7.13
CA THR A 22 11.19 3.90 -6.78
C THR A 22 9.85 3.30 -6.31
N GLN A 23 9.81 1.97 -6.33
CA GLN A 23 8.61 1.27 -5.90
C GLN A 23 8.82 0.64 -4.53
N LEU A 24 7.71 0.30 -3.89
CA LEU A 24 7.77 -0.31 -2.57
C LEU A 24 7.49 -1.81 -2.69
N SER A 25 8.14 -2.58 -1.82
CA SER A 25 7.96 -4.02 -1.83
C SER A 25 7.39 -4.49 -0.48
N PHE A 26 6.34 -5.28 -0.57
CA PHE A 26 5.69 -5.79 0.63
C PHE A 26 5.25 -7.24 0.43
N LEU A 27 4.63 -7.78 1.48
CA LEU A 27 4.17 -9.16 1.43
C LEU A 27 2.67 -9.19 1.75
N ARG A 28 1.97 -10.08 1.06
CA ARG A 28 0.53 -10.22 1.26
C ARG A 28 0.20 -10.11 2.76
N GLY A 29 -0.73 -9.21 3.06
CA GLY A 29 -1.15 -8.99 4.43
C GLY A 29 -0.49 -7.75 5.03
N GLU A 30 0.66 -7.40 4.46
CA GLU A 30 1.40 -6.23 4.92
C GLU A 30 0.49 -5.00 4.90
N LYS A 31 0.54 -4.27 6.01
CA LYS A 31 -0.27 -3.07 6.14
C LYS A 31 0.38 -1.93 5.35
N ILE A 32 -0.12 -1.73 4.14
CA ILE A 32 0.40 -0.68 3.28
C ILE A 32 -0.41 0.59 3.49
N LEU A 33 0.31 1.72 3.53
CA LEU A 33 -0.32 3.00 3.73
C LEU A 33 -0.44 3.72 2.38
N ILE A 34 -1.68 3.98 1.99
CA ILE A 34 -1.95 4.65 0.74
C ILE A 34 -2.04 6.16 0.97
N LEU A 35 -0.88 6.78 1.11
CA LEU A 35 -0.82 8.21 1.34
C LEU A 35 -1.79 8.92 0.39
N ARG A 36 -1.45 8.88 -0.88
CA ARG A 36 -2.28 9.50 -1.91
C ARG A 36 -2.47 8.56 -3.09
N GLN A 37 -3.34 8.98 -3.99
CA GLN A 37 -3.62 8.18 -5.17
C GLN A 37 -3.55 9.06 -6.44
N THR A 38 -2.34 9.52 -6.73
CA THR A 38 -2.12 10.36 -7.89
C THR A 38 -2.98 9.88 -9.06
N THR A 39 -3.06 8.56 -9.19
CA THR A 39 -3.84 7.97 -10.27
C THR A 39 -4.66 6.80 -9.73
N ALA A 40 -5.45 6.21 -10.63
CA ALA A 40 -6.29 5.08 -10.26
C ALA A 40 -5.54 3.78 -10.54
N ASP A 41 -4.35 3.93 -11.11
CA ASP A 41 -3.53 2.77 -11.43
C ASP A 41 -2.27 2.80 -10.57
N TRP A 42 -1.77 4.01 -10.33
CA TRP A 42 -0.57 4.17 -9.53
C TRP A 42 -0.97 4.90 -8.25
N TRP A 43 -0.61 4.28 -7.12
CA TRP A 43 -0.92 4.84 -5.82
C TRP A 43 0.41 5.23 -5.15
N TRP A 44 0.33 6.28 -4.34
CA TRP A 44 1.50 6.75 -3.63
C TRP A 44 1.44 6.22 -2.20
N GLY A 45 2.28 5.23 -1.93
CA GLY A 45 2.34 4.63 -0.62
C GLY A 45 3.55 5.13 0.17
N GLU A 46 3.63 4.70 1.42
CA GLU A 46 4.72 5.10 2.29
C GLU A 46 5.12 3.94 3.20
N ARG A 47 6.38 3.54 3.08
CA ARG A 47 6.91 2.45 3.89
C ARG A 47 7.51 2.99 5.19
N ALA A 48 8.15 2.10 5.92
CA ALA A 48 8.76 2.47 7.18
C ALA A 48 9.89 3.48 6.92
N GLY A 49 9.59 4.73 7.21
CA GLY A 49 10.56 5.80 7.00
C GLY A 49 10.94 5.93 5.52
N CYS A 50 10.18 5.21 4.70
CA CYS A 50 10.43 5.23 3.26
C CYS A 50 9.21 5.87 2.58
N CYS A 51 9.43 6.27 1.34
CA CYS A 51 8.36 6.89 0.57
C CYS A 51 8.56 6.54 -0.91
N GLY A 52 7.63 5.76 -1.43
CA GLY A 52 7.71 5.33 -2.82
C GLY A 52 6.30 5.15 -3.41
N TYR A 53 6.27 4.83 -4.69
CA TYR A 53 5.01 4.63 -5.37
C TYR A 53 4.60 3.16 -5.35
N ILE A 54 3.30 2.93 -5.33
CA ILE A 54 2.76 1.58 -5.30
C ILE A 54 1.68 1.44 -6.37
N PRO A 55 1.51 0.19 -6.86
CA PRO A 55 0.51 -0.09 -7.88
C PRO A 55 -0.90 -0.11 -7.28
N ALA A 56 -1.88 -0.12 -8.17
CA ALA A 56 -3.27 -0.13 -7.75
C ALA A 56 -3.93 -1.44 -8.18
N ASN A 57 -3.78 -2.45 -7.33
CA ASN A 57 -4.35 -3.75 -7.62
C ASN A 57 -3.79 -4.78 -6.64
N HIS A 58 -2.52 -4.59 -6.30
CA HIS A 58 -1.86 -5.49 -5.37
C HIS A 58 -2.39 -5.25 -3.95
N VAL A 59 -2.98 -4.08 -3.77
CA VAL A 59 -3.53 -3.71 -2.48
C VAL A 59 -5.05 -3.55 -2.60
N GLY A 60 -5.73 -3.82 -1.50
CA GLY A 60 -7.18 -3.71 -1.46
C GLY A 60 -7.82 -4.98 -0.91
N LYS A 61 -7.45 -5.30 0.33
CA LYS A 61 -7.97 -6.48 0.98
C LYS A 61 -9.04 -6.06 1.99
N HIS A 62 -8.58 -5.45 3.08
CA HIS A 62 -9.48 -5.00 4.12
C HIS A 62 -8.96 -3.68 4.70
N SER A 63 -9.90 -2.79 4.98
CA SER A 63 -9.56 -1.49 5.54
C SER A 63 -10.50 -1.16 6.71
N GLY A 64 -9.96 -0.44 7.68
CA GLY A 64 -10.73 -0.05 8.85
C GLY A 64 -10.64 -1.12 9.94
N PRO A 65 -10.87 -0.67 11.20
CA PRO A 65 -10.82 -1.57 12.34
C PRO A 65 -12.06 -2.45 12.40
N SER A 66 -12.12 -3.40 11.47
CA SER A 66 -13.26 -4.31 11.40
C SER A 66 -13.59 -4.83 12.80
N SER A 67 -12.61 -5.51 13.39
CA SER A 67 -12.78 -6.06 14.72
C SER A 67 -12.75 -4.95 15.76
N GLY A 68 -13.92 -4.71 16.35
CA GLY A 68 -14.05 -3.67 17.37
C GLY A 68 -12.97 -3.83 18.45
N GLY A 1 1.95 -0.80 14.49
CA GLY A 1 1.58 -0.75 13.09
C GLY A 1 1.98 0.58 12.46
N SER A 2 1.38 0.85 11.30
CA SER A 2 1.66 2.09 10.59
C SER A 2 0.55 3.10 10.83
N SER A 3 0.87 4.10 11.65
CA SER A 3 -0.10 5.13 11.97
C SER A 3 0.61 6.46 12.25
N GLY A 4 0.52 7.36 11.27
CA GLY A 4 1.16 8.65 11.40
C GLY A 4 0.13 9.78 11.30
N SER A 5 -0.09 10.24 10.08
CA SER A 5 -1.03 11.31 9.83
C SER A 5 -1.68 11.12 8.46
N SER A 6 -2.99 10.90 8.48
CA SER A 6 -3.74 10.71 7.26
C SER A 6 -3.17 9.53 6.47
N GLY A 7 -3.93 9.09 5.48
CA GLY A 7 -3.51 7.98 4.65
C GLY A 7 -4.62 6.93 4.53
N GLU A 8 -4.32 5.88 3.77
CA GLU A 8 -5.28 4.81 3.57
C GLU A 8 -4.62 3.45 3.85
N GLU A 9 -4.94 2.91 5.02
CA GLU A 9 -4.38 1.62 5.42
C GLU A 9 -4.97 0.51 4.55
N PHE A 10 -4.07 -0.20 3.88
CA PHE A 10 -4.49 -1.30 3.02
C PHE A 10 -3.62 -2.54 3.25
N VAL A 11 -4.04 -3.64 2.64
CA VAL A 11 -3.32 -4.89 2.78
C VAL A 11 -2.99 -5.45 1.38
N ALA A 12 -1.77 -5.93 1.25
CA ALA A 12 -1.32 -6.50 -0.01
C ALA A 12 -2.04 -7.83 -0.26
N ILE A 13 -2.64 -7.93 -1.44
CA ILE A 13 -3.35 -9.15 -1.80
C ILE A 13 -2.36 -10.17 -2.35
N ALA A 14 -1.09 -9.79 -2.33
CA ALA A 14 -0.04 -10.67 -2.81
C ALA A 14 1.32 -10.07 -2.46
N ASP A 15 2.34 -10.92 -2.51
CA ASP A 15 3.68 -10.49 -2.20
C ASP A 15 4.33 -9.88 -3.45
N TYR A 16 4.53 -8.57 -3.39
CA TYR A 16 5.12 -7.86 -4.51
C TYR A 16 6.56 -7.46 -4.19
N ALA A 17 7.39 -7.47 -5.23
CA ALA A 17 8.79 -7.11 -5.08
C ALA A 17 9.16 -6.06 -6.13
N ALA A 18 9.24 -4.81 -5.67
CA ALA A 18 9.58 -3.71 -6.55
C ALA A 18 10.88 -4.03 -7.29
N THR A 19 10.96 -3.57 -8.53
CA THR A 19 12.14 -3.81 -9.34
C THR A 19 13.07 -2.60 -9.30
N ASP A 20 12.46 -1.43 -9.29
CA ASP A 20 13.22 -0.19 -9.25
C ASP A 20 13.13 0.41 -7.84
N GLU A 21 13.71 1.59 -7.71
CA GLU A 21 13.71 2.28 -6.42
C GLU A 21 12.56 3.29 -6.36
N THR A 22 11.60 3.10 -7.25
CA THR A 22 10.44 3.98 -7.31
C THR A 22 9.19 3.25 -6.79
N GLN A 23 9.40 2.01 -6.40
CA GLN A 23 8.29 1.20 -5.89
C GLN A 23 8.70 0.55 -4.57
N LEU A 24 7.69 0.24 -3.76
CA LEU A 24 7.93 -0.39 -2.47
C LEU A 24 7.63 -1.89 -2.58
N SER A 25 8.24 -2.65 -1.70
CA SER A 25 8.05 -4.09 -1.68
C SER A 25 7.40 -4.52 -0.36
N PHE A 26 6.39 -5.37 -0.49
CA PHE A 26 5.68 -5.86 0.68
C PHE A 26 5.22 -7.31 0.47
N LEU A 27 4.67 -7.87 1.54
CA LEU A 27 4.19 -9.24 1.50
C LEU A 27 2.68 -9.26 1.74
N ARG A 28 2.02 -10.19 1.08
CA ARG A 28 0.58 -10.32 1.21
C ARG A 28 0.17 -10.21 2.69
N GLY A 29 -0.50 -9.11 2.99
CA GLY A 29 -0.94 -8.86 4.36
C GLY A 29 -0.33 -7.57 4.91
N GLU A 30 0.91 -7.33 4.52
CA GLU A 30 1.61 -6.14 4.97
C GLU A 30 0.69 -4.91 4.89
N LYS A 31 0.68 -4.16 5.99
CA LYS A 31 -0.15 -2.97 6.06
C LYS A 31 0.50 -1.85 5.25
N ILE A 32 -0.01 -1.65 4.05
CA ILE A 32 0.51 -0.62 3.18
C ILE A 32 -0.30 0.66 3.35
N LEU A 33 0.40 1.75 3.63
CA LEU A 33 -0.25 3.03 3.82
C LEU A 33 -0.38 3.74 2.47
N ILE A 34 -1.63 3.98 2.09
CA ILE A 34 -1.91 4.64 0.83
C ILE A 34 -2.02 6.16 1.06
N LEU A 35 -0.87 6.80 1.12
CA LEU A 35 -0.83 8.23 1.34
C LEU A 35 -1.82 8.92 0.40
N ARG A 36 -1.48 8.89 -0.89
CA ARG A 36 -2.33 9.50 -1.89
C ARG A 36 -2.47 8.57 -3.10
N GLN A 37 -3.35 8.97 -4.01
CA GLN A 37 -3.58 8.18 -5.21
C GLN A 37 -3.48 9.07 -6.45
N THR A 38 -2.25 9.47 -6.76
CA THR A 38 -2.01 10.32 -7.91
C THR A 38 -2.91 9.90 -9.08
N THR A 39 -3.17 8.61 -9.15
CA THR A 39 -4.01 8.07 -10.21
C THR A 39 -4.79 6.85 -9.71
N ALA A 40 -5.53 6.24 -10.62
CA ALA A 40 -6.32 5.07 -10.29
C ALA A 40 -5.56 3.81 -10.71
N ASP A 41 -4.32 4.02 -11.11
CA ASP A 41 -3.47 2.91 -11.55
C ASP A 41 -2.25 2.82 -10.64
N TRP A 42 -1.71 3.98 -10.30
CA TRP A 42 -0.55 4.04 -9.43
C TRP A 42 -0.92 4.85 -8.19
N TRP A 43 -0.63 4.28 -7.04
CA TRP A 43 -0.93 4.93 -5.77
C TRP A 43 0.41 5.29 -5.11
N TRP A 44 0.36 6.33 -4.28
CA TRP A 44 1.54 6.78 -3.57
C TRP A 44 1.48 6.23 -2.15
N GLY A 45 2.30 5.22 -1.90
CA GLY A 45 2.35 4.60 -0.59
C GLY A 45 3.58 5.07 0.19
N GLU A 46 3.60 4.70 1.47
CA GLU A 46 4.71 5.07 2.33
C GLU A 46 5.09 3.90 3.24
N ARG A 47 6.34 3.48 3.12
CA ARG A 47 6.84 2.38 3.91
C ARG A 47 7.47 2.90 5.22
N ALA A 48 8.04 1.98 5.98
CA ALA A 48 8.67 2.34 7.23
C ALA A 48 9.82 3.33 6.97
N GLY A 49 9.55 4.59 7.27
CA GLY A 49 10.53 5.63 7.07
C GLY A 49 10.89 5.78 5.59
N CYS A 50 10.13 5.07 4.76
CA CYS A 50 10.35 5.11 3.32
C CYS A 50 9.13 5.75 2.67
N CYS A 51 9.32 6.18 1.43
CA CYS A 51 8.24 6.81 0.68
C CYS A 51 8.44 6.50 -0.81
N GLY A 52 7.53 5.71 -1.34
CA GLY A 52 7.59 5.34 -2.74
C GLY A 52 6.19 5.14 -3.32
N TYR A 53 6.16 4.81 -4.60
CA TYR A 53 4.89 4.59 -5.29
C TYR A 53 4.51 3.11 -5.27
N ILE A 54 3.21 2.87 -5.37
CA ILE A 54 2.70 1.50 -5.37
C ILE A 54 1.62 1.37 -6.43
N PRO A 55 1.48 0.13 -6.97
CA PRO A 55 0.48 -0.14 -8.00
C PRO A 55 -0.91 -0.22 -7.38
N ALA A 56 -1.90 -0.21 -8.27
CA ALA A 56 -3.30 -0.28 -7.84
C ALA A 56 -3.89 -1.62 -8.28
N ASN A 57 -3.69 -2.63 -7.44
CA ASN A 57 -4.19 -3.96 -7.73
C ASN A 57 -3.58 -4.97 -6.75
N HIS A 58 -2.32 -4.71 -6.42
CA HIS A 58 -1.60 -5.59 -5.49
C HIS A 58 -2.15 -5.38 -4.07
N VAL A 59 -2.64 -4.17 -3.83
CA VAL A 59 -3.18 -3.84 -2.53
C VAL A 59 -4.70 -3.79 -2.61
N GLY A 60 -5.34 -3.88 -1.45
CA GLY A 60 -6.78 -3.84 -1.38
C GLY A 60 -7.27 -3.93 0.07
N LYS A 61 -8.58 -3.81 0.24
CA LYS A 61 -9.17 -3.87 1.56
C LYS A 61 -9.70 -5.28 1.81
N HIS A 62 -8.78 -6.16 2.21
CA HIS A 62 -9.15 -7.54 2.49
C HIS A 62 -9.45 -7.70 3.98
N SER A 63 -10.50 -8.46 4.25
CA SER A 63 -10.91 -8.69 5.63
C SER A 63 -9.71 -9.19 6.45
N GLY A 64 -9.50 -8.53 7.57
CA GLY A 64 -8.40 -8.89 8.46
C GLY A 64 -8.30 -10.41 8.61
N PRO A 65 -7.32 -11.00 7.89
CA PRO A 65 -7.11 -12.43 7.94
C PRO A 65 -6.43 -12.84 9.25
N SER A 66 -7.25 -12.99 10.28
CA SER A 66 -6.74 -13.37 11.59
C SER A 66 -5.74 -14.51 11.45
N SER A 67 -4.47 -14.18 11.67
CA SER A 67 -3.41 -15.16 11.57
C SER A 67 -3.62 -16.27 12.60
N GLY A 68 -3.71 -15.84 13.86
CA GLY A 68 -3.91 -16.79 14.95
C GLY A 68 -2.62 -16.98 15.75
N GLY A 1 -6.34 23.32 11.81
CA GLY A 1 -6.69 21.99 12.27
C GLY A 1 -6.17 20.91 11.32
N SER A 2 -4.95 20.47 11.61
CA SER A 2 -4.32 19.45 10.79
C SER A 2 -3.21 18.76 11.58
N SER A 3 -3.60 17.77 12.36
CA SER A 3 -2.65 17.02 13.17
C SER A 3 -2.65 15.55 12.75
N GLY A 4 -1.46 15.06 12.43
CA GLY A 4 -1.30 13.68 12.02
C GLY A 4 -1.43 13.55 10.49
N SER A 5 -1.32 12.31 10.03
CA SER A 5 -1.42 12.03 8.61
C SER A 5 -2.57 11.05 8.35
N SER A 6 -3.63 11.57 7.74
CA SER A 6 -4.78 10.75 7.43
C SER A 6 -4.51 9.93 6.18
N GLY A 7 -4.16 8.66 6.41
CA GLY A 7 -3.87 7.75 5.31
C GLY A 7 -4.87 6.60 5.27
N GLU A 8 -4.61 5.66 4.39
CA GLU A 8 -5.48 4.50 4.24
C GLU A 8 -4.68 3.21 4.40
N GLU A 9 -4.98 2.49 5.47
CA GLU A 9 -4.30 1.24 5.74
C GLU A 9 -4.86 0.12 4.86
N PHE A 10 -4.05 -0.30 3.90
CA PHE A 10 -4.46 -1.35 2.98
C PHE A 10 -3.62 -2.61 3.21
N VAL A 11 -4.09 -3.70 2.62
CA VAL A 11 -3.40 -4.98 2.74
C VAL A 11 -3.09 -5.52 1.35
N ALA A 12 -1.87 -6.04 1.21
CA ALA A 12 -1.43 -6.59 -0.05
C ALA A 12 -2.17 -7.91 -0.32
N ILE A 13 -2.93 -7.93 -1.40
CA ILE A 13 -3.68 -9.11 -1.77
C ILE A 13 -2.73 -10.17 -2.31
N ALA A 14 -1.49 -9.74 -2.55
CA ALA A 14 -0.48 -10.64 -3.07
C ALA A 14 0.89 -9.95 -3.00
N ASP A 15 1.88 -10.71 -2.58
CA ASP A 15 3.23 -10.20 -2.47
C ASP A 15 3.66 -9.58 -3.80
N TYR A 16 4.40 -8.49 -3.71
CA TYR A 16 4.87 -7.80 -4.90
C TYR A 16 6.37 -7.50 -4.80
N ALA A 17 7.00 -7.36 -5.95
CA ALA A 17 8.41 -7.07 -6.01
C ALA A 17 8.65 -5.86 -6.90
N ALA A 18 9.10 -4.78 -6.27
CA ALA A 18 9.36 -3.54 -6.99
C ALA A 18 10.29 -3.83 -8.16
N THR A 19 9.87 -3.36 -9.34
CA THR A 19 10.66 -3.57 -10.54
C THR A 19 11.71 -2.47 -10.69
N ASP A 20 11.40 -1.31 -10.13
CA ASP A 20 12.31 -0.18 -10.18
C ASP A 20 12.81 0.13 -8.77
N GLU A 21 13.59 1.20 -8.68
CA GLU A 21 14.14 1.61 -7.40
C GLU A 21 13.29 2.74 -6.80
N THR A 22 12.08 2.86 -7.31
CA THR A 22 11.16 3.89 -6.84
C THR A 22 9.82 3.26 -6.45
N GLN A 23 9.84 1.95 -6.27
CA GLN A 23 8.64 1.22 -5.90
C GLN A 23 8.81 0.60 -4.51
N LEU A 24 7.68 0.20 -3.93
CA LEU A 24 7.69 -0.41 -2.61
C LEU A 24 7.34 -1.90 -2.74
N SER A 25 8.04 -2.70 -1.95
CA SER A 25 7.81 -4.14 -1.97
C SER A 25 7.27 -4.60 -0.62
N PHE A 26 6.19 -5.36 -0.68
CA PHE A 26 5.57 -5.87 0.53
C PHE A 26 5.10 -7.31 0.35
N LEU A 27 4.60 -7.89 1.43
CA LEU A 27 4.13 -9.26 1.40
C LEU A 27 2.63 -9.28 1.68
N ARG A 28 1.94 -10.19 1.01
CA ARG A 28 0.51 -10.32 1.17
C ARG A 28 0.13 -10.20 2.65
N GLY A 29 -0.59 -9.13 2.97
CA GLY A 29 -1.01 -8.90 4.34
C GLY A 29 -0.40 -7.61 4.89
N GLU A 30 0.84 -7.35 4.49
CA GLU A 30 1.54 -6.16 4.93
C GLU A 30 0.62 -4.95 4.86
N LYS A 31 0.63 -4.18 5.94
CA LYS A 31 -0.20 -2.99 6.02
C LYS A 31 0.46 -1.86 5.21
N ILE A 32 -0.10 -1.62 4.03
CA ILE A 32 0.42 -0.58 3.17
C ILE A 32 -0.39 0.71 3.37
N LEU A 33 0.32 1.80 3.59
CA LEU A 33 -0.32 3.09 3.80
C LEU A 33 -0.45 3.80 2.46
N ILE A 34 -1.70 4.10 2.11
CA ILE A 34 -1.97 4.79 0.85
C ILE A 34 -2.14 6.28 1.12
N LEU A 35 -1.09 7.03 0.83
CA LEU A 35 -1.12 8.47 1.04
C LEU A 35 -2.08 9.11 0.03
N ARG A 36 -1.67 9.06 -1.23
CA ARG A 36 -2.49 9.62 -2.29
C ARG A 36 -2.78 8.57 -3.37
N GLN A 37 -3.66 8.92 -4.28
CA GLN A 37 -4.03 8.03 -5.35
C GLN A 37 -3.30 8.41 -6.64
N THR A 38 -2.90 9.67 -6.71
CA THR A 38 -2.20 10.18 -7.87
C THR A 38 -3.11 10.16 -9.10
N THR A 39 -3.33 8.96 -9.61
CA THR A 39 -4.17 8.78 -10.78
C THR A 39 -5.30 7.80 -10.48
N ALA A 40 -4.90 6.55 -10.24
CA ALA A 40 -5.87 5.51 -9.93
C ALA A 40 -5.20 4.14 -10.10
N ASP A 41 -4.26 4.09 -11.03
CA ASP A 41 -3.55 2.85 -11.30
C ASP A 41 -2.26 2.83 -10.48
N TRP A 42 -1.78 4.02 -10.16
CA TRP A 42 -0.56 4.15 -9.38
C TRP A 42 -0.89 4.96 -8.12
N TRP A 43 -0.59 4.36 -6.97
CA TRP A 43 -0.85 5.01 -5.70
C TRP A 43 0.50 5.32 -5.05
N TRP A 44 0.50 6.35 -4.22
CA TRP A 44 1.71 6.76 -3.53
C TRP A 44 1.61 6.28 -2.08
N GLY A 45 2.42 5.29 -1.76
CA GLY A 45 2.42 4.73 -0.42
C GLY A 45 3.71 5.12 0.33
N GLU A 46 3.80 4.65 1.56
CA GLU A 46 4.97 4.93 2.38
C GLU A 46 5.34 3.72 3.23
N ARG A 47 6.56 3.25 3.03
CA ARG A 47 7.04 2.09 3.77
C ARG A 47 7.78 2.54 5.03
N ALA A 48 8.27 1.56 5.77
CA ALA A 48 8.99 1.84 7.00
C ALA A 48 10.17 2.75 6.69
N GLY A 49 10.00 4.02 7.03
CA GLY A 49 11.05 5.01 6.80
C GLY A 49 11.33 5.15 5.31
N CYS A 50 10.50 4.51 4.51
CA CYS A 50 10.64 4.56 3.06
C CYS A 50 9.42 5.28 2.48
N CYS A 51 9.60 5.78 1.27
CA CYS A 51 8.52 6.49 0.59
C CYS A 51 8.68 6.27 -0.91
N GLY A 52 7.74 5.52 -1.48
CA GLY A 52 7.77 5.24 -2.90
C GLY A 52 6.35 5.07 -3.45
N TYR A 53 6.28 4.74 -4.73
CA TYR A 53 5.00 4.55 -5.38
C TYR A 53 4.57 3.08 -5.32
N ILE A 54 3.27 2.88 -5.34
CA ILE A 54 2.71 1.53 -5.29
C ILE A 54 1.59 1.41 -6.33
N PRO A 55 1.44 0.17 -6.87
CA PRO A 55 0.41 -0.09 -7.87
C PRO A 55 -0.97 -0.18 -7.22
N ALA A 56 -1.99 -0.01 -8.04
CA ALA A 56 -3.35 -0.06 -7.57
C ALA A 56 -4.01 -1.35 -8.06
N ASN A 57 -3.77 -2.42 -7.32
CA ASN A 57 -4.33 -3.71 -7.66
C ASN A 57 -3.83 -4.77 -6.68
N HIS A 58 -2.54 -4.65 -6.34
CA HIS A 58 -1.92 -5.57 -5.41
C HIS A 58 -2.47 -5.34 -4.00
N VAL A 59 -3.02 -4.14 -3.81
CA VAL A 59 -3.58 -3.77 -2.52
C VAL A 59 -5.08 -3.48 -2.68
N GLY A 60 -5.83 -3.85 -1.66
CA GLY A 60 -7.26 -3.64 -1.68
C GLY A 60 -7.87 -3.83 -0.29
N LYS A 61 -9.07 -4.38 -0.27
CA LYS A 61 -9.77 -4.61 0.99
C LYS A 61 -9.89 -3.30 1.77
N HIS A 62 -10.65 -3.36 2.84
CA HIS A 62 -10.86 -2.18 3.68
C HIS A 62 -11.31 -2.61 5.07
N SER A 63 -10.73 -1.96 6.07
CA SER A 63 -11.06 -2.26 7.45
C SER A 63 -11.14 -0.97 8.27
N GLY A 64 -10.04 -0.25 8.30
CA GLY A 64 -9.98 1.00 9.03
C GLY A 64 -8.74 1.05 9.93
N PRO A 65 -8.60 2.19 10.65
CA PRO A 65 -7.47 2.37 11.55
C PRO A 65 -7.63 1.55 12.82
N SER A 66 -7.09 0.34 12.79
CA SER A 66 -7.17 -0.54 13.93
C SER A 66 -5.82 -0.63 14.63
N SER A 67 -5.77 -0.06 15.83
CA SER A 67 -4.55 -0.06 16.62
C SER A 67 -3.47 0.75 15.90
N GLY A 68 -2.89 0.15 14.87
CA GLY A 68 -1.86 0.81 14.11
C GLY A 68 -0.69 -0.14 13.83
N GLY A 1 5.29 11.99 18.17
CA GLY A 1 3.93 12.29 17.76
C GLY A 1 3.34 11.13 16.95
N SER A 2 3.49 11.24 15.64
CA SER A 2 2.96 10.22 14.74
C SER A 2 3.29 10.60 13.29
N SER A 3 3.88 9.65 12.58
CA SER A 3 4.24 9.87 11.19
C SER A 3 3.18 9.26 10.28
N GLY A 4 2.33 10.12 9.74
CA GLY A 4 1.27 9.68 8.85
C GLY A 4 0.44 10.87 8.35
N SER A 5 -0.32 11.45 9.26
CA SER A 5 -1.15 12.59 8.93
C SER A 5 -2.03 12.26 7.72
N SER A 6 -3.16 11.63 8.01
CA SER A 6 -4.10 11.26 6.96
C SER A 6 -3.47 10.19 6.06
N GLY A 7 -4.19 9.08 5.91
CA GLY A 7 -3.71 7.99 5.08
C GLY A 7 -4.76 6.88 4.99
N GLU A 8 -4.52 5.96 4.06
CA GLU A 8 -5.43 4.85 3.86
C GLU A 8 -4.71 3.52 4.08
N GLU A 9 -5.06 2.87 5.18
CA GLU A 9 -4.45 1.59 5.52
C GLU A 9 -4.99 0.49 4.61
N PHE A 10 -4.06 -0.13 3.89
CA PHE A 10 -4.43 -1.20 2.98
C PHE A 10 -3.53 -2.43 3.18
N VAL A 11 -4.01 -3.56 2.70
CA VAL A 11 -3.27 -4.80 2.82
C VAL A 11 -2.93 -5.33 1.43
N ALA A 12 -1.74 -5.89 1.32
CA ALA A 12 -1.28 -6.44 0.05
C ALA A 12 -2.00 -7.77 -0.21
N ILE A 13 -2.76 -7.79 -1.30
CA ILE A 13 -3.49 -8.99 -1.67
C ILE A 13 -2.52 -10.00 -2.28
N ALA A 14 -1.27 -9.58 -2.41
CA ALA A 14 -0.25 -10.44 -2.96
C ALA A 14 1.12 -9.78 -2.79
N ASP A 15 2.10 -10.60 -2.42
CA ASP A 15 3.45 -10.10 -2.22
C ASP A 15 3.98 -9.51 -3.53
N TYR A 16 4.69 -8.41 -3.40
CA TYR A 16 5.25 -7.74 -4.56
C TYR A 16 6.74 -7.42 -4.34
N ALA A 17 7.42 -7.17 -5.45
CA ALA A 17 8.83 -6.86 -5.40
C ALA A 17 9.12 -5.64 -6.28
N ALA A 18 9.55 -4.56 -5.63
CA ALA A 18 9.84 -3.34 -6.34
C ALA A 18 10.85 -3.64 -7.46
N THR A 19 10.39 -3.43 -8.69
CA THR A 19 11.22 -3.67 -9.85
C THR A 19 12.13 -2.46 -10.12
N ASP A 20 11.84 -1.39 -9.41
CA ASP A 20 12.62 -0.17 -9.56
C ASP A 20 12.89 0.44 -8.17
N GLU A 21 13.69 1.49 -8.16
CA GLU A 21 14.03 2.16 -6.92
C GLU A 21 13.00 3.26 -6.62
N THR A 22 11.85 3.15 -7.29
CA THR A 22 10.79 4.13 -7.11
C THR A 22 9.51 3.42 -6.68
N GLN A 23 9.65 2.17 -6.30
CA GLN A 23 8.51 1.37 -5.87
C GLN A 23 8.77 0.80 -4.47
N LEU A 24 7.66 0.48 -3.79
CA LEU A 24 7.75 -0.08 -2.45
C LEU A 24 7.58 -1.60 -2.51
N SER A 25 8.27 -2.28 -1.63
CA SER A 25 8.19 -3.73 -1.58
C SER A 25 7.50 -4.18 -0.29
N PHE A 26 6.63 -5.16 -0.43
CA PHE A 26 5.90 -5.69 0.71
C PHE A 26 5.48 -7.14 0.47
N LEU A 27 4.78 -7.68 1.45
CA LEU A 27 4.31 -9.06 1.36
C LEU A 27 2.81 -9.10 1.64
N ARG A 28 2.13 -9.97 0.92
CA ARG A 28 0.70 -10.13 1.07
C ARG A 28 0.32 -10.03 2.55
N GLY A 29 -0.45 -8.99 2.87
CA GLY A 29 -0.89 -8.77 4.24
C GLY A 29 -0.28 -7.48 4.81
N GLU A 30 0.99 -7.28 4.49
CA GLU A 30 1.71 -6.10 4.97
C GLU A 30 0.78 -4.89 4.93
N LYS A 31 0.81 -4.13 6.02
CA LYS A 31 -0.01 -2.94 6.13
C LYS A 31 0.60 -1.82 5.26
N ILE A 32 0.01 -1.65 4.09
CA ILE A 32 0.47 -0.63 3.16
C ILE A 32 -0.36 0.64 3.34
N LEU A 33 0.34 1.73 3.62
CA LEU A 33 -0.32 3.01 3.81
C LEU A 33 -0.46 3.72 2.46
N ILE A 34 -1.69 3.95 2.06
CA ILE A 34 -1.97 4.62 0.81
C ILE A 34 -2.07 6.13 1.05
N LEU A 35 -0.91 6.76 1.20
CA LEU A 35 -0.88 8.19 1.43
C LEU A 35 -1.81 8.90 0.46
N ARG A 36 -1.44 8.84 -0.81
CA ARG A 36 -2.23 9.47 -1.86
C ARG A 36 -2.51 8.48 -2.98
N GLN A 37 -3.51 8.82 -3.79
CA GLN A 37 -3.89 7.96 -4.91
C GLN A 37 -3.27 8.48 -6.20
N THR A 38 -3.47 9.77 -6.45
CA THR A 38 -2.93 10.39 -7.65
C THR A 38 -3.62 9.83 -8.89
N THR A 39 -3.32 8.57 -9.18
CA THR A 39 -3.91 7.90 -10.33
C THR A 39 -4.65 6.63 -9.90
N ALA A 40 -5.53 6.18 -10.78
CA ALA A 40 -6.30 4.98 -10.50
C ALA A 40 -5.51 3.75 -10.96
N ASP A 41 -4.24 4.00 -11.28
CA ASP A 41 -3.38 2.92 -11.73
C ASP A 41 -2.16 2.84 -10.80
N TRP A 42 -1.64 4.00 -10.45
CA TRP A 42 -0.49 4.08 -9.57
C TRP A 42 -0.89 4.89 -8.33
N TRP A 43 -0.58 4.32 -7.17
CA TRP A 43 -0.89 4.97 -5.91
C TRP A 43 0.41 5.34 -5.23
N TRP A 44 0.31 6.29 -4.30
CA TRP A 44 1.47 6.75 -3.57
C TRP A 44 1.40 6.19 -2.15
N GLY A 45 2.25 5.22 -1.87
CA GLY A 45 2.29 4.59 -0.56
C GLY A 45 3.50 5.07 0.24
N GLU A 46 3.55 4.63 1.49
CA GLU A 46 4.65 5.01 2.37
C GLU A 46 4.97 3.87 3.33
N ARG A 47 6.20 3.40 3.27
CA ARG A 47 6.64 2.32 4.12
C ARG A 47 7.32 2.87 5.38
N ALA A 48 7.83 1.97 6.19
CA ALA A 48 8.50 2.35 7.42
C ALA A 48 9.65 3.29 7.10
N GLY A 49 9.42 4.58 7.35
CA GLY A 49 10.43 5.58 7.08
C GLY A 49 10.78 5.64 5.59
N CYS A 50 9.98 4.93 4.81
CA CYS A 50 10.20 4.89 3.38
C CYS A 50 9.00 5.55 2.69
N CYS A 51 9.23 6.01 1.47
CA CYS A 51 8.19 6.66 0.71
C CYS A 51 8.43 6.37 -0.78
N GLY A 52 7.53 5.61 -1.35
CA GLY A 52 7.62 5.24 -2.76
C GLY A 52 6.24 5.07 -3.38
N TYR A 53 6.24 4.76 -4.67
CA TYR A 53 4.99 4.56 -5.39
C TYR A 53 4.57 3.10 -5.37
N ILE A 54 3.27 2.88 -5.40
CA ILE A 54 2.73 1.53 -5.39
C ILE A 54 1.63 1.42 -6.44
N PRO A 55 1.45 0.18 -6.96
CA PRO A 55 0.45 -0.08 -7.97
C PRO A 55 -0.96 -0.11 -7.35
N ALA A 56 -1.95 -0.07 -8.22
CA ALA A 56 -3.34 -0.11 -7.77
C ALA A 56 -3.97 -1.44 -8.18
N ASN A 57 -3.76 -2.45 -7.34
CA ASN A 57 -4.30 -3.76 -7.60
C ASN A 57 -3.71 -4.76 -6.60
N HIS A 58 -2.45 -4.53 -6.26
CA HIS A 58 -1.75 -5.40 -5.33
C HIS A 58 -2.35 -5.21 -3.92
N VAL A 59 -2.86 -4.01 -3.69
CA VAL A 59 -3.45 -3.69 -2.41
C VAL A 59 -4.97 -3.76 -2.51
N GLY A 60 -5.60 -4.19 -1.42
CA GLY A 60 -7.04 -4.30 -1.38
C GLY A 60 -7.57 -4.98 -2.66
N LYS A 61 -8.88 -4.88 -2.84
CA LYS A 61 -9.52 -5.48 -3.99
C LYS A 61 -10.99 -5.05 -4.03
N HIS A 62 -11.67 -5.28 -2.92
CA HIS A 62 -13.07 -4.92 -2.80
C HIS A 62 -13.33 -4.24 -1.46
N SER A 63 -12.95 -4.93 -0.41
CA SER A 63 -13.13 -4.41 0.94
C SER A 63 -14.61 -4.20 1.22
N GLY A 64 -15.00 -4.48 2.46
CA GLY A 64 -16.38 -4.32 2.87
C GLY A 64 -16.61 -4.93 4.26
N PRO A 65 -17.91 -5.26 4.53
CA PRO A 65 -18.27 -5.84 5.82
C PRO A 65 -17.84 -7.31 5.89
N SER A 66 -17.75 -7.80 7.12
CA SER A 66 -17.35 -9.18 7.34
C SER A 66 -18.44 -9.92 8.12
N SER A 67 -18.62 -11.19 7.77
CA SER A 67 -19.62 -12.01 8.42
C SER A 67 -19.24 -13.49 8.31
N GLY A 68 -19.06 -14.10 9.47
CA GLY A 68 -18.70 -15.51 9.52
C GLY A 68 -17.27 -15.72 9.04
N GLY A 1 -1.38 21.29 -4.65
CA GLY A 1 -0.54 20.86 -3.55
C GLY A 1 -1.06 19.57 -2.94
N SER A 2 -0.33 19.08 -1.95
CA SER A 2 -0.71 17.85 -1.26
C SER A 2 -2.12 17.98 -0.70
N SER A 3 -2.76 16.84 -0.50
CA SER A 3 -4.11 16.81 0.02
C SER A 3 -4.29 15.59 0.95
N GLY A 4 -5.12 15.78 1.95
CA GLY A 4 -5.38 14.72 2.91
C GLY A 4 -4.45 14.82 4.12
N SER A 5 -5.01 14.52 5.28
CA SER A 5 -4.23 14.58 6.52
C SER A 5 -3.89 13.16 6.98
N SER A 6 -4.93 12.37 7.18
CA SER A 6 -4.74 10.99 7.61
C SER A 6 -4.62 10.07 6.40
N GLY A 7 -4.02 8.91 6.65
CA GLY A 7 -3.83 7.93 5.59
C GLY A 7 -4.74 6.72 5.78
N GLU A 8 -4.66 5.80 4.84
CA GLU A 8 -5.47 4.59 4.90
C GLU A 8 -4.59 3.35 4.92
N GLU A 9 -4.93 2.42 5.80
CA GLU A 9 -4.18 1.19 5.93
C GLU A 9 -4.76 0.11 5.02
N PHE A 10 -3.93 -0.33 4.07
CA PHE A 10 -4.36 -1.35 3.13
C PHE A 10 -3.53 -2.63 3.31
N VAL A 11 -4.05 -3.71 2.76
CA VAL A 11 -3.38 -4.99 2.84
C VAL A 11 -3.15 -5.54 1.43
N ALA A 12 -1.95 -6.07 1.21
CA ALA A 12 -1.60 -6.63 -0.08
C ALA A 12 -2.36 -7.93 -0.29
N ILE A 13 -3.20 -7.94 -1.32
CA ILE A 13 -4.00 -9.11 -1.64
C ILE A 13 -3.06 -10.24 -2.08
N ALA A 14 -1.84 -9.86 -2.43
CA ALA A 14 -0.85 -10.83 -2.87
C ALA A 14 0.54 -10.19 -2.82
N ASP A 15 1.54 -11.05 -2.72
CA ASP A 15 2.92 -10.59 -2.66
C ASP A 15 3.26 -9.85 -3.96
N TYR A 16 4.06 -8.81 -3.81
CA TYR A 16 4.47 -8.01 -4.95
C TYR A 16 5.98 -7.76 -4.92
N ALA A 17 6.55 -7.58 -6.12
CA ALA A 17 7.97 -7.31 -6.25
C ALA A 17 8.18 -6.09 -7.13
N ALA A 18 8.72 -5.05 -6.51
CA ALA A 18 8.98 -3.81 -7.23
C ALA A 18 9.81 -4.11 -8.47
N THR A 19 9.36 -3.57 -9.60
CA THR A 19 10.04 -3.77 -10.86
C THR A 19 11.18 -2.76 -11.02
N ASP A 20 10.92 -1.55 -10.53
CA ASP A 20 11.91 -0.49 -10.62
C ASP A 20 12.47 -0.21 -9.22
N GLU A 21 13.27 0.85 -9.13
CA GLU A 21 13.87 1.22 -7.87
C GLU A 21 13.09 2.37 -7.23
N THR A 22 11.88 2.56 -7.71
CA THR A 22 11.01 3.60 -7.20
C THR A 22 9.65 3.03 -6.78
N GLN A 23 9.68 1.78 -6.39
CA GLN A 23 8.46 1.11 -5.96
C GLN A 23 8.64 0.50 -4.57
N LEU A 24 7.51 0.16 -3.96
CA LEU A 24 7.54 -0.43 -2.63
C LEU A 24 7.21 -1.92 -2.74
N SER A 25 7.98 -2.71 -2.00
CA SER A 25 7.79 -4.16 -2.00
C SER A 25 7.21 -4.61 -0.66
N PHE A 26 6.18 -5.44 -0.75
CA PHE A 26 5.53 -5.95 0.45
C PHE A 26 5.08 -7.40 0.26
N LEU A 27 4.46 -7.94 1.30
CA LEU A 27 3.99 -9.31 1.25
C LEU A 27 2.51 -9.34 1.64
N ARG A 28 1.78 -10.23 0.98
CA ARG A 28 0.36 -10.38 1.25
C ARG A 28 0.08 -10.24 2.75
N GLY A 29 -0.77 -9.28 3.07
CA GLY A 29 -1.14 -9.03 4.46
C GLY A 29 -0.45 -7.77 4.98
N GLU A 30 0.74 -7.52 4.46
CA GLU A 30 1.51 -6.35 4.86
C GLU A 30 0.62 -5.12 4.89
N LYS A 31 0.68 -4.40 6.00
CA LYS A 31 -0.12 -3.19 6.16
C LYS A 31 0.52 -2.05 5.36
N ILE A 32 -0.07 -1.78 4.21
CA ILE A 32 0.42 -0.72 3.34
C ILE A 32 -0.34 0.57 3.63
N LEU A 33 0.28 1.68 3.27
CA LEU A 33 -0.33 2.99 3.48
C LEU A 33 -0.55 3.67 2.14
N ILE A 34 -1.74 4.22 1.97
CA ILE A 34 -2.09 4.90 0.73
C ILE A 34 -2.24 6.40 1.01
N LEU A 35 -1.17 7.13 0.78
CA LEU A 35 -1.17 8.57 1.00
C LEU A 35 -2.03 9.24 -0.06
N ARG A 36 -1.59 9.10 -1.31
CA ARG A 36 -2.32 9.69 -2.43
C ARG A 36 -2.51 8.65 -3.54
N GLN A 37 -3.54 8.87 -4.34
CA GLN A 37 -3.84 7.97 -5.44
C GLN A 37 -3.12 8.42 -6.71
N THR A 38 -2.65 9.65 -6.68
CA THR A 38 -1.94 10.21 -7.81
C THR A 38 -2.84 10.27 -9.04
N THR A 39 -3.00 9.11 -9.67
CA THR A 39 -3.83 9.01 -10.86
C THR A 39 -5.01 8.08 -10.60
N ALA A 40 -4.68 6.81 -10.37
CA ALA A 40 -5.71 5.82 -10.11
C ALA A 40 -5.07 4.43 -10.15
N ASP A 41 -4.16 4.24 -11.10
CA ASP A 41 -3.47 2.97 -11.25
C ASP A 41 -2.24 2.96 -10.36
N TRP A 42 -1.57 4.11 -10.30
CA TRP A 42 -0.38 4.23 -9.48
C TRP A 42 -0.73 5.05 -8.24
N TRP A 43 -0.49 4.46 -7.09
CA TRP A 43 -0.78 5.12 -5.83
C TRP A 43 0.56 5.43 -5.13
N TRP A 44 0.53 6.45 -4.29
CA TRP A 44 1.72 6.86 -3.57
C TRP A 44 1.58 6.38 -2.12
N GLY A 45 2.33 5.34 -1.79
CA GLY A 45 2.30 4.79 -0.46
C GLY A 45 3.56 5.17 0.32
N GLU A 46 3.70 4.57 1.50
CA GLU A 46 4.84 4.83 2.34
C GLU A 46 5.21 3.58 3.15
N ARG A 47 6.45 3.13 2.96
CA ARG A 47 6.93 1.95 3.66
C ARG A 47 7.60 2.34 4.97
N ALA A 48 8.13 1.34 5.66
CA ALA A 48 8.81 1.57 6.92
C ALA A 48 9.98 2.53 6.70
N GLY A 49 9.77 3.78 7.10
CA GLY A 49 10.80 4.80 6.96
C GLY A 49 11.12 5.04 5.48
N CYS A 50 10.33 4.41 4.63
CA CYS A 50 10.52 4.56 3.20
C CYS A 50 9.30 5.26 2.62
N CYS A 51 9.47 5.78 1.41
CA CYS A 51 8.39 6.49 0.74
C CYS A 51 8.56 6.29 -0.77
N GLY A 52 7.63 5.53 -1.34
CA GLY A 52 7.67 5.25 -2.77
C GLY A 52 6.26 5.06 -3.32
N TYR A 53 6.20 4.75 -4.61
CA TYR A 53 4.92 4.55 -5.28
C TYR A 53 4.48 3.08 -5.18
N ILE A 54 3.18 2.87 -5.38
CA ILE A 54 2.64 1.53 -5.32
C ILE A 54 1.51 1.40 -6.36
N PRO A 55 1.37 0.17 -6.91
CA PRO A 55 0.34 -0.10 -7.90
C PRO A 55 -1.04 -0.19 -7.25
N ALA A 56 -2.05 -0.10 -8.09
CA ALA A 56 -3.43 -0.18 -7.61
C ALA A 56 -4.05 -1.48 -8.10
N ASN A 57 -3.80 -2.54 -7.34
CA ASN A 57 -4.34 -3.85 -7.67
C ASN A 57 -3.83 -4.87 -6.64
N HIS A 58 -2.57 -4.70 -6.27
CA HIS A 58 -1.96 -5.61 -5.30
C HIS A 58 -2.56 -5.36 -3.91
N VAL A 59 -3.01 -4.14 -3.70
CA VAL A 59 -3.60 -3.77 -2.43
C VAL A 59 -5.10 -3.51 -2.63
N GLY A 60 -5.85 -3.79 -1.58
CA GLY A 60 -7.29 -3.61 -1.62
C GLY A 60 -7.87 -3.49 -0.21
N LYS A 61 -9.08 -4.02 -0.06
CA LYS A 61 -9.75 -3.98 1.23
C LYS A 61 -9.82 -5.39 1.81
N HIS A 62 -9.57 -5.48 3.11
CA HIS A 62 -9.61 -6.76 3.79
C HIS A 62 -10.86 -6.85 4.66
N SER A 63 -11.48 -8.02 4.63
CA SER A 63 -12.68 -8.25 5.41
C SER A 63 -12.32 -8.90 6.75
N GLY A 64 -11.74 -10.08 6.66
CA GLY A 64 -11.34 -10.81 7.86
C GLY A 64 -11.64 -12.30 7.70
N PRO A 65 -12.01 -12.94 8.85
CA PRO A 65 -12.32 -14.35 8.85
C PRO A 65 -13.69 -14.62 8.22
N SER A 66 -14.62 -13.73 8.53
CA SER A 66 -15.97 -13.85 8.01
C SER A 66 -16.58 -15.19 8.45
N SER A 67 -17.22 -15.15 9.60
CA SER A 67 -17.85 -16.35 10.14
C SER A 67 -18.74 -17.00 9.08
N GLY A 68 -18.97 -18.29 9.25
CA GLY A 68 -19.81 -19.03 8.32
C GLY A 68 -19.28 -20.45 8.13
N GLY A 1 0.09 15.43 8.82
CA GLY A 1 -1.23 15.75 9.33
C GLY A 1 -1.15 16.17 10.80
N SER A 2 -2.26 16.70 11.30
CA SER A 2 -2.33 17.14 12.68
C SER A 2 -3.00 16.06 13.55
N SER A 3 -4.31 15.98 13.43
CA SER A 3 -5.07 15.00 14.20
C SER A 3 -6.20 14.43 13.32
N GLY A 4 -6.42 13.14 13.49
CA GLY A 4 -7.46 12.46 12.73
C GLY A 4 -6.88 11.31 11.90
N SER A 5 -7.68 10.84 10.95
CA SER A 5 -7.26 9.76 10.09
C SER A 5 -5.93 10.10 9.42
N SER A 6 -5.12 9.07 9.22
CA SER A 6 -3.82 9.26 8.59
C SER A 6 -3.60 8.21 7.49
N GLY A 7 -4.04 8.56 6.30
CA GLY A 7 -3.91 7.66 5.16
C GLY A 7 -4.88 6.49 5.28
N GLU A 8 -4.69 5.52 4.39
CA GLU A 8 -5.55 4.35 4.39
C GLU A 8 -4.70 3.08 4.52
N GLU A 9 -5.00 2.31 5.57
CA GLU A 9 -4.28 1.08 5.83
C GLU A 9 -4.80 -0.04 4.92
N PHE A 10 -4.01 -0.34 3.90
CA PHE A 10 -4.39 -1.38 2.96
C PHE A 10 -3.53 -2.64 3.17
N VAL A 11 -4.04 -3.75 2.66
CA VAL A 11 -3.34 -5.02 2.78
C VAL A 11 -3.06 -5.58 1.39
N ALA A 12 -1.85 -6.08 1.21
CA ALA A 12 -1.45 -6.64 -0.06
C ALA A 12 -2.19 -7.97 -0.28
N ILE A 13 -2.99 -8.00 -1.33
CA ILE A 13 -3.76 -9.19 -1.66
C ILE A 13 -2.79 -10.31 -2.09
N ALA A 14 -1.59 -9.89 -2.45
CA ALA A 14 -0.57 -10.84 -2.88
C ALA A 14 0.81 -10.17 -2.81
N ASP A 15 1.82 -11.00 -2.61
CA ASP A 15 3.18 -10.50 -2.52
C ASP A 15 3.55 -9.78 -3.82
N TYR A 16 4.28 -8.69 -3.67
CA TYR A 16 4.70 -7.90 -4.82
C TYR A 16 6.19 -7.59 -4.75
N ALA A 17 6.78 -7.39 -5.93
CA ALA A 17 8.19 -7.09 -6.02
C ALA A 17 8.38 -5.83 -6.88
N ALA A 18 8.82 -4.78 -6.22
CA ALA A 18 9.06 -3.50 -6.90
C ALA A 18 9.96 -3.75 -8.11
N THR A 19 9.44 -3.42 -9.28
CA THR A 19 10.18 -3.59 -10.52
C THR A 19 11.23 -2.47 -10.67
N ASP A 20 10.93 -1.34 -10.05
CA ASP A 20 11.82 -0.20 -10.11
C ASP A 20 12.32 0.13 -8.70
N GLU A 21 13.27 1.06 -8.63
CA GLU A 21 13.82 1.46 -7.35
C GLU A 21 13.03 2.63 -6.78
N THR A 22 11.83 2.81 -7.31
CA THR A 22 10.96 3.89 -6.85
C THR A 22 9.63 3.33 -6.35
N GLN A 23 9.57 2.00 -6.28
CA GLN A 23 8.37 1.33 -5.81
C GLN A 23 8.61 0.73 -4.42
N LEU A 24 7.52 0.27 -3.82
CA LEU A 24 7.59 -0.33 -2.50
C LEU A 24 7.32 -1.83 -2.61
N SER A 25 8.04 -2.59 -1.79
CA SER A 25 7.88 -4.03 -1.78
C SER A 25 7.29 -4.49 -0.45
N PHE A 26 6.24 -5.28 -0.55
CA PHE A 26 5.58 -5.80 0.64
C PHE A 26 5.19 -7.27 0.47
N LEU A 27 4.56 -7.81 1.50
CA LEU A 27 4.13 -9.20 1.47
C LEU A 27 2.64 -9.27 1.79
N ARG A 28 1.97 -10.18 1.09
CA ARG A 28 0.53 -10.37 1.29
C ARG A 28 0.18 -10.24 2.77
N GLY A 29 -0.64 -9.25 3.08
CA GLY A 29 -1.06 -9.00 4.44
C GLY A 29 -0.42 -7.73 4.99
N GLU A 30 0.78 -7.45 4.50
CA GLU A 30 1.51 -6.27 4.94
C GLU A 30 0.59 -5.04 4.91
N LYS A 31 0.60 -4.31 6.02
CA LYS A 31 -0.22 -3.12 6.14
C LYS A 31 0.43 -1.98 5.35
N ILE A 32 -0.14 -1.70 4.19
CA ILE A 32 0.38 -0.64 3.33
C ILE A 32 -0.42 0.64 3.59
N LEU A 33 0.28 1.76 3.52
CA LEU A 33 -0.34 3.05 3.73
C LEU A 33 -0.47 3.78 2.39
N ILE A 34 -1.70 4.17 2.08
CA ILE A 34 -1.96 4.88 0.84
C ILE A 34 -2.11 6.38 1.12
N LEU A 35 -1.03 7.11 0.85
CA LEU A 35 -1.02 8.54 1.08
C LEU A 35 -1.93 9.22 0.05
N ARG A 36 -1.49 9.16 -1.21
CA ARG A 36 -2.25 9.76 -2.29
C ARG A 36 -2.49 8.74 -3.40
N GLN A 37 -3.37 9.11 -4.33
CA GLN A 37 -3.70 8.23 -5.44
C GLN A 37 -2.93 8.67 -6.69
N THR A 38 -2.69 9.97 -6.78
CA THR A 38 -1.98 10.53 -7.92
C THR A 38 -2.83 10.41 -9.19
N THR A 39 -3.03 9.17 -9.61
CA THR A 39 -3.82 8.91 -10.80
C THR A 39 -4.99 7.97 -10.47
N ALA A 40 -4.67 6.69 -10.40
CA ALA A 40 -5.69 5.69 -10.09
C ALA A 40 -5.06 4.30 -10.14
N ASP A 41 -4.23 4.10 -11.15
CA ASP A 41 -3.56 2.82 -11.33
C ASP A 41 -2.31 2.77 -10.43
N TRP A 42 -1.68 3.93 -10.30
CA TRP A 42 -0.48 4.04 -9.48
C TRP A 42 -0.81 4.93 -8.28
N TRP A 43 -0.57 4.39 -7.09
CA TRP A 43 -0.83 5.13 -5.87
C TRP A 43 0.51 5.43 -5.20
N TRP A 44 0.47 6.40 -4.30
CA TRP A 44 1.68 6.81 -3.59
C TRP A 44 1.56 6.32 -2.14
N GLY A 45 2.36 5.33 -1.82
CA GLY A 45 2.35 4.77 -0.47
C GLY A 45 3.59 5.22 0.32
N GLU A 46 3.74 4.63 1.49
CA GLU A 46 4.86 4.97 2.35
C GLU A 46 5.21 3.77 3.25
N ARG A 47 6.45 3.31 3.10
CA ARG A 47 6.93 2.19 3.89
C ARG A 47 7.62 2.69 5.17
N ALA A 48 8.19 1.73 5.89
CA ALA A 48 8.89 2.07 7.12
C ALA A 48 10.04 3.02 6.83
N GLY A 49 9.82 4.29 7.13
CA GLY A 49 10.82 5.31 6.90
C GLY A 49 11.14 5.44 5.42
N CYS A 50 10.33 4.76 4.61
CA CYS A 50 10.52 4.80 3.17
C CYS A 50 9.29 5.48 2.54
N CYS A 51 9.48 5.94 1.32
CA CYS A 51 8.42 6.61 0.60
C CYS A 51 8.60 6.34 -0.89
N GLY A 52 7.65 5.58 -1.43
CA GLY A 52 7.68 5.24 -2.85
C GLY A 52 6.27 5.08 -3.40
N TYR A 53 6.21 4.72 -4.69
CA TYR A 53 4.94 4.54 -5.34
C TYR A 53 4.49 3.07 -5.31
N ILE A 54 3.19 2.87 -5.31
CA ILE A 54 2.63 1.53 -5.27
C ILE A 54 1.55 1.40 -6.35
N PRO A 55 1.37 0.16 -6.85
CA PRO A 55 0.38 -0.12 -7.87
C PRO A 55 -1.03 -0.14 -7.28
N ALA A 56 -2.00 -0.28 -8.16
CA ALA A 56 -3.40 -0.31 -7.74
C ALA A 56 -4.02 -1.64 -8.18
N ASN A 57 -3.86 -2.64 -7.34
CA ASN A 57 -4.41 -3.96 -7.64
C ASN A 57 -3.85 -4.98 -6.64
N HIS A 58 -2.58 -4.78 -6.29
CA HIS A 58 -1.92 -5.67 -5.35
C HIS A 58 -2.48 -5.43 -3.94
N VAL A 59 -2.99 -4.23 -3.74
CA VAL A 59 -3.56 -3.87 -2.45
C VAL A 59 -5.08 -3.72 -2.58
N GLY A 60 -5.78 -4.12 -1.54
CA GLY A 60 -7.23 -4.03 -1.52
C GLY A 60 -7.76 -3.93 -0.09
N LYS A 61 -8.91 -4.54 0.11
CA LYS A 61 -9.55 -4.54 1.42
C LYS A 61 -9.85 -5.98 1.84
N HIS A 62 -8.97 -6.52 2.66
CA HIS A 62 -9.14 -7.89 3.14
C HIS A 62 -9.49 -7.86 4.63
N SER A 63 -9.99 -8.99 5.11
CA SER A 63 -10.37 -9.12 6.50
C SER A 63 -9.94 -10.49 7.04
N GLY A 64 -9.00 -10.46 7.97
CA GLY A 64 -8.50 -11.68 8.58
C GLY A 64 -7.18 -11.44 9.30
N PRO A 65 -6.94 -12.27 10.35
CA PRO A 65 -5.73 -12.14 11.14
C PRO A 65 -4.53 -12.70 10.38
N SER A 66 -3.35 -12.22 10.74
CA SER A 66 -2.12 -12.66 10.10
C SER A 66 -0.91 -12.15 10.88
N SER A 67 -0.59 -12.87 11.95
CA SER A 67 0.54 -12.50 12.79
C SER A 67 0.90 -13.66 13.71
N GLY A 68 2.16 -13.66 14.16
CA GLY A 68 2.64 -14.69 15.04
C GLY A 68 2.61 -16.06 14.35
N GLY A 1 -15.72 10.06 1.36
CA GLY A 1 -15.65 8.95 2.30
C GLY A 1 -14.25 8.85 2.91
N SER A 2 -14.15 9.24 4.17
CA SER A 2 -12.89 9.19 4.89
C SER A 2 -12.92 8.09 5.94
N SER A 3 -12.49 6.90 5.53
CA SER A 3 -12.47 5.77 6.43
C SER A 3 -11.06 5.58 7.00
N GLY A 4 -10.95 5.76 8.31
CA GLY A 4 -9.68 5.61 8.98
C GLY A 4 -8.82 6.87 8.81
N SER A 5 -8.44 7.45 9.93
CA SER A 5 -7.62 8.65 9.92
C SER A 5 -6.16 8.28 9.69
N SER A 6 -5.39 9.28 9.31
CA SER A 6 -3.97 9.09 9.06
C SER A 6 -3.78 8.08 7.92
N GLY A 7 -4.01 8.56 6.71
CA GLY A 7 -3.87 7.71 5.54
C GLY A 7 -4.83 6.51 5.60
N GLU A 8 -4.70 5.65 4.60
CA GLU A 8 -5.55 4.47 4.53
C GLU A 8 -4.70 3.20 4.66
N GLU A 9 -5.07 2.36 5.60
CA GLU A 9 -4.35 1.12 5.83
C GLU A 9 -4.86 0.03 4.87
N PHE A 10 -4.00 -0.31 3.92
CA PHE A 10 -4.35 -1.33 2.94
C PHE A 10 -3.47 -2.58 3.12
N VAL A 11 -4.00 -3.70 2.63
CA VAL A 11 -3.29 -4.96 2.74
C VAL A 11 -2.97 -5.47 1.33
N ALA A 12 -1.77 -6.02 1.20
CA ALA A 12 -1.32 -6.55 -0.09
C ALA A 12 -2.10 -7.84 -0.39
N ILE A 13 -2.84 -7.79 -1.48
CA ILE A 13 -3.62 -8.96 -1.89
C ILE A 13 -2.68 -10.04 -2.41
N ALA A 14 -1.44 -9.64 -2.65
CA ALA A 14 -0.43 -10.57 -3.14
C ALA A 14 0.95 -9.91 -3.06
N ASP A 15 1.92 -10.73 -2.70
CA ASP A 15 3.29 -10.25 -2.58
C ASP A 15 3.74 -9.67 -3.93
N TYR A 16 4.53 -8.61 -3.84
CA TYR A 16 5.03 -7.95 -5.04
C TYR A 16 6.54 -7.66 -4.91
N ALA A 17 7.15 -7.43 -6.05
CA ALA A 17 8.58 -7.14 -6.09
C ALA A 17 8.82 -5.90 -6.96
N ALA A 18 9.16 -4.81 -6.28
CA ALA A 18 9.43 -3.56 -6.98
C ALA A 18 10.47 -3.80 -8.08
N THR A 19 10.08 -3.46 -9.30
CA THR A 19 10.96 -3.63 -10.44
C THR A 19 11.93 -2.45 -10.54
N ASP A 20 11.53 -1.34 -9.95
CA ASP A 20 12.35 -0.14 -9.97
C ASP A 20 12.68 0.27 -8.53
N GLU A 21 13.39 1.38 -8.42
CA GLU A 21 13.78 1.89 -7.11
C GLU A 21 12.81 2.98 -6.66
N THR A 22 11.65 3.00 -7.30
CA THR A 22 10.63 3.99 -6.97
C THR A 22 9.36 3.30 -6.46
N GLN A 23 9.39 1.98 -6.52
CA GLN A 23 8.25 1.19 -6.08
C GLN A 23 8.54 0.58 -4.70
N LEU A 24 7.46 0.20 -4.02
CA LEU A 24 7.59 -0.39 -2.70
C LEU A 24 7.28 -1.90 -2.80
N SER A 25 8.01 -2.66 -2.01
CA SER A 25 7.82 -4.10 -1.99
C SER A 25 7.24 -4.55 -0.65
N PHE A 26 6.22 -5.39 -0.73
CA PHE A 26 5.57 -5.89 0.47
C PHE A 26 5.14 -7.35 0.28
N LEU A 27 4.60 -7.91 1.36
CA LEU A 27 4.13 -9.29 1.33
C LEU A 27 2.64 -9.32 1.64
N ARG A 28 1.95 -10.23 0.96
CA ARG A 28 0.51 -10.37 1.14
C ARG A 28 0.16 -10.28 2.63
N GLY A 29 -0.54 -9.20 2.97
CA GLY A 29 -0.94 -8.97 4.35
C GLY A 29 -0.33 -7.69 4.90
N GLU A 30 0.92 -7.45 4.50
CA GLU A 30 1.63 -6.26 4.94
C GLU A 30 0.70 -5.06 4.94
N LYS A 31 0.72 -4.32 6.05
CA LYS A 31 -0.12 -3.15 6.19
C LYS A 31 0.50 -1.99 5.40
N ILE A 32 -0.08 -1.72 4.25
CA ILE A 32 0.40 -0.65 3.40
C ILE A 32 -0.43 0.61 3.66
N LEU A 33 0.22 1.76 3.49
CA LEU A 33 -0.44 3.03 3.69
C LEU A 33 -0.53 3.78 2.37
N ILE A 34 -1.76 4.15 2.02
CA ILE A 34 -2.00 4.86 0.78
C ILE A 34 -2.14 6.36 1.07
N LEU A 35 -1.06 7.09 0.80
CA LEU A 35 -1.05 8.52 1.03
C LEU A 35 -1.97 9.21 0.00
N ARG A 36 -1.52 9.17 -1.24
CA ARG A 36 -2.28 9.78 -2.33
C ARG A 36 -2.59 8.75 -3.41
N GLN A 37 -3.47 9.15 -4.32
CA GLN A 37 -3.86 8.26 -5.41
C GLN A 37 -3.06 8.59 -6.66
N THR A 38 -2.66 9.84 -6.77
CA THR A 38 -1.90 10.30 -7.91
C THR A 38 -2.75 10.25 -9.19
N THR A 39 -3.06 9.03 -9.60
CA THR A 39 -3.87 8.84 -10.80
C THR A 39 -5.03 7.88 -10.51
N ALA A 40 -4.69 6.60 -10.49
CA ALA A 40 -5.69 5.57 -10.23
C ALA A 40 -5.04 4.20 -10.36
N ASP A 41 -4.14 4.09 -11.33
CA ASP A 41 -3.44 2.84 -11.56
C ASP A 41 -2.15 2.81 -10.75
N TRP A 42 -1.74 4.00 -10.33
CA TRP A 42 -0.52 4.13 -9.55
C TRP A 42 -0.84 4.99 -8.31
N TRP A 43 -0.58 4.41 -7.15
CA TRP A 43 -0.83 5.10 -5.90
C TRP A 43 0.52 5.40 -5.24
N TRP A 44 0.49 6.31 -4.28
CA TRP A 44 1.69 6.69 -3.57
C TRP A 44 1.55 6.21 -2.12
N GLY A 45 2.42 5.28 -1.75
CA GLY A 45 2.41 4.73 -0.40
C GLY A 45 3.68 5.12 0.36
N GLU A 46 3.76 4.65 1.59
CA GLU A 46 4.90 4.94 2.43
C GLU A 46 5.29 3.71 3.25
N ARG A 47 6.52 3.27 3.05
CA ARG A 47 7.03 2.10 3.75
C ARG A 47 7.73 2.53 5.04
N ALA A 48 8.33 1.54 5.70
CA ALA A 48 9.04 1.81 6.95
C ALA A 48 10.20 2.76 6.68
N GLY A 49 9.99 4.01 7.05
CA GLY A 49 11.01 5.03 6.85
C GLY A 49 11.31 5.23 5.37
N CYS A 50 10.50 4.58 4.54
CA CYS A 50 10.67 4.67 3.10
C CYS A 50 9.45 5.37 2.51
N CYS A 51 9.61 5.87 1.30
CA CYS A 51 8.53 6.57 0.61
C CYS A 51 8.67 6.31 -0.89
N GLY A 52 7.72 5.56 -1.42
CA GLY A 52 7.73 5.25 -2.84
C GLY A 52 6.31 5.08 -3.38
N TYR A 53 6.23 4.73 -4.65
CA TYR A 53 4.94 4.53 -5.29
C TYR A 53 4.48 3.08 -5.18
N ILE A 54 3.20 2.88 -5.40
CA ILE A 54 2.63 1.55 -5.32
C ILE A 54 1.50 1.42 -6.36
N PRO A 55 1.32 0.17 -6.86
CA PRO A 55 0.29 -0.10 -7.85
C PRO A 55 -1.11 -0.12 -7.20
N ALA A 56 -2.11 0.16 -8.03
CA ALA A 56 -3.48 0.17 -7.55
C ALA A 56 -4.16 -1.14 -7.94
N ASN A 57 -3.90 -2.17 -7.13
CA ASN A 57 -4.48 -3.48 -7.38
C ASN A 57 -3.88 -4.49 -6.39
N HIS A 58 -2.56 -4.45 -6.29
CA HIS A 58 -1.86 -5.35 -5.39
C HIS A 58 -2.36 -5.15 -3.96
N VAL A 59 -2.97 -4.00 -3.74
CA VAL A 59 -3.50 -3.69 -2.43
C VAL A 59 -5.04 -3.58 -2.51
N GLY A 60 -5.69 -4.01 -1.44
CA GLY A 60 -7.14 -3.97 -1.39
C GLY A 60 -7.63 -4.30 0.03
N LYS A 61 -8.21 -3.28 0.67
CA LYS A 61 -8.72 -3.44 2.01
C LYS A 61 -10.24 -3.21 1.99
N HIS A 62 -10.97 -4.32 1.95
CA HIS A 62 -12.42 -4.25 1.93
C HIS A 62 -12.98 -4.96 3.16
N SER A 63 -13.60 -4.18 4.03
CA SER A 63 -14.19 -4.72 5.24
C SER A 63 -15.22 -5.81 4.90
N GLY A 64 -14.76 -7.05 4.93
CA GLY A 64 -15.62 -8.17 4.62
C GLY A 64 -15.03 -9.48 5.14
N PRO A 65 -15.92 -10.47 5.35
CA PRO A 65 -15.50 -11.77 5.86
C PRO A 65 -14.81 -12.58 4.76
N SER A 66 -13.53 -12.85 4.97
CA SER A 66 -12.75 -13.60 4.02
C SER A 66 -11.59 -14.31 4.73
N SER A 67 -10.65 -13.53 5.21
CA SER A 67 -9.50 -14.06 5.91
C SER A 67 -9.92 -14.54 7.30
N GLY A 68 -10.31 -15.79 7.38
CA GLY A 68 -10.73 -16.39 8.64
C GLY A 68 -10.84 -17.91 8.53
N GLY A 1 -3.71 3.67 14.57
CA GLY A 1 -3.68 3.77 16.02
C GLY A 1 -4.38 5.04 16.51
N SER A 2 -4.09 5.40 17.75
CA SER A 2 -4.68 6.58 18.35
C SER A 2 -3.62 7.66 18.56
N SER A 3 -3.60 8.62 17.65
CA SER A 3 -2.63 9.70 17.73
C SER A 3 -3.09 10.87 16.86
N GLY A 4 -3.26 10.58 15.57
CA GLY A 4 -3.69 11.59 14.62
C GLY A 4 -2.89 11.51 13.33
N SER A 5 -3.02 10.37 12.66
CA SER A 5 -2.32 10.16 11.40
C SER A 5 -3.30 10.26 10.23
N SER A 6 -2.77 10.71 9.10
CA SER A 6 -3.58 10.87 7.90
C SER A 6 -3.06 9.93 6.80
N GLY A 7 -3.80 8.86 6.59
CA GLY A 7 -3.43 7.89 5.57
C GLY A 7 -4.46 6.76 5.50
N GLU A 8 -4.37 5.99 4.41
CA GLU A 8 -5.28 4.88 4.21
C GLU A 8 -4.52 3.55 4.35
N GLU A 9 -4.92 2.77 5.35
CA GLU A 9 -4.31 1.49 5.60
C GLU A 9 -4.86 0.43 4.64
N PHE A 10 -3.95 -0.33 4.07
CA PHE A 10 -4.34 -1.38 3.13
C PHE A 10 -3.49 -2.64 3.32
N VAL A 11 -4.00 -3.74 2.81
CA VAL A 11 -3.30 -5.01 2.93
C VAL A 11 -3.01 -5.56 1.53
N ALA A 12 -1.81 -6.10 1.38
CA ALA A 12 -1.39 -6.66 0.11
C ALA A 12 -2.11 -8.00 -0.12
N ILE A 13 -2.85 -8.06 -1.21
CA ILE A 13 -3.58 -9.26 -1.55
C ILE A 13 -2.63 -10.27 -2.21
N ALA A 14 -1.37 -9.88 -2.29
CA ALA A 14 -0.35 -10.72 -2.89
C ALA A 14 1.02 -10.09 -2.67
N ASP A 15 2.04 -10.95 -2.68
CA ASP A 15 3.41 -10.50 -2.50
C ASP A 15 3.89 -9.80 -3.77
N TYR A 16 4.54 -8.65 -3.57
CA TYR A 16 5.06 -7.89 -4.70
C TYR A 16 6.54 -7.58 -4.51
N ALA A 17 7.18 -7.21 -5.61
CA ALA A 17 8.59 -6.88 -5.58
C ALA A 17 8.85 -5.67 -6.48
N ALA A 18 9.24 -4.57 -5.85
CA ALA A 18 9.52 -3.34 -6.58
C ALA A 18 10.53 -3.64 -7.69
N THR A 19 10.23 -3.14 -8.87
CA THR A 19 11.10 -3.34 -10.01
C THR A 19 11.96 -2.10 -10.26
N ASP A 20 11.53 -1.00 -9.66
CA ASP A 20 12.24 0.26 -9.80
C ASP A 20 12.70 0.74 -8.42
N GLU A 21 13.41 1.86 -8.43
CA GLU A 21 13.91 2.43 -7.18
C GLU A 21 12.93 3.48 -6.65
N THR A 22 11.71 3.41 -7.16
CA THR A 22 10.66 4.34 -6.75
C THR A 22 9.39 3.57 -6.36
N GLN A 23 9.58 2.30 -6.05
CA GLN A 23 8.46 1.46 -5.67
C GLN A 23 8.69 0.87 -4.28
N LEU A 24 7.65 0.25 -3.75
CA LEU A 24 7.74 -0.37 -2.43
C LEU A 24 7.44 -1.86 -2.55
N SER A 25 8.12 -2.64 -1.73
CA SER A 25 7.94 -4.08 -1.73
C SER A 25 7.30 -4.52 -0.42
N PHE A 26 6.33 -5.42 -0.55
CA PHE A 26 5.62 -5.94 0.61
C PHE A 26 5.18 -7.39 0.39
N LEU A 27 4.59 -7.95 1.42
CA LEU A 27 4.12 -9.33 1.36
C LEU A 27 2.61 -9.37 1.60
N ARG A 28 1.96 -10.35 1.00
CA ARG A 28 0.53 -10.51 1.16
C ARG A 28 0.13 -10.38 2.63
N GLY A 29 -0.52 -9.26 2.93
CA GLY A 29 -0.96 -9.01 4.29
C GLY A 29 -0.35 -7.71 4.84
N GLU A 30 0.91 -7.51 4.50
CA GLU A 30 1.60 -6.31 4.94
C GLU A 30 0.68 -5.09 4.88
N LYS A 31 0.68 -4.33 5.96
CA LYS A 31 -0.14 -3.15 6.03
C LYS A 31 0.51 -2.01 5.24
N ILE A 32 -0.04 -1.76 4.07
CA ILE A 32 0.49 -0.71 3.20
C ILE A 32 -0.38 0.53 3.34
N LEU A 33 0.28 1.68 3.40
CA LEU A 33 -0.40 2.95 3.54
C LEU A 33 -0.53 3.61 2.17
N ILE A 34 -1.72 4.14 1.91
CA ILE A 34 -1.98 4.81 0.64
C ILE A 34 -2.09 6.31 0.86
N LEU A 35 -0.94 6.95 1.00
CA LEU A 35 -0.90 8.38 1.22
C LEU A 35 -1.85 9.07 0.24
N ARG A 36 -1.49 8.99 -1.04
CA ARG A 36 -2.30 9.61 -2.07
C ARG A 36 -2.40 8.67 -3.29
N GLN A 37 -3.14 9.13 -4.28
CA GLN A 37 -3.33 8.35 -5.49
C GLN A 37 -2.90 9.17 -6.72
N THR A 38 -1.78 8.78 -7.28
CA THR A 38 -1.25 9.45 -8.46
C THR A 38 -2.38 9.77 -9.44
N THR A 39 -3.07 8.72 -9.85
CA THR A 39 -4.17 8.87 -10.78
C THR A 39 -5.28 7.87 -10.45
N ALA A 40 -4.90 6.61 -10.35
CA ALA A 40 -5.85 5.55 -10.04
C ALA A 40 -5.16 4.20 -10.13
N ASP A 41 -4.23 4.10 -11.07
CA ASP A 41 -3.48 2.87 -11.26
C ASP A 41 -2.25 2.87 -10.35
N TRP A 42 -1.61 4.03 -10.29
CA TRP A 42 -0.43 4.18 -9.45
C TRP A 42 -0.81 4.99 -8.21
N TRP A 43 -0.52 4.43 -7.06
CA TRP A 43 -0.83 5.08 -5.81
C TRP A 43 0.50 5.42 -5.10
N TRP A 44 0.44 6.47 -4.29
CA TRP A 44 1.62 6.90 -3.57
C TRP A 44 1.52 6.36 -2.14
N GLY A 45 2.32 5.34 -1.87
CA GLY A 45 2.33 4.73 -0.55
C GLY A 45 3.53 5.21 0.27
N GLU A 46 3.65 4.66 1.47
CA GLU A 46 4.75 5.02 2.35
C GLU A 46 5.09 3.84 3.27
N ARG A 47 6.34 3.41 3.16
CA ARG A 47 6.81 2.30 3.97
C ARG A 47 7.45 2.81 5.26
N ALA A 48 8.03 1.88 6.00
CA ALA A 48 8.68 2.23 7.26
C ALA A 48 9.81 3.21 6.99
N GLY A 49 9.55 4.47 7.29
CA GLY A 49 10.54 5.52 7.08
C GLY A 49 10.88 5.67 5.60
N CYS A 50 10.12 4.95 4.78
CA CYS A 50 10.32 4.99 3.34
C CYS A 50 9.09 5.62 2.70
N CYS A 51 9.27 6.09 1.47
CA CYS A 51 8.19 6.72 0.73
C CYS A 51 8.40 6.44 -0.76
N GLY A 52 7.50 5.66 -1.32
CA GLY A 52 7.57 5.32 -2.73
C GLY A 52 6.19 5.11 -3.32
N TYR A 53 6.17 4.74 -4.59
CA TYR A 53 4.90 4.51 -5.29
C TYR A 53 4.48 3.05 -5.17
N ILE A 54 3.19 2.82 -5.39
CA ILE A 54 2.63 1.48 -5.31
C ILE A 54 1.50 1.34 -6.33
N PRO A 55 1.36 0.09 -6.86
CA PRO A 55 0.33 -0.19 -7.84
C PRO A 55 -1.05 -0.28 -7.18
N ALA A 56 -2.08 -0.20 -8.01
CA ALA A 56 -3.44 -0.28 -7.51
C ALA A 56 -4.07 -1.60 -7.97
N ASN A 57 -3.80 -2.64 -7.19
CA ASN A 57 -4.34 -3.95 -7.50
C ASN A 57 -3.78 -4.98 -6.51
N HIS A 58 -2.50 -4.80 -6.20
CA HIS A 58 -1.84 -5.70 -5.26
C HIS A 58 -2.39 -5.47 -3.85
N VAL A 59 -2.76 -4.23 -3.59
CA VAL A 59 -3.31 -3.87 -2.28
C VAL A 59 -4.82 -3.69 -2.40
N GLY A 60 -5.49 -3.82 -1.26
CA GLY A 60 -6.93 -3.69 -1.22
C GLY A 60 -7.59 -4.36 -2.43
N LYS A 61 -8.32 -3.55 -3.20
CA LYS A 61 -9.00 -4.05 -4.38
C LYS A 61 -9.81 -5.30 -4.00
N HIS A 62 -10.86 -5.06 -3.23
CA HIS A 62 -11.73 -6.14 -2.79
C HIS A 62 -10.95 -7.09 -1.87
N SER A 63 -10.85 -6.69 -0.62
CA SER A 63 -10.13 -7.48 0.37
C SER A 63 -10.93 -8.76 0.68
N GLY A 64 -10.57 -9.83 0.00
CA GLY A 64 -11.23 -11.10 0.19
C GLY A 64 -10.75 -11.79 1.48
N PRO A 65 -11.68 -11.90 2.45
CA PRO A 65 -11.36 -12.52 3.73
C PRO A 65 -11.27 -14.05 3.57
N SER A 66 -10.17 -14.49 2.97
CA SER A 66 -9.95 -15.90 2.77
C SER A 66 -8.47 -16.24 3.00
N SER A 67 -8.23 -17.51 3.28
CA SER A 67 -6.87 -17.97 3.54
C SER A 67 -6.30 -17.29 4.77
N GLY A 68 -5.50 -18.05 5.51
CA GLY A 68 -4.89 -17.53 6.73
C GLY A 68 -4.74 -18.64 7.77
N GLY A 1 -10.41 8.98 16.19
CA GLY A 1 -10.02 9.89 17.25
C GLY A 1 -8.88 10.81 16.79
N SER A 2 -9.06 12.10 17.04
CA SER A 2 -8.06 13.08 16.65
C SER A 2 -6.69 12.66 17.18
N SER A 3 -5.77 12.45 16.25
CA SER A 3 -4.42 12.05 16.62
C SER A 3 -3.40 12.80 15.75
N GLY A 4 -3.52 12.62 14.45
CA GLY A 4 -2.62 13.27 13.51
C GLY A 4 -2.37 12.40 12.29
N SER A 5 -1.30 11.63 12.35
CA SER A 5 -0.94 10.74 11.26
C SER A 5 -2.18 10.01 10.75
N SER A 6 -2.55 10.34 9.52
CA SER A 6 -3.72 9.74 8.90
C SER A 6 -3.38 9.26 7.49
N GLY A 7 -4.13 8.27 7.03
CA GLY A 7 -3.92 7.72 5.70
C GLY A 7 -4.91 6.60 5.40
N GLU A 8 -4.59 5.82 4.38
CA GLU A 8 -5.43 4.71 3.98
C GLU A 8 -4.70 3.39 4.15
N GLU A 9 -5.05 2.67 5.22
CA GLU A 9 -4.43 1.39 5.50
C GLU A 9 -4.95 0.32 4.54
N PHE A 10 -4.02 -0.30 3.83
CA PHE A 10 -4.36 -1.34 2.88
C PHE A 10 -3.47 -2.56 3.06
N VAL A 11 -3.97 -3.70 2.58
CA VAL A 11 -3.23 -4.94 2.68
C VAL A 11 -2.92 -5.46 1.28
N ALA A 12 -1.73 -6.03 1.14
CA ALA A 12 -1.30 -6.57 -0.14
C ALA A 12 -2.08 -7.85 -0.43
N ILE A 13 -2.83 -7.82 -1.52
CA ILE A 13 -3.62 -8.96 -1.94
C ILE A 13 -2.69 -10.14 -2.21
N ALA A 14 -1.40 -9.84 -2.34
CA ALA A 14 -0.41 -10.85 -2.61
C ALA A 14 0.98 -10.28 -2.37
N ASP A 15 1.99 -11.11 -2.57
CA ASP A 15 3.37 -10.70 -2.39
C ASP A 15 3.89 -10.07 -3.67
N TYR A 16 4.47 -8.89 -3.53
CA TYR A 16 5.01 -8.17 -4.67
C TYR A 16 6.50 -7.88 -4.47
N ALA A 17 7.12 -7.40 -5.53
CA ALA A 17 8.54 -7.07 -5.50
C ALA A 17 8.77 -5.77 -6.26
N ALA A 18 9.75 -5.01 -5.77
CA ALA A 18 10.10 -3.74 -6.40
C ALA A 18 11.15 -3.97 -7.47
N THR A 19 10.81 -3.58 -8.69
CA THR A 19 11.71 -3.74 -9.81
C THR A 19 12.12 -2.37 -10.37
N ASP A 20 11.71 -1.33 -9.66
CA ASP A 20 12.03 0.03 -10.06
C ASP A 20 12.78 0.73 -8.93
N GLU A 21 13.09 2.00 -9.18
CA GLU A 21 13.81 2.79 -8.18
C GLU A 21 12.85 3.76 -7.49
N THR A 22 11.56 3.49 -7.66
CA THR A 22 10.54 4.33 -7.07
C THR A 22 9.32 3.49 -6.70
N GLN A 23 9.58 2.29 -6.22
CA GLN A 23 8.51 1.38 -5.83
C GLN A 23 8.79 0.80 -4.44
N LEU A 24 7.75 0.22 -3.86
CA LEU A 24 7.86 -0.38 -2.55
C LEU A 24 7.58 -1.88 -2.64
N SER A 25 8.32 -2.65 -1.85
CA SER A 25 8.16 -4.09 -1.83
C SER A 25 7.52 -4.53 -0.53
N PHE A 26 6.46 -5.32 -0.65
CA PHE A 26 5.75 -5.82 0.52
C PHE A 26 5.37 -7.29 0.34
N LEU A 27 4.74 -7.83 1.37
CA LEU A 27 4.31 -9.22 1.34
C LEU A 27 2.81 -9.28 1.59
N ARG A 28 2.17 -10.24 0.92
CA ARG A 28 0.74 -10.43 1.06
C ARG A 28 0.33 -10.32 2.54
N GLY A 29 -0.33 -9.22 2.85
CA GLY A 29 -0.78 -8.99 4.22
C GLY A 29 -0.22 -7.67 4.77
N GLU A 30 1.01 -7.38 4.37
CA GLU A 30 1.68 -6.17 4.81
C GLU A 30 0.71 -4.98 4.73
N LYS A 31 0.68 -4.20 5.80
CA LYS A 31 -0.19 -3.05 5.87
C LYS A 31 0.46 -1.87 5.14
N ILE A 32 -0.04 -1.62 3.94
CA ILE A 32 0.49 -0.53 3.14
C ILE A 32 -0.35 0.73 3.36
N LEU A 33 0.34 1.81 3.66
CA LEU A 33 -0.33 3.09 3.91
C LEU A 33 -0.46 3.86 2.59
N ILE A 34 -1.69 4.10 2.21
CA ILE A 34 -1.97 4.82 0.97
C ILE A 34 -2.13 6.31 1.28
N LEU A 35 -1.10 7.07 0.93
CA LEU A 35 -1.11 8.51 1.16
C LEU A 35 -1.96 9.18 0.08
N ARG A 36 -1.47 9.09 -1.15
CA ARG A 36 -2.18 9.69 -2.27
C ARG A 36 -2.39 8.65 -3.38
N GLN A 37 -3.56 8.73 -4.00
CA GLN A 37 -3.90 7.81 -5.07
C GLN A 37 -3.23 8.24 -6.38
N THR A 38 -2.77 9.48 -6.38
CA THR A 38 -2.11 10.02 -7.56
C THR A 38 -3.09 10.10 -8.74
N THR A 39 -3.33 8.94 -9.32
CA THR A 39 -4.25 8.86 -10.45
C THR A 39 -5.36 7.85 -10.17
N ALA A 40 -4.98 6.59 -10.13
CA ALA A 40 -5.94 5.53 -9.87
C ALA A 40 -5.27 4.17 -10.13
N ASP A 41 -4.38 4.16 -11.10
CA ASP A 41 -3.67 2.94 -11.46
C ASP A 41 -2.40 2.83 -10.60
N TRP A 42 -1.89 3.99 -10.20
CA TRP A 42 -0.69 4.04 -9.39
C TRP A 42 -1.01 4.84 -8.13
N TRP A 43 -0.70 4.24 -6.99
CA TRP A 43 -0.94 4.89 -5.71
C TRP A 43 0.42 5.21 -5.07
N TRP A 44 0.40 6.19 -4.18
CA TRP A 44 1.62 6.59 -3.49
C TRP A 44 1.51 6.15 -2.03
N GLY A 45 2.40 5.26 -1.64
CA GLY A 45 2.42 4.76 -0.28
C GLY A 45 3.69 5.18 0.45
N GLU A 46 3.80 4.73 1.69
CA GLU A 46 4.96 5.05 2.51
C GLU A 46 5.38 3.84 3.35
N ARG A 47 6.61 3.41 3.13
CA ARG A 47 7.14 2.27 3.86
C ARG A 47 7.87 2.73 5.12
N ALA A 48 8.50 1.78 5.78
CA ALA A 48 9.24 2.08 7.00
C ALA A 48 10.38 3.03 6.68
N GLY A 49 10.17 4.30 7.02
CA GLY A 49 11.18 5.32 6.79
C GLY A 49 11.46 5.47 5.28
N CYS A 50 10.63 4.80 4.50
CA CYS A 50 10.77 4.85 3.05
C CYS A 50 9.52 5.54 2.47
N CYS A 51 9.67 6.00 1.24
CA CYS A 51 8.57 6.68 0.57
C CYS A 51 8.68 6.40 -0.93
N GLY A 52 7.74 5.63 -1.44
CA GLY A 52 7.72 5.28 -2.85
C GLY A 52 6.28 5.10 -3.36
N TYR A 53 6.18 4.72 -4.62
CA TYR A 53 4.89 4.51 -5.23
C TYR A 53 4.44 3.05 -5.08
N ILE A 54 3.21 2.80 -5.51
CA ILE A 54 2.66 1.46 -5.43
C ILE A 54 1.54 1.32 -6.46
N PRO A 55 1.39 0.07 -6.99
CA PRO A 55 0.37 -0.20 -7.98
C PRO A 55 -1.02 -0.29 -7.33
N ALA A 56 -2.03 -0.03 -8.13
CA ALA A 56 -3.41 -0.07 -7.65
C ALA A 56 -4.04 -1.40 -8.04
N ASN A 57 -3.70 -2.42 -7.27
CA ASN A 57 -4.23 -3.76 -7.52
C ASN A 57 -3.61 -4.74 -6.53
N HIS A 58 -2.31 -4.58 -6.32
CA HIS A 58 -1.59 -5.44 -5.40
C HIS A 58 -2.13 -5.24 -3.98
N VAL A 59 -2.79 -4.12 -3.79
CA VAL A 59 -3.36 -3.79 -2.48
C VAL A 59 -4.88 -3.70 -2.61
N GLY A 60 -5.56 -4.11 -1.54
CA GLY A 60 -7.00 -4.07 -1.52
C GLY A 60 -7.55 -4.56 -0.17
N LYS A 61 -8.04 -3.61 0.61
CA LYS A 61 -8.59 -3.94 1.91
C LYS A 61 -9.92 -4.67 1.74
N HIS A 62 -9.83 -5.99 1.72
CA HIS A 62 -11.01 -6.82 1.55
C HIS A 62 -10.84 -8.11 2.36
N SER A 63 -11.18 -8.01 3.64
CA SER A 63 -11.08 -9.16 4.53
C SER A 63 -9.67 -9.77 4.44
N GLY A 64 -9.43 -10.75 5.30
CA GLY A 64 -8.14 -11.42 5.33
C GLY A 64 -7.87 -12.05 6.70
N PRO A 65 -7.32 -11.21 7.62
CA PRO A 65 -7.02 -11.67 8.97
C PRO A 65 -8.29 -11.80 9.80
N SER A 66 -8.32 -12.82 10.63
CA SER A 66 -9.46 -13.07 11.49
C SER A 66 -9.06 -12.94 12.96
N SER A 67 -8.81 -11.69 13.37
CA SER A 67 -8.41 -11.42 14.74
C SER A 67 -9.03 -10.10 15.20
N GLY A 68 -9.85 -10.19 16.24
CA GLY A 68 -10.51 -9.02 16.78
C GLY A 68 -9.87 -8.61 18.11
N GLY A 1 -7.99 24.03 5.02
CA GLY A 1 -6.57 23.73 5.13
C GLY A 1 -6.19 23.42 6.58
N SER A 2 -5.37 22.39 6.73
CA SER A 2 -4.92 21.98 8.05
C SER A 2 -3.72 21.03 7.93
N SER A 3 -3.94 19.94 7.22
CA SER A 3 -2.89 18.95 7.02
C SER A 3 -3.26 18.03 5.85
N GLY A 4 -4.40 17.36 6.00
CA GLY A 4 -4.88 16.45 4.98
C GLY A 4 -5.28 15.10 5.59
N SER A 5 -5.41 14.11 4.72
CA SER A 5 -5.80 12.78 5.16
C SER A 5 -4.56 12.02 5.67
N SER A 6 -4.67 11.55 6.90
CA SER A 6 -3.58 10.81 7.52
C SER A 6 -3.03 9.78 6.54
N GLY A 7 -3.92 8.92 6.07
CA GLY A 7 -3.54 7.87 5.13
C GLY A 7 -4.62 6.78 5.06
N GLU A 8 -4.40 5.84 4.16
CA GLU A 8 -5.32 4.73 3.99
C GLU A 8 -4.61 3.40 4.16
N GLU A 9 -4.88 2.76 5.29
CA GLU A 9 -4.27 1.47 5.59
C GLU A 9 -4.87 0.38 4.71
N PHE A 10 -3.99 -0.28 3.96
CA PHE A 10 -4.42 -1.34 3.06
C PHE A 10 -3.59 -2.62 3.30
N VAL A 11 -4.05 -3.69 2.68
CA VAL A 11 -3.36 -4.97 2.81
C VAL A 11 -3.08 -5.53 1.41
N ALA A 12 -1.88 -6.06 1.26
CA ALA A 12 -1.47 -6.64 -0.01
C ALA A 12 -2.23 -7.94 -0.25
N ILE A 13 -3.01 -7.95 -1.32
CA ILE A 13 -3.79 -9.12 -1.67
C ILE A 13 -2.85 -10.22 -2.17
N ALA A 14 -1.62 -9.83 -2.44
CA ALA A 14 -0.61 -10.77 -2.92
C ALA A 14 0.75 -10.11 -2.90
N ASP A 15 1.77 -10.92 -2.61
CA ASP A 15 3.13 -10.42 -2.54
C ASP A 15 3.48 -9.74 -3.88
N TYR A 16 4.21 -8.64 -3.77
CA TYR A 16 4.62 -7.89 -4.94
C TYR A 16 6.12 -7.61 -4.93
N ALA A 17 6.66 -7.35 -6.10
CA ALA A 17 8.07 -7.06 -6.24
C ALA A 17 8.26 -5.82 -7.09
N ALA A 18 8.78 -4.77 -6.46
CA ALA A 18 9.02 -3.51 -7.15
C ALA A 18 9.86 -3.78 -8.40
N THR A 19 9.36 -3.29 -9.52
CA THR A 19 10.05 -3.47 -10.79
C THR A 19 11.13 -2.38 -10.96
N ASP A 20 10.97 -1.32 -10.20
CA ASP A 20 11.91 -0.21 -10.25
C ASP A 20 12.42 0.10 -8.84
N GLU A 21 13.31 1.08 -8.76
CA GLU A 21 13.87 1.48 -7.48
C GLU A 21 13.04 2.61 -6.87
N THR A 22 11.85 2.79 -7.42
CA THR A 22 10.96 3.84 -6.94
C THR A 22 9.64 3.23 -6.46
N GLN A 23 9.62 1.91 -6.37
CA GLN A 23 8.43 1.21 -5.94
C GLN A 23 8.67 0.56 -4.56
N LEU A 24 7.57 0.25 -3.90
CA LEU A 24 7.64 -0.37 -2.58
C LEU A 24 7.31 -1.85 -2.70
N SER A 25 8.02 -2.65 -1.91
CA SER A 25 7.82 -4.09 -1.92
C SER A 25 7.26 -4.55 -0.57
N PHE A 26 6.25 -5.39 -0.63
CA PHE A 26 5.62 -5.90 0.58
C PHE A 26 5.17 -7.35 0.38
N LEU A 27 4.56 -7.89 1.43
CA LEU A 27 4.08 -9.26 1.39
C LEU A 27 2.58 -9.28 1.72
N ARG A 28 1.87 -10.18 1.06
CA ARG A 28 0.45 -10.31 1.26
C ARG A 28 0.12 -10.22 2.76
N GLY A 29 -0.60 -9.16 3.11
CA GLY A 29 -0.98 -8.95 4.49
C GLY A 29 -0.36 -7.66 5.04
N GLU A 30 0.83 -7.36 4.54
CA GLU A 30 1.55 -6.16 4.97
C GLU A 30 0.62 -4.94 4.92
N LYS A 31 0.64 -4.18 5.99
CA LYS A 31 -0.18 -2.98 6.09
C LYS A 31 0.44 -1.87 5.25
N ILE A 32 -0.08 -1.71 4.04
CA ILE A 32 0.41 -0.69 3.13
C ILE A 32 -0.40 0.59 3.33
N LEU A 33 0.31 1.70 3.48
CA LEU A 33 -0.32 2.98 3.67
C LEU A 33 -0.50 3.67 2.32
N ILE A 34 -1.73 4.08 2.06
CA ILE A 34 -2.05 4.75 0.80
C ILE A 34 -2.12 6.26 1.04
N LEU A 35 -0.95 6.87 1.08
CA LEU A 35 -0.86 8.32 1.29
C LEU A 35 -1.85 9.02 0.37
N ARG A 36 -1.56 8.94 -0.92
CA ARG A 36 -2.40 9.57 -1.92
C ARG A 36 -2.60 8.63 -3.13
N GLN A 37 -3.45 9.07 -4.04
CA GLN A 37 -3.73 8.29 -5.23
C GLN A 37 -3.56 9.15 -6.49
N THR A 38 -2.31 9.55 -6.71
CA THR A 38 -2.00 10.37 -7.87
C THR A 38 -2.82 9.92 -9.08
N THR A 39 -2.94 8.60 -9.22
CA THR A 39 -3.69 8.03 -10.32
C THR A 39 -4.53 6.85 -9.84
N ALA A 40 -5.23 6.24 -10.79
CA ALA A 40 -6.07 5.08 -10.48
C ALA A 40 -5.32 3.80 -10.82
N ASP A 41 -4.06 3.98 -11.22
CA ASP A 41 -3.23 2.84 -11.58
C ASP A 41 -2.03 2.77 -10.63
N TRP A 42 -1.49 3.94 -10.32
CA TRP A 42 -0.33 4.03 -9.44
C TRP A 42 -0.75 4.89 -8.24
N TRP A 43 -0.52 4.33 -7.06
CA TRP A 43 -0.86 5.03 -5.82
C TRP A 43 0.45 5.39 -5.12
N TRP A 44 0.38 6.45 -4.32
CA TRP A 44 1.54 6.91 -3.59
C TRP A 44 1.44 6.39 -2.15
N GLY A 45 2.24 5.39 -1.86
CA GLY A 45 2.25 4.79 -0.52
C GLY A 45 3.45 5.27 0.29
N GLU A 46 3.70 4.57 1.38
CA GLU A 46 4.83 4.92 2.25
C GLU A 46 5.17 3.74 3.16
N ARG A 47 6.40 3.28 3.05
CA ARG A 47 6.87 2.17 3.85
C ARG A 47 7.54 2.67 5.13
N ALA A 48 8.11 1.74 5.87
CA ALA A 48 8.79 2.07 7.11
C ALA A 48 9.94 3.03 6.81
N GLY A 49 9.71 4.30 7.12
CA GLY A 49 10.71 5.33 6.89
C GLY A 49 11.02 5.47 5.40
N CYS A 50 10.24 4.77 4.59
CA CYS A 50 10.42 4.80 3.15
C CYS A 50 9.19 5.45 2.53
N CYS A 51 9.38 5.95 1.31
CA CYS A 51 8.30 6.60 0.60
C CYS A 51 8.50 6.37 -0.91
N GLY A 52 7.58 5.59 -1.48
CA GLY A 52 7.66 5.28 -2.89
C GLY A 52 6.26 5.09 -3.48
N TYR A 53 6.22 4.76 -4.77
CA TYR A 53 4.96 4.57 -5.46
C TYR A 53 4.54 3.09 -5.40
N ILE A 54 3.24 2.88 -5.28
CA ILE A 54 2.69 1.55 -5.21
C ILE A 54 1.61 1.38 -6.28
N PRO A 55 1.46 0.12 -6.76
CA PRO A 55 0.48 -0.19 -7.78
C PRO A 55 -0.94 -0.20 -7.19
N ALA A 56 -1.92 -0.17 -8.08
CA ALA A 56 -3.31 -0.19 -7.65
C ALA A 56 -3.96 -1.50 -8.11
N ASN A 57 -3.72 -2.54 -7.33
CA ASN A 57 -4.28 -3.85 -7.64
C ASN A 57 -3.76 -4.87 -6.63
N HIS A 58 -2.49 -4.74 -6.29
CA HIS A 58 -1.87 -5.64 -5.33
C HIS A 58 -2.47 -5.40 -3.94
N VAL A 59 -3.00 -4.20 -3.76
CA VAL A 59 -3.60 -3.83 -2.50
C VAL A 59 -5.10 -3.63 -2.68
N GLY A 60 -5.84 -3.86 -1.61
CA GLY A 60 -7.29 -3.71 -1.64
C GLY A 60 -7.85 -3.50 -0.24
N LYS A 61 -8.78 -4.39 0.12
CA LYS A 61 -9.40 -4.32 1.43
C LYS A 61 -10.22 -5.58 1.67
N HIS A 62 -10.17 -6.07 2.90
CA HIS A 62 -10.90 -7.26 3.27
C HIS A 62 -10.88 -7.44 4.78
N SER A 63 -12.07 -7.54 5.36
CA SER A 63 -12.20 -7.70 6.80
C SER A 63 -12.45 -9.18 7.13
N GLY A 64 -11.89 -9.59 8.25
CA GLY A 64 -12.03 -10.97 8.71
C GLY A 64 -12.32 -11.04 10.21
N PRO A 65 -12.39 -12.29 10.72
CA PRO A 65 -12.65 -12.50 12.13
C PRO A 65 -11.41 -12.19 12.98
N SER A 66 -11.50 -11.09 13.71
CA SER A 66 -10.40 -10.66 14.55
C SER A 66 -10.19 -11.68 15.69
N SER A 67 -9.04 -11.56 16.33
CA SER A 67 -8.70 -12.46 17.43
C SER A 67 -8.50 -11.66 18.72
N GLY A 68 -9.47 -11.75 19.61
CA GLY A 68 -9.40 -11.04 20.87
C GLY A 68 -8.01 -11.17 21.50
N GLY A 1 -12.95 15.40 17.30
CA GLY A 1 -12.79 16.00 15.99
C GLY A 1 -12.47 14.95 14.93
N SER A 2 -11.19 14.82 14.64
CA SER A 2 -10.74 13.86 13.65
C SER A 2 -9.22 13.93 13.51
N SER A 3 -8.53 13.16 14.34
CA SER A 3 -7.09 13.11 14.32
C SER A 3 -6.59 11.80 14.93
N GLY A 4 -6.06 10.95 14.06
CA GLY A 4 -5.54 9.66 14.50
C GLY A 4 -4.69 9.01 13.41
N SER A 5 -5.37 8.27 12.54
CA SER A 5 -4.68 7.60 11.45
C SER A 5 -4.64 8.50 10.22
N SER A 6 -3.43 8.92 9.87
CA SER A 6 -3.24 9.78 8.72
C SER A 6 -2.93 8.95 7.48
N GLY A 7 -3.99 8.47 6.84
CA GLY A 7 -3.85 7.65 5.65
C GLY A 7 -4.76 6.42 5.70
N GLU A 8 -4.67 5.60 4.67
CA GLU A 8 -5.47 4.40 4.59
C GLU A 8 -4.58 3.16 4.66
N GLU A 9 -4.92 2.27 5.59
CA GLU A 9 -4.16 1.05 5.76
C GLU A 9 -4.72 -0.06 4.87
N PHE A 10 -3.96 -0.38 3.83
CA PHE A 10 -4.37 -1.42 2.89
C PHE A 10 -3.53 -2.68 3.08
N VAL A 11 -4.07 -3.79 2.59
CA VAL A 11 -3.38 -5.06 2.68
C VAL A 11 -3.01 -5.55 1.29
N ALA A 12 -1.78 -6.01 1.16
CA ALA A 12 -1.29 -6.51 -0.11
C ALA A 12 -1.96 -7.86 -0.43
N ILE A 13 -2.70 -7.86 -1.52
CA ILE A 13 -3.40 -9.06 -1.94
C ILE A 13 -2.38 -10.18 -2.19
N ALA A 14 -1.13 -9.78 -2.32
CA ALA A 14 -0.06 -10.73 -2.55
C ALA A 14 1.29 -10.00 -2.48
N ASP A 15 2.32 -10.77 -2.20
CA ASP A 15 3.67 -10.22 -2.08
C ASP A 15 4.06 -9.60 -3.42
N TYR A 16 4.87 -8.54 -3.33
CA TYR A 16 5.34 -7.86 -4.52
C TYR A 16 6.84 -7.59 -4.45
N ALA A 17 7.44 -7.49 -5.63
CA ALA A 17 8.87 -7.25 -5.72
C ALA A 17 9.11 -6.03 -6.61
N ALA A 18 9.55 -4.95 -5.98
CA ALA A 18 9.83 -3.72 -6.69
C ALA A 18 10.94 -3.97 -7.72
N THR A 19 10.62 -3.66 -8.97
CA THR A 19 11.58 -3.84 -10.04
C THR A 19 12.50 -2.62 -10.16
N ASP A 20 12.01 -1.50 -9.64
CA ASP A 20 12.77 -0.27 -9.68
C ASP A 20 13.04 0.20 -8.25
N GLU A 21 13.70 1.35 -8.15
CA GLU A 21 14.02 1.93 -6.85
C GLU A 21 12.99 2.98 -6.47
N THR A 22 11.86 2.95 -7.17
CA THR A 22 10.79 3.90 -6.91
C THR A 22 9.53 3.17 -6.42
N GLN A 23 9.61 1.84 -6.44
CA GLN A 23 8.49 1.03 -6.01
C GLN A 23 8.76 0.48 -4.61
N LEU A 24 7.66 0.19 -3.91
CA LEU A 24 7.76 -0.33 -2.56
C LEU A 24 7.45 -1.84 -2.58
N SER A 25 8.26 -2.58 -1.84
CA SER A 25 8.09 -4.02 -1.76
C SER A 25 7.45 -4.41 -0.42
N PHE A 26 6.51 -5.33 -0.48
CA PHE A 26 5.83 -5.79 0.71
C PHE A 26 5.43 -7.26 0.58
N LEU A 27 4.90 -7.80 1.67
CA LEU A 27 4.48 -9.18 1.70
C LEU A 27 2.96 -9.25 1.88
N ARG A 28 2.36 -10.23 1.22
CA ARG A 28 0.92 -10.41 1.29
C ARG A 28 0.44 -10.22 2.74
N GLY A 29 -0.43 -9.24 2.91
CA GLY A 29 -0.98 -8.94 4.22
C GLY A 29 -0.40 -7.64 4.78
N GLU A 30 0.85 -7.39 4.43
CA GLU A 30 1.54 -6.19 4.89
C GLU A 30 0.61 -4.98 4.78
N LYS A 31 0.55 -4.23 5.86
CA LYS A 31 -0.30 -3.04 5.90
C LYS A 31 0.40 -1.90 5.16
N ILE A 32 -0.10 -1.64 3.95
CA ILE A 32 0.46 -0.58 3.13
C ILE A 32 -0.36 0.70 3.33
N LEU A 33 0.35 1.80 3.50
CA LEU A 33 -0.30 3.09 3.70
C LEU A 33 -0.47 3.79 2.35
N ILE A 34 -1.68 4.25 2.11
CA ILE A 34 -1.99 4.94 0.86
C ILE A 34 -2.15 6.43 1.13
N LEU A 35 -1.07 7.16 0.91
CA LEU A 35 -1.09 8.61 1.12
C LEU A 35 -1.97 9.27 0.07
N ARG A 36 -1.53 9.16 -1.18
CA ARG A 36 -2.28 9.75 -2.28
C ARG A 36 -2.41 8.74 -3.42
N GLN A 37 -3.02 9.19 -4.51
CA GLN A 37 -3.22 8.35 -5.68
C GLN A 37 -2.78 9.09 -6.94
N THR A 38 -1.62 8.69 -7.45
CA THR A 38 -1.09 9.30 -8.66
C THR A 38 -2.21 9.60 -9.65
N THR A 39 -2.81 8.53 -10.15
CA THR A 39 -3.90 8.67 -11.11
C THR A 39 -5.07 7.75 -10.73
N ALA A 40 -4.73 6.49 -10.52
CA ALA A 40 -5.73 5.49 -10.17
C ALA A 40 -5.08 4.11 -10.13
N ASP A 41 -4.14 3.90 -11.04
CA ASP A 41 -3.45 2.63 -11.13
C ASP A 41 -2.20 2.69 -10.25
N TRP A 42 -1.60 3.87 -10.19
CA TRP A 42 -0.40 4.07 -9.38
C TRP A 42 -0.79 4.90 -8.16
N TRP A 43 -0.50 4.36 -6.99
CA TRP A 43 -0.79 5.04 -5.75
C TRP A 43 0.52 5.38 -5.05
N TRP A 44 0.49 6.46 -4.29
CA TRP A 44 1.68 6.90 -3.58
C TRP A 44 1.55 6.43 -2.12
N GLY A 45 2.33 5.41 -1.80
CA GLY A 45 2.32 4.86 -0.45
C GLY A 45 3.53 5.33 0.35
N GLU A 46 3.77 4.66 1.46
CA GLU A 46 4.90 5.00 2.32
C GLU A 46 5.30 3.80 3.17
N ARG A 47 6.54 3.38 3.00
CA ARG A 47 7.06 2.25 3.74
C ARG A 47 7.70 2.71 5.05
N ALA A 48 8.34 1.78 5.74
CA ALA A 48 9.00 2.08 7.00
C ALA A 48 10.09 3.12 6.76
N GLY A 49 9.78 4.35 7.12
CA GLY A 49 10.72 5.43 6.95
C GLY A 49 11.07 5.64 5.46
N CYS A 50 10.32 4.95 4.62
CA CYS A 50 10.54 5.04 3.19
C CYS A 50 9.30 5.68 2.55
N CYS A 51 9.47 6.13 1.31
CA CYS A 51 8.38 6.75 0.59
C CYS A 51 8.56 6.45 -0.90
N GLY A 52 7.63 5.66 -1.43
CA GLY A 52 7.68 5.28 -2.83
C GLY A 52 6.26 5.08 -3.38
N TYR A 53 6.21 4.66 -4.64
CA TYR A 53 4.94 4.42 -5.30
C TYR A 53 4.46 2.99 -5.05
N ILE A 54 3.22 2.74 -5.44
CA ILE A 54 2.63 1.44 -5.26
C ILE A 54 1.45 1.28 -6.23
N PRO A 55 1.26 0.01 -6.70
CA PRO A 55 0.18 -0.28 -7.63
C PRO A 55 -1.17 -0.31 -6.92
N ALA A 56 -2.23 -0.19 -7.71
CA ALA A 56 -3.57 -0.20 -7.16
C ALA A 56 -4.20 -1.58 -7.37
N ASN A 57 -3.33 -2.57 -7.51
CA ASN A 57 -3.78 -3.93 -7.71
C ASN A 57 -3.21 -4.83 -6.60
N HIS A 58 -1.92 -4.65 -6.36
CA HIS A 58 -1.23 -5.43 -5.34
C HIS A 58 -1.96 -5.27 -4.01
N VAL A 59 -2.65 -4.15 -3.87
CA VAL A 59 -3.39 -3.86 -2.65
C VAL A 59 -4.86 -3.62 -2.99
N GLY A 60 -5.73 -4.01 -2.07
CA GLY A 60 -7.16 -3.84 -2.28
C GLY A 60 -7.94 -4.92 -1.52
N LYS A 61 -9.23 -4.98 -1.82
CA LYS A 61 -10.10 -5.95 -1.18
C LYS A 61 -10.15 -7.22 -2.04
N HIS A 62 -10.66 -8.28 -1.44
CA HIS A 62 -10.76 -9.55 -2.13
C HIS A 62 -12.24 -9.88 -2.37
N SER A 63 -12.99 -9.89 -1.29
CA SER A 63 -14.41 -10.19 -1.38
C SER A 63 -14.62 -11.62 -1.89
N GLY A 64 -15.54 -12.32 -1.25
CA GLY A 64 -15.84 -13.69 -1.63
C GLY A 64 -15.98 -14.58 -0.40
N PRO A 65 -15.54 -15.86 -0.55
CA PRO A 65 -15.61 -16.82 0.53
C PRO A 65 -14.53 -16.55 1.58
N SER A 66 -14.74 -17.10 2.76
CA SER A 66 -13.79 -16.93 3.84
C SER A 66 -13.30 -18.30 4.33
N SER A 67 -12.13 -18.28 4.95
CA SER A 67 -11.54 -19.50 5.47
C SER A 67 -11.38 -19.40 6.99
N GLY A 68 -11.80 -20.47 7.66
CA GLY A 68 -11.72 -20.52 9.11
C GLY A 68 -12.24 -21.85 9.65
N GLY A 1 0.03 18.42 7.56
CA GLY A 1 -1.11 18.07 6.74
C GLY A 1 -2.02 17.07 7.47
N SER A 2 -3.31 17.38 7.44
CA SER A 2 -4.29 16.53 8.09
C SER A 2 -4.09 16.55 9.61
N SER A 3 -5.01 17.20 10.29
CA SER A 3 -4.94 17.31 11.73
C SER A 3 -5.35 15.98 12.37
N GLY A 4 -4.35 15.14 12.63
CA GLY A 4 -4.59 13.85 13.23
C GLY A 4 -4.15 12.71 12.29
N SER A 5 -5.07 11.78 12.08
CA SER A 5 -4.81 10.66 11.21
C SER A 5 -4.72 11.12 9.76
N SER A 6 -4.09 10.29 8.94
CA SER A 6 -3.93 10.60 7.54
C SER A 6 -3.35 9.40 6.79
N GLY A 7 -4.02 9.04 5.70
CA GLY A 7 -3.61 7.90 4.90
C GLY A 7 -4.68 6.81 4.86
N GLU A 8 -4.48 5.85 3.98
CA GLU A 8 -5.41 4.75 3.83
C GLU A 8 -4.70 3.42 4.05
N GLU A 9 -4.96 2.83 5.21
CA GLU A 9 -4.35 1.55 5.55
C GLU A 9 -4.92 0.45 4.66
N PHE A 10 -4.02 -0.24 3.96
CA PHE A 10 -4.42 -1.31 3.07
C PHE A 10 -3.55 -2.55 3.28
N VAL A 11 -4.01 -3.67 2.76
CA VAL A 11 -3.28 -4.92 2.87
C VAL A 11 -2.96 -5.46 1.48
N ALA A 12 -1.74 -5.94 1.33
CA ALA A 12 -1.30 -6.49 0.06
C ALA A 12 -2.01 -7.82 -0.19
N ILE A 13 -2.78 -7.84 -1.26
CA ILE A 13 -3.52 -9.05 -1.62
C ILE A 13 -2.52 -10.19 -1.89
N ALA A 14 -1.30 -9.80 -2.18
CA ALA A 14 -0.25 -10.76 -2.46
C ALA A 14 1.12 -10.07 -2.41
N ASP A 15 2.13 -10.84 -2.05
CA ASP A 15 3.48 -10.31 -1.96
C ASP A 15 3.87 -9.70 -3.32
N TYR A 16 4.68 -8.65 -3.24
CA TYR A 16 5.13 -7.97 -4.43
C TYR A 16 6.63 -7.70 -4.37
N ALA A 17 7.22 -7.56 -5.55
CA ALA A 17 8.65 -7.29 -5.64
C ALA A 17 8.88 -6.10 -6.57
N ALA A 18 9.32 -5.00 -5.97
CA ALA A 18 9.58 -3.78 -6.71
C ALA A 18 10.52 -4.10 -7.87
N THR A 19 10.04 -3.84 -9.08
CA THR A 19 10.83 -4.09 -10.27
C THR A 19 11.85 -2.96 -10.49
N ASP A 20 11.55 -1.82 -9.90
CA ASP A 20 12.42 -0.67 -10.02
C ASP A 20 12.84 -0.21 -8.62
N GLU A 21 13.62 0.87 -8.60
CA GLU A 21 14.10 1.41 -7.34
C GLU A 21 13.22 2.59 -6.90
N THR A 22 12.04 2.64 -7.50
CA THR A 22 11.10 3.71 -7.17
C THR A 22 9.73 3.11 -6.79
N GLN A 23 9.79 1.96 -6.13
CA GLN A 23 8.57 1.28 -5.70
C GLN A 23 8.74 0.73 -4.28
N LEU A 24 7.63 0.35 -3.70
CA LEU A 24 7.63 -0.20 -2.35
C LEU A 24 7.40 -1.71 -2.41
N SER A 25 8.23 -2.43 -1.68
CA SER A 25 8.13 -3.89 -1.64
C SER A 25 7.51 -4.33 -0.31
N PHE A 26 6.48 -5.15 -0.43
CA PHE A 26 5.79 -5.66 0.75
C PHE A 26 5.44 -7.14 0.59
N LEU A 27 4.79 -7.68 1.61
CA LEU A 27 4.39 -9.07 1.60
C LEU A 27 2.89 -9.17 1.84
N ARG A 28 2.27 -10.14 1.18
CA ARG A 28 0.84 -10.35 1.33
C ARG A 28 0.42 -10.14 2.78
N GLY A 29 -0.45 -9.16 2.98
CA GLY A 29 -0.94 -8.85 4.31
C GLY A 29 -0.34 -7.54 4.83
N GLU A 30 0.92 -7.34 4.50
CA GLU A 30 1.62 -6.13 4.91
C GLU A 30 0.69 -4.92 4.83
N LYS A 31 0.65 -4.18 5.93
CA LYS A 31 -0.19 -2.99 5.98
C LYS A 31 0.46 -1.87 5.19
N ILE A 32 -0.06 -1.63 3.99
CA ILE A 32 0.47 -0.59 3.13
C ILE A 32 -0.36 0.69 3.32
N LEU A 33 0.35 1.77 3.60
CA LEU A 33 -0.30 3.04 3.80
C LEU A 33 -0.44 3.77 2.46
N ILE A 34 -1.69 4.00 2.08
CA ILE A 34 -1.98 4.68 0.82
C ILE A 34 -2.09 6.19 1.07
N LEU A 35 -0.93 6.83 1.10
CA LEU A 35 -0.89 8.27 1.33
C LEU A 35 -1.87 8.96 0.39
N ARG A 36 -1.55 8.91 -0.90
CA ARG A 36 -2.40 9.53 -1.90
C ARG A 36 -2.57 8.60 -3.10
N GLN A 37 -3.44 9.01 -4.02
CA GLN A 37 -3.69 8.22 -5.21
C GLN A 37 -3.62 9.11 -6.46
N THR A 38 -2.40 9.56 -6.74
CA THR A 38 -2.18 10.41 -7.90
C THR A 38 -3.04 9.96 -9.08
N THR A 39 -3.06 8.65 -9.28
CA THR A 39 -3.84 8.06 -10.36
C THR A 39 -4.67 6.89 -9.85
N ALA A 40 -5.38 6.26 -10.78
CA ALA A 40 -6.22 5.12 -10.43
C ALA A 40 -5.48 3.83 -10.75
N ASP A 41 -4.22 3.99 -11.13
CA ASP A 41 -3.38 2.84 -11.46
C ASP A 41 -2.16 2.83 -10.55
N TRP A 42 -1.59 4.01 -10.35
CA TRP A 42 -0.42 4.16 -9.49
C TRP A 42 -0.84 4.93 -8.24
N TRP A 43 -0.52 4.34 -7.09
CA TRP A 43 -0.85 4.96 -5.82
C TRP A 43 0.46 5.33 -5.12
N TRP A 44 0.39 6.36 -4.29
CA TRP A 44 1.56 6.82 -3.57
C TRP A 44 1.47 6.27 -2.14
N GLY A 45 2.28 5.26 -1.88
CA GLY A 45 2.30 4.64 -0.57
C GLY A 45 3.54 5.07 0.22
N GLU A 46 3.60 4.63 1.47
CA GLU A 46 4.71 4.97 2.34
C GLU A 46 5.01 3.81 3.29
N ARG A 47 6.22 3.31 3.20
CA ARG A 47 6.65 2.20 4.05
C ARG A 47 7.35 2.73 5.30
N ALA A 48 7.86 1.80 6.09
CA ALA A 48 8.58 2.16 7.31
C ALA A 48 9.75 3.07 6.97
N GLY A 49 9.56 4.36 7.23
CA GLY A 49 10.59 5.34 6.95
C GLY A 49 10.90 5.40 5.46
N CYS A 50 10.08 4.71 4.69
CA CYS A 50 10.26 4.69 3.24
C CYS A 50 9.05 5.38 2.60
N CYS A 51 9.27 5.89 1.40
CA CYS A 51 8.22 6.57 0.67
C CYS A 51 8.44 6.34 -0.83
N GLY A 52 7.54 5.58 -1.43
CA GLY A 52 7.62 5.27 -2.84
C GLY A 52 6.23 5.10 -3.45
N TYR A 53 6.22 4.75 -4.73
CA TYR A 53 4.97 4.55 -5.44
C TYR A 53 4.56 3.08 -5.43
N ILE A 54 3.26 2.86 -5.34
CA ILE A 54 2.73 1.51 -5.31
C ILE A 54 1.62 1.38 -6.35
N PRO A 55 1.48 0.14 -6.90
CA PRO A 55 0.47 -0.12 -7.91
C PRO A 55 -0.93 -0.20 -7.28
N ALA A 56 -1.94 -0.16 -8.14
CA ALA A 56 -3.31 -0.23 -7.69
C ALA A 56 -3.91 -1.57 -8.08
N ASN A 57 -3.63 -2.58 -7.27
CA ASN A 57 -4.13 -3.92 -7.52
C ASN A 57 -3.55 -4.89 -6.49
N HIS A 58 -2.27 -4.70 -6.21
CA HIS A 58 -1.58 -5.55 -5.25
C HIS A 58 -2.18 -5.33 -3.86
N VAL A 59 -2.80 -4.17 -3.69
CA VAL A 59 -3.43 -3.83 -2.42
C VAL A 59 -4.94 -3.77 -2.59
N GLY A 60 -5.64 -4.14 -1.53
CA GLY A 60 -7.09 -4.13 -1.56
C GLY A 60 -7.66 -5.23 -0.66
N LYS A 61 -8.90 -5.02 -0.22
CA LYS A 61 -9.56 -5.97 0.64
C LYS A 61 -9.30 -7.39 0.13
N HIS A 62 -9.16 -8.32 1.07
CA HIS A 62 -8.90 -9.70 0.72
C HIS A 62 -10.22 -10.39 0.37
N SER A 63 -10.14 -11.28 -0.62
CA SER A 63 -11.30 -12.01 -1.07
C SER A 63 -11.02 -13.52 -1.06
N GLY A 64 -12.07 -14.28 -0.82
CA GLY A 64 -11.95 -15.73 -0.78
C GLY A 64 -13.32 -16.40 -0.79
N PRO A 65 -13.29 -17.76 -0.76
CA PRO A 65 -14.53 -18.53 -0.77
C PRO A 65 -15.23 -18.47 0.60
N SER A 66 -16.55 -18.57 0.55
CA SER A 66 -17.34 -18.53 1.77
C SER A 66 -17.29 -17.13 2.38
N SER A 67 -18.37 -16.38 2.14
CA SER A 67 -18.47 -15.03 2.66
C SER A 67 -17.38 -14.16 2.03
N GLY A 68 -17.82 -13.11 1.35
CA GLY A 68 -16.90 -12.19 0.70
C GLY A 68 -17.56 -11.50 -0.49
N GLY A 1 -4.50 12.74 15.45
CA GLY A 1 -4.17 13.94 14.71
C GLY A 1 -2.68 14.00 14.38
N SER A 2 -1.93 14.59 15.29
CA SER A 2 -0.48 14.71 15.10
C SER A 2 0.22 13.47 15.64
N SER A 3 1.03 12.86 14.79
CA SER A 3 1.76 11.66 15.17
C SER A 3 0.79 10.53 15.49
N GLY A 4 0.30 9.90 14.45
CA GLY A 4 -0.65 8.80 14.61
C GLY A 4 -1.95 9.08 13.86
N SER A 5 -2.46 8.05 13.20
CA SER A 5 -3.69 8.17 12.45
C SER A 5 -3.50 9.14 11.29
N SER A 6 -3.23 8.58 10.12
CA SER A 6 -3.02 9.40 8.93
C SER A 6 -2.82 8.49 7.72
N GLY A 7 -3.81 8.49 6.85
CA GLY A 7 -3.75 7.68 5.64
C GLY A 7 -4.69 6.48 5.74
N GLU A 8 -4.63 5.63 4.72
CA GLU A 8 -5.47 4.44 4.68
C GLU A 8 -4.61 3.19 4.77
N GLU A 9 -4.96 2.33 5.71
CA GLU A 9 -4.24 1.08 5.91
C GLU A 9 -4.80 -0.02 5.01
N PHE A 10 -4.02 -0.38 4.01
CA PHE A 10 -4.43 -1.41 3.07
C PHE A 10 -3.59 -2.67 3.24
N VAL A 11 -4.12 -3.78 2.73
CA VAL A 11 -3.43 -5.05 2.82
C VAL A 11 -3.15 -5.57 1.40
N ALA A 12 -1.94 -6.08 1.22
CA ALA A 12 -1.53 -6.62 -0.07
C ALA A 12 -2.24 -7.95 -0.30
N ILE A 13 -3.06 -7.98 -1.35
CA ILE A 13 -3.79 -9.19 -1.69
C ILE A 13 -2.80 -10.31 -1.99
N ALA A 14 -1.55 -9.92 -2.22
CA ALA A 14 -0.51 -10.87 -2.52
C ALA A 14 0.85 -10.17 -2.48
N ASP A 15 1.87 -10.96 -2.17
CA ASP A 15 3.23 -10.42 -2.09
C ASP A 15 3.57 -9.75 -3.43
N TYR A 16 4.40 -8.72 -3.33
CA TYR A 16 4.83 -7.98 -4.51
C TYR A 16 6.35 -7.82 -4.54
N ALA A 17 6.85 -7.52 -5.72
CA ALA A 17 8.28 -7.33 -5.91
C ALA A 17 8.52 -6.09 -6.76
N ALA A 18 9.00 -5.04 -6.11
CA ALA A 18 9.29 -3.79 -6.80
C ALA A 18 10.19 -4.07 -8.00
N THR A 19 9.67 -3.75 -9.18
CA THR A 19 10.42 -3.96 -10.40
C THR A 19 11.46 -2.86 -10.59
N ASP A 20 11.18 -1.71 -10.00
CA ASP A 20 12.08 -0.57 -10.09
C ASP A 20 12.56 -0.19 -8.68
N GLU A 21 13.32 0.88 -8.63
CA GLU A 21 13.85 1.36 -7.35
C GLU A 21 13.02 2.53 -6.84
N THR A 22 11.81 2.64 -7.39
CA THR A 22 10.91 3.71 -6.99
C THR A 22 9.58 3.13 -6.50
N GLN A 23 9.56 1.81 -6.38
CA GLN A 23 8.37 1.12 -5.92
C GLN A 23 8.57 0.58 -4.51
N LEU A 24 7.46 0.18 -3.89
CA LEU A 24 7.50 -0.35 -2.54
C LEU A 24 7.17 -1.84 -2.57
N SER A 25 8.06 -2.62 -1.98
CA SER A 25 7.86 -4.06 -1.93
C SER A 25 7.25 -4.47 -0.59
N PHE A 26 6.30 -5.38 -0.66
CA PHE A 26 5.63 -5.85 0.54
C PHE A 26 5.21 -7.32 0.39
N LEU A 27 4.72 -7.88 1.50
CA LEU A 27 4.28 -9.27 1.50
C LEU A 27 2.79 -9.33 1.79
N ARG A 28 2.12 -10.27 1.13
CA ARG A 28 0.70 -10.44 1.30
C ARG A 28 0.31 -10.25 2.77
N GLY A 29 -0.55 -9.27 3.01
CA GLY A 29 -0.99 -8.99 4.37
C GLY A 29 -0.37 -7.70 4.89
N GLU A 30 0.84 -7.43 4.43
CA GLU A 30 1.55 -6.24 4.84
C GLU A 30 0.62 -5.03 4.83
N LYS A 31 0.59 -4.32 5.94
CA LYS A 31 -0.25 -3.14 6.08
C LYS A 31 0.39 -1.98 5.32
N ILE A 32 -0.11 -1.76 4.11
CA ILE A 32 0.39 -0.68 3.27
C ILE A 32 -0.40 0.59 3.54
N LEU A 33 0.28 1.72 3.45
CA LEU A 33 -0.36 3.01 3.68
C LEU A 33 -0.49 3.75 2.35
N ILE A 34 -1.71 4.18 2.07
CA ILE A 34 -1.99 4.89 0.83
C ILE A 34 -2.13 6.39 1.14
N LEU A 35 -1.10 7.14 0.79
CA LEU A 35 -1.09 8.57 1.02
C LEU A 35 -1.98 9.25 -0.03
N ARG A 36 -1.53 9.18 -1.27
CA ARG A 36 -2.25 9.79 -2.37
C ARG A 36 -2.48 8.77 -3.49
N GLN A 37 -3.38 9.12 -4.40
CA GLN A 37 -3.69 8.24 -5.51
C GLN A 37 -2.99 8.73 -6.79
N THR A 38 -2.83 10.04 -6.87
CA THR A 38 -2.18 10.64 -8.02
C THR A 38 -3.03 10.45 -9.27
N THR A 39 -3.09 9.21 -9.73
CA THR A 39 -3.87 8.88 -10.91
C THR A 39 -5.02 7.94 -10.55
N ALA A 40 -4.69 6.67 -10.43
CA ALA A 40 -5.69 5.67 -10.09
C ALA A 40 -5.03 4.28 -10.10
N ASP A 41 -4.26 4.04 -11.15
CA ASP A 41 -3.57 2.76 -11.29
C ASP A 41 -2.31 2.77 -10.44
N TRP A 42 -1.73 3.95 -10.31
CA TRP A 42 -0.51 4.11 -9.53
C TRP A 42 -0.85 4.96 -8.30
N TRP A 43 -0.57 4.39 -7.13
CA TRP A 43 -0.84 5.09 -5.88
C TRP A 43 0.51 5.39 -5.22
N TRP A 44 0.47 6.33 -4.29
CA TRP A 44 1.67 6.72 -3.57
C TRP A 44 1.53 6.27 -2.12
N GLY A 45 2.40 5.34 -1.74
CA GLY A 45 2.38 4.81 -0.39
C GLY A 45 3.62 5.26 0.39
N GLU A 46 3.80 4.65 1.55
CA GLU A 46 4.93 4.98 2.40
C GLU A 46 5.33 3.75 3.24
N ARG A 47 6.58 3.33 3.05
CA ARG A 47 7.10 2.19 3.77
C ARG A 47 7.79 2.64 5.06
N ALA A 48 8.43 1.68 5.72
CA ALA A 48 9.12 1.97 6.96
C ALA A 48 10.27 2.95 6.68
N GLY A 49 10.03 4.20 7.04
CA GLY A 49 11.03 5.24 6.83
C GLY A 49 11.33 5.43 5.34
N CYS A 50 10.53 4.75 4.52
CA CYS A 50 10.71 4.84 3.08
C CYS A 50 9.46 5.51 2.49
N CYS A 51 9.61 5.99 1.26
CA CYS A 51 8.52 6.66 0.58
C CYS A 51 8.68 6.40 -0.93
N GLY A 52 7.73 5.63 -1.46
CA GLY A 52 7.75 5.31 -2.88
C GLY A 52 6.33 5.14 -3.41
N TYR A 53 6.26 4.77 -4.68
CA TYR A 53 4.96 4.56 -5.33
C TYR A 53 4.52 3.10 -5.20
N ILE A 54 3.22 2.90 -5.39
CA ILE A 54 2.65 1.56 -5.30
C ILE A 54 1.53 1.42 -6.33
N PRO A 55 1.41 0.18 -6.87
CA PRO A 55 0.39 -0.10 -7.86
C PRO A 55 -1.00 -0.20 -7.22
N ALA A 56 -2.01 -0.13 -8.08
CA ALA A 56 -3.38 -0.21 -7.61
C ALA A 56 -4.00 -1.52 -8.06
N ASN A 57 -3.73 -2.58 -7.29
CA ASN A 57 -4.24 -3.89 -7.61
C ASN A 57 -3.70 -4.90 -6.59
N HIS A 58 -2.44 -4.72 -6.25
CA HIS A 58 -1.79 -5.61 -5.29
C HIS A 58 -2.41 -5.41 -3.90
N VAL A 59 -2.94 -4.22 -3.70
CA VAL A 59 -3.57 -3.89 -2.43
C VAL A 59 -5.09 -3.77 -2.62
N GLY A 60 -5.81 -4.19 -1.61
CA GLY A 60 -7.27 -4.14 -1.66
C GLY A 60 -7.86 -3.75 -0.30
N LYS A 61 -8.17 -4.76 0.50
CA LYS A 61 -8.73 -4.53 1.81
C LYS A 61 -10.08 -3.82 1.67
N HIS A 62 -11.14 -4.61 1.74
CA HIS A 62 -12.49 -4.07 1.63
C HIS A 62 -13.49 -5.06 2.21
N SER A 63 -14.62 -4.53 2.66
CA SER A 63 -15.66 -5.35 3.24
C SER A 63 -15.86 -6.61 2.38
N GLY A 64 -16.23 -7.69 3.05
CA GLY A 64 -16.47 -8.95 2.38
C GLY A 64 -17.28 -9.91 3.26
N PRO A 65 -17.90 -10.91 2.58
CA PRO A 65 -18.72 -11.89 3.28
C PRO A 65 -17.85 -12.89 4.03
N SER A 66 -18.23 -13.17 5.27
CA SER A 66 -17.50 -14.10 6.10
C SER A 66 -18.48 -15.02 6.84
N SER A 67 -17.97 -16.18 7.23
CA SER A 67 -18.77 -17.16 7.95
C SER A 67 -18.26 -17.30 9.38
N GLY A 68 -19.15 -17.74 10.26
CA GLY A 68 -18.81 -17.93 11.65
C GLY A 68 -19.58 -19.10 12.26
N GLY A 1 2.56 -1.46 19.34
CA GLY A 1 2.61 -0.01 19.18
C GLY A 1 3.13 0.35 17.79
N SER A 2 2.36 1.18 17.10
CA SER A 2 2.72 1.62 15.76
C SER A 2 2.54 3.13 15.63
N SER A 3 3.11 3.68 14.58
CA SER A 3 3.02 5.11 14.33
C SER A 3 2.16 5.38 13.10
N GLY A 4 1.35 6.42 13.20
CA GLY A 4 0.47 6.79 12.11
C GLY A 4 -0.29 8.08 12.44
N SER A 5 -0.72 8.76 11.38
CA SER A 5 -1.45 10.00 11.52
C SER A 5 -2.68 9.99 10.63
N SER A 6 -2.44 9.91 9.33
CA SER A 6 -3.52 9.89 8.36
C SER A 6 -3.16 8.97 7.19
N GLY A 7 -4.19 8.51 6.51
CA GLY A 7 -4.00 7.62 5.37
C GLY A 7 -4.98 6.44 5.43
N GLU A 8 -4.77 5.50 4.52
CA GLU A 8 -5.63 4.33 4.45
C GLU A 8 -4.79 3.05 4.57
N GLU A 9 -5.06 2.31 5.64
CA GLU A 9 -4.34 1.07 5.88
C GLU A 9 -4.86 -0.04 4.96
N PHE A 10 -4.03 -0.39 3.99
CA PHE A 10 -4.39 -1.43 3.04
C PHE A 10 -3.51 -2.67 3.22
N VAL A 11 -3.99 -3.78 2.68
CA VAL A 11 -3.26 -5.03 2.78
C VAL A 11 -2.98 -5.57 1.37
N ALA A 12 -1.78 -6.07 1.19
CA ALA A 12 -1.38 -6.62 -0.10
C ALA A 12 -2.11 -7.93 -0.34
N ILE A 13 -2.91 -7.93 -1.40
CA ILE A 13 -3.68 -9.12 -1.75
C ILE A 13 -2.72 -10.22 -2.20
N ALA A 14 -1.49 -9.83 -2.46
CA ALA A 14 -0.47 -10.77 -2.89
C ALA A 14 0.90 -10.12 -2.78
N ASP A 15 1.90 -10.94 -2.45
CA ASP A 15 3.26 -10.45 -2.31
C ASP A 15 3.76 -9.95 -3.66
N TYR A 16 4.43 -8.81 -3.62
CA TYR A 16 4.97 -8.21 -4.82
C TYR A 16 6.47 -7.96 -4.70
N ALA A 17 7.13 -7.86 -5.85
CA ALA A 17 8.55 -7.62 -5.87
C ALA A 17 8.85 -6.37 -6.71
N ALA A 18 9.32 -5.34 -6.02
CA ALA A 18 9.65 -4.09 -6.69
C ALA A 18 10.61 -4.36 -7.84
N THR A 19 10.14 -4.12 -9.05
CA THR A 19 10.95 -4.33 -10.23
C THR A 19 11.48 -3.00 -10.77
N ASP A 20 11.20 -1.95 -10.02
CA ASP A 20 11.64 -0.61 -10.40
C ASP A 20 12.38 0.03 -9.23
N GLU A 21 12.87 1.24 -9.46
CA GLU A 21 13.59 1.97 -8.45
C GLU A 21 12.69 3.01 -7.78
N THR A 22 11.41 2.97 -8.16
CA THR A 22 10.44 3.89 -7.61
C THR A 22 9.16 3.14 -7.20
N GLN A 23 9.36 2.06 -6.46
CA GLN A 23 8.24 1.25 -6.00
C GLN A 23 8.54 0.69 -4.61
N LEU A 24 7.49 0.17 -3.99
CA LEU A 24 7.62 -0.41 -2.66
C LEU A 24 7.35 -1.91 -2.73
N SER A 25 8.08 -2.65 -1.90
CA SER A 25 7.93 -4.10 -1.87
C SER A 25 7.33 -4.52 -0.53
N PHE A 26 6.28 -5.33 -0.62
CA PHE A 26 5.61 -5.81 0.58
C PHE A 26 5.21 -7.28 0.43
N LEU A 27 4.60 -7.81 1.48
CA LEU A 27 4.17 -9.19 1.48
C LEU A 27 2.67 -9.26 1.78
N ARG A 28 2.02 -10.21 1.14
CA ARG A 28 0.58 -10.39 1.32
C ARG A 28 0.22 -10.27 2.80
N GLY A 29 -0.52 -9.23 3.12
CA GLY A 29 -0.94 -8.99 4.50
C GLY A 29 -0.32 -7.70 5.04
N GLU A 30 0.86 -7.37 4.51
CA GLU A 30 1.57 -6.18 4.94
C GLU A 30 0.64 -4.97 4.91
N LYS A 31 0.63 -4.23 6.01
CA LYS A 31 -0.21 -3.05 6.12
C LYS A 31 0.41 -1.91 5.32
N ILE A 32 -0.15 -1.68 4.14
CA ILE A 32 0.35 -0.62 3.28
C ILE A 32 -0.45 0.65 3.53
N LEU A 33 0.26 1.78 3.53
CA LEU A 33 -0.38 3.06 3.75
C LEU A 33 -0.48 3.81 2.43
N ILE A 34 -1.71 4.16 2.07
CA ILE A 34 -1.95 4.87 0.84
C ILE A 34 -2.11 6.37 1.14
N LEU A 35 -1.07 7.12 0.80
CA LEU A 35 -1.08 8.55 1.03
C LEU A 35 -1.97 9.23 0.00
N ARG A 36 -1.51 9.20 -1.25
CA ARG A 36 -2.26 9.80 -2.34
C ARG A 36 -2.54 8.76 -3.43
N GLN A 37 -3.44 9.13 -4.34
CA GLN A 37 -3.79 8.25 -5.43
C GLN A 37 -3.05 8.66 -6.71
N THR A 38 -2.78 9.95 -6.81
CA THR A 38 -2.07 10.48 -7.97
C THR A 38 -2.96 10.37 -9.21
N THR A 39 -3.19 9.14 -9.63
CA THR A 39 -4.01 8.89 -10.80
C THR A 39 -5.16 7.95 -10.46
N ALA A 40 -4.84 6.66 -10.39
CA ALA A 40 -5.85 5.66 -10.07
C ALA A 40 -5.20 4.27 -10.13
N ASP A 41 -4.30 4.11 -11.08
CA ASP A 41 -3.60 2.84 -11.24
C ASP A 41 -2.34 2.84 -10.38
N TRP A 42 -1.70 4.00 -10.32
CA TRP A 42 -0.48 4.15 -9.53
C TRP A 42 -0.82 5.00 -8.30
N TRP A 43 -0.55 4.41 -7.14
CA TRP A 43 -0.81 5.10 -5.88
C TRP A 43 0.54 5.39 -5.22
N TRP A 44 0.50 6.33 -4.27
CA TRP A 44 1.70 6.72 -3.56
C TRP A 44 1.56 6.25 -2.11
N GLY A 45 2.43 5.33 -1.73
CA GLY A 45 2.42 4.80 -0.38
C GLY A 45 3.67 5.23 0.40
N GLU A 46 3.82 4.66 1.58
CA GLU A 46 4.95 4.97 2.43
C GLU A 46 5.34 3.75 3.26
N ARG A 47 6.59 3.32 3.08
CA ARG A 47 7.09 2.17 3.80
C ARG A 47 7.80 2.63 5.09
N ALA A 48 8.41 1.66 5.76
CA ALA A 48 9.12 1.94 7.00
C ALA A 48 10.27 2.91 6.70
N GLY A 49 10.05 4.16 7.06
CA GLY A 49 11.06 5.18 6.85
C GLY A 49 11.35 5.36 5.36
N CYS A 50 10.54 4.70 4.55
CA CYS A 50 10.70 4.78 3.10
C CYS A 50 9.47 5.48 2.52
N CYS A 51 9.63 5.95 1.29
CA CYS A 51 8.54 6.62 0.61
C CYS A 51 8.67 6.36 -0.90
N GLY A 52 7.71 5.59 -1.40
CA GLY A 52 7.71 5.25 -2.82
C GLY A 52 6.28 5.08 -3.34
N TYR A 53 6.18 4.70 -4.61
CA TYR A 53 4.89 4.51 -5.23
C TYR A 53 4.42 3.06 -5.08
N ILE A 54 3.19 2.82 -5.52
CA ILE A 54 2.62 1.49 -5.44
C ILE A 54 1.48 1.37 -6.46
N PRO A 55 1.34 0.14 -7.01
CA PRO A 55 0.29 -0.13 -7.99
C PRO A 55 -1.07 -0.23 -7.33
N ALA A 56 -2.11 -0.05 -8.14
CA ALA A 56 -3.47 -0.11 -7.64
C ALA A 56 -4.09 -1.45 -8.05
N ASN A 57 -3.77 -2.48 -7.28
CA ASN A 57 -4.29 -3.81 -7.55
C ASN A 57 -3.72 -4.79 -6.52
N HIS A 58 -2.42 -4.67 -6.30
CA HIS A 58 -1.74 -5.55 -5.35
C HIS A 58 -2.33 -5.34 -3.96
N VAL A 59 -2.84 -4.13 -3.74
CA VAL A 59 -3.44 -3.79 -2.45
C VAL A 59 -4.96 -3.65 -2.62
N GLY A 60 -5.66 -3.88 -1.53
CA GLY A 60 -7.11 -3.78 -1.53
C GLY A 60 -7.70 -4.26 -0.20
N LYS A 61 -8.93 -4.75 -0.28
CA LYS A 61 -9.61 -5.25 0.90
C LYS A 61 -9.53 -6.77 0.94
N HIS A 62 -9.17 -7.29 2.11
CA HIS A 62 -9.04 -8.72 2.29
C HIS A 62 -10.33 -9.27 2.91
N SER A 63 -11.26 -9.64 2.03
CA SER A 63 -12.53 -10.18 2.46
C SER A 63 -12.56 -11.69 2.22
N GLY A 64 -12.81 -12.42 3.30
CA GLY A 64 -12.87 -13.87 3.22
C GLY A 64 -14.03 -14.32 2.32
N PRO A 65 -13.78 -15.46 1.62
CA PRO A 65 -14.79 -16.01 0.72
C PRO A 65 -15.92 -16.68 1.50
N SER A 66 -17.13 -16.51 1.00
CA SER A 66 -18.29 -17.10 1.64
C SER A 66 -18.42 -16.59 3.08
N SER A 67 -19.48 -15.83 3.32
CA SER A 67 -19.71 -15.27 4.63
C SER A 67 -18.52 -14.40 5.07
N GLY A 68 -17.53 -15.06 5.66
CA GLY A 68 -16.35 -14.38 6.12
C GLY A 68 -15.21 -15.36 6.36
N GLY A 1 -8.42 15.66 16.18
CA GLY A 1 -7.01 15.72 15.84
C GLY A 1 -6.77 15.21 14.42
N SER A 2 -6.72 16.16 13.49
CA SER A 2 -6.50 15.84 12.10
C SER A 2 -5.29 16.61 11.56
N SER A 3 -4.11 16.06 11.84
CA SER A 3 -2.87 16.69 11.39
C SER A 3 -2.92 16.93 9.88
N GLY A 4 -3.09 15.84 9.14
CA GLY A 4 -3.17 15.92 7.69
C GLY A 4 -3.55 14.57 7.09
N SER A 5 -4.71 14.09 7.50
CA SER A 5 -5.21 12.81 7.02
C SER A 5 -4.14 11.72 7.20
N SER A 6 -4.30 10.95 8.24
CA SER A 6 -3.37 9.88 8.55
C SER A 6 -3.04 9.10 7.27
N GLY A 7 -4.08 8.50 6.69
CA GLY A 7 -3.92 7.73 5.48
C GLY A 7 -4.91 6.56 5.44
N GLU A 8 -4.65 5.64 4.52
CA GLU A 8 -5.50 4.47 4.37
C GLU A 8 -4.67 3.19 4.48
N GLU A 9 -5.00 2.41 5.50
CA GLU A 9 -4.30 1.16 5.73
C GLU A 9 -4.84 0.06 4.82
N PHE A 10 -3.97 -0.40 3.92
CA PHE A 10 -4.36 -1.45 2.98
C PHE A 10 -3.49 -2.68 3.17
N VAL A 11 -4.01 -3.81 2.69
CA VAL A 11 -3.30 -5.07 2.79
C VAL A 11 -2.99 -5.59 1.38
N ALA A 12 -1.74 -6.02 1.22
CA ALA A 12 -1.29 -6.53 -0.06
C ALA A 12 -1.94 -7.89 -0.32
N ILE A 13 -2.75 -7.93 -1.38
CA ILE A 13 -3.43 -9.16 -1.74
C ILE A 13 -2.40 -10.26 -2.04
N ALA A 14 -1.16 -9.82 -2.26
CA ALA A 14 -0.09 -10.74 -2.55
C ALA A 14 1.26 -10.00 -2.44
N ASP A 15 2.31 -10.78 -2.25
CA ASP A 15 3.64 -10.21 -2.13
C ASP A 15 4.02 -9.53 -3.44
N TYR A 16 4.67 -8.38 -3.31
CA TYR A 16 5.11 -7.63 -4.47
C TYR A 16 6.57 -7.23 -4.35
N ALA A 17 7.22 -7.12 -5.52
CA ALA A 17 8.62 -6.76 -5.56
C ALA A 17 8.80 -5.57 -6.51
N ALA A 18 9.25 -4.46 -5.94
CA ALA A 18 9.48 -3.25 -6.72
C ALA A 18 10.38 -3.58 -7.91
N THR A 19 9.89 -3.26 -9.10
CA THR A 19 10.63 -3.51 -10.31
C THR A 19 11.64 -2.38 -10.56
N ASP A 20 11.31 -1.21 -10.03
CA ASP A 20 12.16 -0.05 -10.19
C ASP A 20 12.55 0.49 -8.81
N GLU A 21 13.34 1.56 -8.83
CA GLU A 21 13.78 2.17 -7.59
C GLU A 21 12.80 3.25 -7.13
N THR A 22 11.60 3.19 -7.71
CA THR A 22 10.57 4.15 -7.38
C THR A 22 9.29 3.43 -6.94
N GLN A 23 9.48 2.25 -6.38
CA GLN A 23 8.36 1.45 -5.91
C GLN A 23 8.66 0.86 -4.54
N LEU A 24 7.60 0.41 -3.88
CA LEU A 24 7.74 -0.17 -2.56
C LEU A 24 7.47 -1.68 -2.63
N SER A 25 8.28 -2.44 -1.91
CA SER A 25 8.14 -3.88 -1.88
C SER A 25 7.60 -4.33 -0.53
N PHE A 26 6.53 -5.14 -0.60
CA PHE A 26 5.91 -5.64 0.61
C PHE A 26 5.56 -7.12 0.46
N LEU A 27 4.98 -7.68 1.52
CA LEU A 27 4.59 -9.08 1.52
C LEU A 27 3.09 -9.18 1.77
N ARG A 28 2.47 -10.14 1.09
CA ARG A 28 1.03 -10.35 1.24
C ARG A 28 0.61 -10.16 2.69
N GLY A 29 -0.26 -9.19 2.90
CA GLY A 29 -0.75 -8.91 4.24
C GLY A 29 -0.17 -7.59 4.76
N GLU A 30 1.07 -7.33 4.39
CA GLU A 30 1.75 -6.13 4.81
C GLU A 30 0.78 -4.94 4.81
N LYS A 31 0.83 -4.17 5.89
CA LYS A 31 -0.03 -3.01 6.01
C LYS A 31 0.56 -1.85 5.21
N ILE A 32 -0.04 -1.62 4.04
CA ILE A 32 0.41 -0.55 3.17
C ILE A 32 -0.41 0.71 3.44
N LEU A 33 0.28 1.84 3.52
CA LEU A 33 -0.38 3.10 3.78
C LEU A 33 -0.49 3.88 2.47
N ILE A 34 -1.73 4.13 2.06
CA ILE A 34 -1.99 4.87 0.84
C ILE A 34 -2.12 6.36 1.16
N LEU A 35 -1.10 7.11 0.76
CA LEU A 35 -1.09 8.54 0.99
C LEU A 35 -1.98 9.23 -0.04
N ARG A 36 -1.53 9.19 -1.29
CA ARG A 36 -2.28 9.80 -2.37
C ARG A 36 -2.60 8.77 -3.44
N GLN A 37 -3.40 9.19 -4.41
CA GLN A 37 -3.79 8.32 -5.50
C GLN A 37 -3.03 8.67 -6.78
N THR A 38 -2.70 9.95 -6.89
CA THR A 38 -1.97 10.44 -8.05
C THR A 38 -2.85 10.35 -9.30
N THR A 39 -3.12 9.12 -9.71
CA THR A 39 -3.93 8.88 -10.89
C THR A 39 -5.10 7.95 -10.55
N ALA A 40 -4.77 6.67 -10.40
CA ALA A 40 -5.78 5.67 -10.08
C ALA A 40 -5.15 4.28 -10.14
N ASP A 41 -4.21 4.13 -11.07
CA ASP A 41 -3.53 2.87 -11.25
C ASP A 41 -2.27 2.85 -10.37
N TRP A 42 -1.66 4.02 -10.25
CA TRP A 42 -0.45 4.15 -9.46
C TRP A 42 -0.79 5.00 -8.23
N TRP A 43 -0.53 4.42 -7.07
CA TRP A 43 -0.79 5.11 -5.82
C TRP A 43 0.55 5.37 -5.13
N TRP A 44 0.54 6.37 -4.26
CA TRP A 44 1.74 6.74 -3.52
C TRP A 44 1.58 6.25 -2.08
N GLY A 45 2.45 5.34 -1.70
CA GLY A 45 2.42 4.80 -0.35
C GLY A 45 3.68 5.19 0.43
N GLU A 46 3.76 4.67 1.65
CA GLU A 46 4.90 4.97 2.51
C GLU A 46 5.21 3.76 3.41
N ARG A 47 6.42 3.26 3.27
CA ARG A 47 6.85 2.12 4.07
C ARG A 47 7.61 2.59 5.31
N ALA A 48 8.13 1.62 6.05
CA ALA A 48 8.87 1.93 7.26
C ALA A 48 10.06 2.83 6.90
N GLY A 49 9.92 4.10 7.21
CA GLY A 49 10.96 5.07 6.93
C GLY A 49 11.23 5.17 5.43
N CYS A 50 10.38 4.51 4.66
CA CYS A 50 10.50 4.51 3.21
C CYS A 50 9.30 5.25 2.62
N CYS A 51 9.49 5.74 1.41
CA CYS A 51 8.43 6.46 0.72
C CYS A 51 8.58 6.21 -0.78
N GLY A 52 7.62 5.46 -1.33
CA GLY A 52 7.64 5.15 -2.75
C GLY A 52 6.22 4.99 -3.28
N TYR A 53 6.14 4.63 -4.56
CA TYR A 53 4.85 4.45 -5.21
C TYR A 53 4.39 2.99 -5.09
N ILE A 54 3.15 2.77 -5.50
CA ILE A 54 2.57 1.44 -5.43
C ILE A 54 1.44 1.34 -6.46
N PRO A 55 1.25 0.09 -6.98
CA PRO A 55 0.21 -0.16 -7.97
C PRO A 55 -1.17 -0.19 -7.31
N ALA A 56 -2.19 -0.18 -8.15
CA ALA A 56 -3.56 -0.21 -7.66
C ALA A 56 -4.21 -1.55 -8.06
N ASN A 57 -3.99 -2.54 -7.22
CA ASN A 57 -4.54 -3.86 -7.45
C ASN A 57 -3.89 -4.87 -6.51
N HIS A 58 -2.61 -4.65 -6.27
CA HIS A 58 -1.85 -5.53 -5.39
C HIS A 58 -2.32 -5.33 -3.94
N VAL A 59 -3.01 -4.22 -3.71
CA VAL A 59 -3.51 -3.90 -2.40
C VAL A 59 -5.04 -3.85 -2.44
N GLY A 60 -5.64 -4.32 -1.35
CA GLY A 60 -7.09 -4.34 -1.25
C GLY A 60 -7.55 -5.39 -0.24
N LYS A 61 -8.86 -5.39 0.01
CA LYS A 61 -9.43 -6.34 0.95
C LYS A 61 -8.87 -7.74 0.69
N HIS A 62 -8.44 -8.38 1.77
CA HIS A 62 -7.87 -9.71 1.67
C HIS A 62 -9.00 -10.74 1.65
N SER A 63 -9.54 -10.96 0.45
CA SER A 63 -10.62 -11.92 0.29
C SER A 63 -11.88 -11.41 0.98
N GLY A 64 -11.83 -11.38 2.31
CA GLY A 64 -12.97 -10.92 3.09
C GLY A 64 -12.71 -11.13 4.58
N PRO A 65 -13.82 -11.43 5.31
CA PRO A 65 -13.74 -11.65 6.75
C PRO A 65 -13.12 -13.01 7.05
N SER A 66 -11.85 -13.00 7.42
CA SER A 66 -11.15 -14.22 7.74
C SER A 66 -9.95 -13.92 8.65
N SER A 67 -10.21 -13.97 9.94
CA SER A 67 -9.16 -13.71 10.93
C SER A 67 -9.68 -14.03 12.33
N GLY A 68 -10.73 -13.33 12.72
CA GLY A 68 -11.32 -13.53 14.02
C GLY A 68 -12.59 -12.69 14.19
#